data_7BQS
#
_entry.id   7BQS
#
_entity_poly.entity_id   1
_entity_poly.type   'polypeptide(L)'
_entity_poly.pdbx_seq_one_letter_code
;GETKAKAAQEALRAAREQATTPEAQKALEELEKVLKTASPEQWRQAAEKIFEAFREASNGNTEKAKKLLEEAARTAGASP
EIIKKLASALERLAEEGAAKEAARQAEEVRKRGSLEHHHHHH
;
_entity_poly.pdbx_strand_id   A
#
# COMPACT_ATOMS: atom_id res chain seq x y z
N GLY A 1 8.49 20.62 -10.13
CA GLY A 1 7.47 19.99 -9.26
C GLY A 1 7.11 18.61 -9.81
N GLU A 2 7.45 17.55 -9.06
CA GLU A 2 7.33 16.15 -9.52
C GLU A 2 6.20 15.39 -8.81
N THR A 3 5.57 14.45 -9.54
CA THR A 3 4.39 13.68 -9.08
C THR A 3 4.71 12.47 -8.20
N LYS A 4 5.99 12.18 -7.94
CA LYS A 4 6.45 11.00 -7.17
C LYS A 4 5.93 10.98 -5.73
N ALA A 5 5.82 12.15 -5.10
CA ALA A 5 5.26 12.30 -3.76
C ALA A 5 3.75 11.97 -3.72
N LYS A 6 2.97 12.50 -4.69
CA LYS A 6 1.56 12.16 -4.88
C LYS A 6 1.39 10.67 -5.13
N ALA A 7 2.14 10.09 -6.08
CA ALA A 7 2.08 8.69 -6.44
C ALA A 7 2.37 7.73 -5.27
N ALA A 8 3.28 8.09 -4.36
CA ALA A 8 3.57 7.29 -3.17
C ALA A 8 2.38 7.26 -2.19
N GLN A 9 1.79 8.40 -1.84
CA GLN A 9 0.57 8.46 -1.01
C GLN A 9 -0.60 7.75 -1.70
N GLU A 10 -0.74 7.94 -3.01
CA GLU A 10 -1.81 7.37 -3.83
C GLU A 10 -1.69 5.86 -3.98
N ALA A 11 -0.49 5.28 -3.87
CA ALA A 11 -0.32 3.83 -3.86
C ALA A 11 -1.04 3.18 -2.66
N LEU A 12 -0.78 3.65 -1.43
CA LEU A 12 -1.44 3.14 -0.23
C LEU A 12 -2.91 3.56 -0.18
N ARG A 13 -3.22 4.81 -0.51
CA ARG A 13 -4.60 5.33 -0.54
C ARG A 13 -5.49 4.52 -1.47
N ALA A 14 -5.04 4.24 -2.68
CA ALA A 14 -5.76 3.39 -3.63
C ALA A 14 -5.90 1.97 -3.10
N ALA A 15 -4.89 1.42 -2.43
CA ALA A 15 -4.97 0.10 -1.81
C ALA A 15 -6.10 0.00 -0.76
N ARG A 16 -6.35 1.07 -0.01
CA ARG A 16 -7.48 1.16 0.95
C ARG A 16 -8.84 1.30 0.27
N GLU A 17 -8.89 1.89 -0.92
CA GLU A 17 -10.10 1.99 -1.76
C GLU A 17 -10.45 0.66 -2.46
N GLN A 18 -9.47 0.01 -3.09
CA GLN A 18 -9.63 -1.22 -3.89
C GLN A 18 -9.81 -2.50 -3.06
N ALA A 19 -9.40 -2.48 -1.77
CA ALA A 19 -9.49 -3.62 -0.86
C ALA A 19 -10.94 -4.13 -0.76
N THR A 20 -11.17 -5.34 -1.26
CA THR A 20 -12.52 -5.93 -1.46
C THR A 20 -13.21 -6.42 -0.17
N THR A 21 -12.49 -6.40 0.95
CA THR A 21 -12.95 -6.83 2.28
C THR A 21 -12.83 -5.68 3.30
N PRO A 22 -13.82 -5.49 4.18
CA PRO A 22 -13.81 -4.45 5.22
C PRO A 22 -12.66 -4.62 6.22
N GLU A 23 -12.22 -5.86 6.46
CA GLU A 23 -11.13 -6.18 7.37
C GLU A 23 -9.78 -5.69 6.85
N ALA A 24 -9.61 -5.67 5.52
CA ALA A 24 -8.44 -5.08 4.88
C ALA A 24 -8.50 -3.54 4.90
N GLN A 25 -9.66 -2.94 4.64
CA GLN A 25 -9.80 -1.47 4.55
C GLN A 25 -9.35 -0.77 5.84
N LYS A 26 -9.76 -1.30 7.00
CA LYS A 26 -9.35 -0.80 8.32
C LYS A 26 -7.89 -1.11 8.67
N ALA A 27 -7.38 -2.25 8.21
CA ALA A 27 -6.02 -2.71 8.46
C ALA A 27 -4.96 -1.88 7.72
N LEU A 28 -5.26 -1.43 6.50
CA LEU A 28 -4.40 -0.55 5.71
C LEU A 28 -4.28 0.85 6.33
N GLU A 29 -5.37 1.34 6.89
CA GLU A 29 -5.46 2.61 7.60
C GLU A 29 -4.50 2.68 8.80
N GLU A 30 -4.22 1.53 9.44
CA GLU A 30 -3.34 1.43 10.60
C GLU A 30 -1.90 1.89 10.28
N LEU A 31 -1.36 1.44 9.14
CA LEU A 31 -0.02 1.82 8.70
C LEU A 31 0.05 3.33 8.42
N GLU A 32 -0.96 3.85 7.70
CA GLU A 32 -1.05 5.25 7.25
C GLU A 32 -1.05 6.26 8.42
N LYS A 33 -1.50 5.86 9.62
CA LYS A 33 -1.52 6.72 10.80
C LYS A 33 -0.09 7.00 11.28
N VAL A 34 0.80 6.03 11.08
CA VAL A 34 2.24 6.14 11.31
C VAL A 34 2.93 6.90 10.18
N LEU A 35 2.65 6.55 8.92
CA LEU A 35 3.25 7.23 7.78
C LEU A 35 2.87 8.71 7.72
N LYS A 36 1.71 9.09 8.28
CA LYS A 36 1.32 10.50 8.46
C LYS A 36 2.33 11.30 9.29
N THR A 37 3.07 10.62 10.17
CA THR A 37 4.16 11.16 11.00
C THR A 37 5.56 10.92 10.40
N ALA A 38 5.65 10.10 9.35
CA ALA A 38 6.92 9.65 8.77
C ALA A 38 7.47 10.64 7.72
N SER A 39 8.76 10.48 7.37
CA SER A 39 9.49 11.43 6.51
C SER A 39 9.20 11.16 5.02
N PRO A 40 9.14 12.19 4.14
CA PRO A 40 8.72 12.02 2.76
C PRO A 40 9.64 11.12 1.93
N GLU A 41 10.94 11.11 2.24
CA GLU A 41 11.92 10.24 1.56
C GLU A 41 11.63 8.76 1.86
N GLN A 42 11.42 8.46 3.14
CA GLN A 42 11.05 7.12 3.62
C GLN A 42 9.64 6.72 3.17
N TRP A 43 8.75 7.68 2.95
CA TRP A 43 7.41 7.44 2.43
C TRP A 43 7.45 6.77 1.05
N ARG A 44 8.34 7.20 0.15
CA ARG A 44 8.51 6.55 -1.17
C ARG A 44 9.11 5.15 -1.02
N GLN A 45 10.12 5.02 -0.18
CA GLN A 45 10.77 3.73 0.13
C GLN A 45 9.78 2.71 0.70
N ALA A 46 8.89 3.15 1.60
CA ALA A 46 7.85 2.32 2.19
C ALA A 46 6.73 2.01 1.21
N ALA A 47 6.12 3.03 0.58
CA ALA A 47 4.93 2.84 -0.24
C ALA A 47 5.19 1.85 -1.39
N GLU A 48 6.43 1.80 -1.89
CA GLU A 48 6.86 0.79 -2.88
C GLU A 48 6.64 -0.64 -2.39
N LYS A 49 7.09 -1.01 -1.18
CA LYS A 49 6.90 -2.38 -0.64
C LYS A 49 5.46 -2.57 -0.15
N ILE A 50 4.87 -1.55 0.46
CA ILE A 50 3.48 -1.58 0.92
C ILE A 50 2.56 -1.99 -0.22
N PHE A 51 2.70 -1.32 -1.37
CA PHE A 51 1.87 -1.56 -2.54
C PHE A 51 2.26 -2.82 -3.32
N GLU A 52 3.54 -3.18 -3.32
CA GLU A 52 4.00 -4.47 -3.83
C GLU A 52 3.35 -5.62 -3.05
N ALA A 53 3.17 -5.54 -1.73
CA ALA A 53 2.56 -6.62 -0.95
C ALA A 53 1.18 -7.00 -1.50
N PHE A 54 0.33 -6.01 -1.80
CA PHE A 54 -1.01 -6.25 -2.33
C PHE A 54 -0.96 -6.86 -3.73
N ARG A 55 0.10 -6.58 -4.50
CA ARG A 55 0.35 -7.17 -5.82
C ARG A 55 0.78 -8.63 -5.69
N GLU A 56 1.58 -8.95 -4.68
CA GLU A 56 2.06 -10.30 -4.47
C GLU A 56 0.98 -11.19 -3.87
N ALA A 57 0.34 -10.75 -2.79
CA ALA A 57 -0.70 -11.52 -2.11
C ALA A 57 -1.87 -11.86 -3.03
N SER A 58 -2.25 -10.92 -3.90
CA SER A 58 -3.31 -11.16 -4.89
C SER A 58 -2.91 -12.17 -5.98
N ASN A 59 -1.61 -12.31 -6.25
CA ASN A 59 -1.04 -13.36 -7.10
C ASN A 59 -0.83 -14.70 -6.35
N GLY A 60 -1.07 -14.73 -5.04
CA GLY A 60 -0.99 -15.89 -4.15
C GLY A 60 0.23 -15.90 -3.22
N ASN A 61 0.95 -14.77 -3.11
CA ASN A 61 2.20 -14.64 -2.37
C ASN A 61 1.97 -14.01 -0.98
N THR A 62 1.07 -14.54 -0.16
CA THR A 62 0.89 -14.05 1.21
C THR A 62 2.22 -14.01 1.99
N GLU A 63 3.05 -15.05 1.85
CA GLU A 63 4.34 -15.18 2.54
C GLU A 63 5.38 -14.13 2.11
N LYS A 64 5.33 -13.68 0.85
CA LYS A 64 6.17 -12.60 0.32
C LYS A 64 5.57 -11.24 0.65
N ALA A 65 4.28 -11.05 0.36
CA ALA A 65 3.60 -9.80 0.63
C ALA A 65 3.75 -9.35 2.10
N LYS A 66 3.70 -10.30 3.04
CA LYS A 66 3.88 -9.99 4.46
C LYS A 66 5.28 -9.46 4.77
N LYS A 67 6.30 -9.96 4.05
CA LYS A 67 7.72 -9.59 4.21
C LYS A 67 7.98 -8.19 3.62
N LEU A 68 7.39 -7.87 2.46
CA LEU A 68 7.38 -6.52 1.89
C LEU A 68 6.76 -5.51 2.88
N LEU A 69 5.63 -5.86 3.49
CA LEU A 69 4.94 -5.03 4.48
C LEU A 69 5.82 -4.72 5.69
N GLU A 70 6.48 -5.74 6.23
CA GLU A 70 7.45 -5.59 7.31
C GLU A 70 8.63 -4.70 6.91
N GLU A 71 9.14 -4.86 5.68
CA GLU A 71 10.32 -4.15 5.19
C GLU A 71 10.06 -2.65 5.06
N ALA A 72 8.91 -2.30 4.50
CA ALA A 72 8.47 -0.91 4.38
C ALA A 72 8.25 -0.26 5.74
N ALA A 73 7.59 -0.98 6.65
CA ALA A 73 7.32 -0.48 7.99
C ALA A 73 8.63 -0.18 8.73
N ARG A 74 9.60 -1.10 8.69
CA ARG A 74 10.91 -0.92 9.33
C ARG A 74 11.69 0.24 8.71
N THR A 75 11.52 0.46 7.41
CA THR A 75 12.10 1.61 6.69
C THR A 75 11.47 2.94 7.11
N ALA A 76 10.15 3.01 7.22
CA ALA A 76 9.41 4.18 7.70
C ALA A 76 9.43 4.37 9.25
N GLY A 77 10.00 3.42 9.99
CA GLY A 77 10.13 3.44 11.45
C GLY A 77 8.86 3.04 12.22
N ALA A 78 7.97 2.25 11.60
CA ALA A 78 6.66 1.93 12.12
C ALA A 78 6.60 0.72 13.08
N SER A 79 5.48 0.62 13.80
CA SER A 79 5.25 -0.28 14.94
C SER A 79 5.06 -1.76 14.58
N PRO A 80 5.45 -2.71 15.45
CA PRO A 80 5.09 -4.12 15.29
C PRO A 80 3.56 -4.31 15.34
N GLU A 81 2.85 -3.43 16.06
CA GLU A 81 1.39 -3.43 16.16
C GLU A 81 0.68 -3.07 14.84
N ILE A 82 1.21 -2.14 14.04
CA ILE A 82 0.65 -1.84 12.70
C ILE A 82 1.11 -2.85 11.65
N ILE A 83 2.34 -3.37 11.81
CA ILE A 83 2.93 -4.36 10.89
C ILE A 83 2.02 -5.58 10.84
N LYS A 84 1.64 -6.11 12.01
CA LYS A 84 0.77 -7.30 12.09
C LYS A 84 -0.65 -7.01 11.62
N LYS A 85 -1.16 -5.81 11.90
CA LYS A 85 -2.50 -5.33 11.50
C LYS A 85 -2.65 -5.33 9.98
N LEU A 86 -1.75 -4.65 9.27
CA LEU A 86 -1.73 -4.59 7.81
C LEU A 86 -1.38 -5.95 7.21
N ALA A 87 -0.27 -6.57 7.63
CA ALA A 87 0.19 -7.84 7.06
C ALA A 87 -0.89 -8.95 7.13
N SER A 88 -1.77 -8.94 8.14
CA SER A 88 -2.93 -9.86 8.26
C SER A 88 -3.91 -9.74 7.07
N ALA A 89 -4.09 -8.52 6.53
CA ALA A 89 -4.91 -8.28 5.34
C ALA A 89 -4.33 -8.99 4.11
N LEU A 90 -3.01 -9.04 3.98
CA LEU A 90 -2.33 -9.74 2.89
C LEU A 90 -2.53 -11.26 2.98
N GLU A 91 -2.62 -11.80 4.20
CA GLU A 91 -2.85 -13.24 4.41
C GLU A 91 -4.25 -13.67 3.94
N ARG A 92 -5.26 -12.81 4.09
CA ARG A 92 -6.58 -13.04 3.49
C ARG A 92 -6.64 -12.70 2.00
N LEU A 93 -5.90 -11.70 1.49
CA LEU A 93 -6.03 -11.22 0.10
C LEU A 93 -5.77 -12.32 -0.95
N ALA A 94 -4.91 -13.29 -0.60
CA ALA A 94 -4.65 -14.48 -1.41
C ALA A 94 -5.86 -15.43 -1.51
N GLU A 95 -6.48 -15.79 -0.38
CA GLU A 95 -7.64 -16.69 -0.34
C GLU A 95 -8.97 -15.99 -0.70
N GLU A 96 -9.05 -14.67 -0.55
CA GLU A 96 -10.18 -13.82 -0.96
C GLU A 96 -10.42 -13.87 -2.48
N GLY A 97 -9.38 -14.21 -3.27
CA GLY A 97 -9.46 -14.36 -4.72
C GLY A 97 -9.08 -13.09 -5.48
N ALA A 98 -8.06 -12.38 -4.99
CA ALA A 98 -7.57 -11.09 -5.49
C ALA A 98 -8.58 -9.92 -5.41
N ALA A 99 -8.10 -8.71 -5.71
CA ALA A 99 -8.87 -7.47 -5.75
C ALA A 99 -8.79 -6.86 -7.18
N LYS A 100 -9.74 -7.19 -8.05
CA LYS A 100 -9.71 -6.86 -9.49
C LYS A 100 -9.77 -5.35 -9.76
N GLU A 101 -10.33 -4.57 -8.84
CA GLU A 101 -10.32 -3.10 -8.88
C GLU A 101 -8.90 -2.51 -8.77
N ALA A 102 -7.95 -3.20 -8.12
CA ALA A 102 -6.57 -2.73 -8.00
C ALA A 102 -5.93 -2.43 -9.37
N ALA A 103 -6.25 -3.23 -10.38
CA ALA A 103 -5.71 -3.11 -11.73
C ALA A 103 -6.08 -1.76 -12.38
N ARG A 104 -7.36 -1.37 -12.33
CA ARG A 104 -7.83 -0.07 -12.85
C ARG A 104 -7.52 1.11 -11.93
N GLN A 105 -7.46 0.88 -10.61
CA GLN A 105 -7.08 1.94 -9.65
C GLN A 105 -5.60 2.34 -9.80
N ALA A 106 -4.73 1.38 -10.14
CA ALA A 106 -3.32 1.62 -10.44
C ALA A 106 -3.09 2.39 -11.75
N GLU A 107 -3.99 2.32 -12.74
CA GLU A 107 -3.79 3.04 -14.03
C GLU A 107 -3.67 4.56 -13.85
N GLU A 108 -4.45 5.15 -12.94
CA GLU A 108 -4.32 6.57 -12.58
C GLU A 108 -2.93 6.88 -12.02
N VAL A 109 -2.42 6.04 -11.11
CA VAL A 109 -1.11 6.24 -10.46
C VAL A 109 0.05 6.06 -11.45
N ARG A 110 -0.08 5.12 -12.39
CA ARG A 110 0.88 4.87 -13.48
C ARG A 110 0.95 6.05 -14.49
N LYS A 111 -0.20 6.60 -14.90
CA LYS A 111 -0.27 7.70 -15.88
C LYS A 111 0.10 9.07 -15.30
N ARG A 112 -0.34 9.39 -14.07
CA ARG A 112 -0.24 10.74 -13.47
C ARG A 112 -0.16 10.82 -11.95
N GLY A 113 -0.82 9.90 -11.25
CA GLY A 113 -1.09 9.99 -9.82
C GLY A 113 -2.60 9.94 -9.59
N SER A 114 -3.27 11.05 -9.91
CA SER A 114 -4.73 11.20 -9.94
C SER A 114 -5.17 12.26 -10.96
N LEU A 115 -6.40 12.13 -11.47
CA LEU A 115 -7.06 13.13 -12.31
C LEU A 115 -7.43 14.43 -11.57
N GLU A 116 -7.68 14.35 -10.27
CA GLU A 116 -8.21 15.45 -9.47
C GLU A 116 -7.63 15.42 -8.03
N HIS A 117 -7.52 16.59 -7.40
CA HIS A 117 -7.10 16.74 -6.01
C HIS A 117 -8.30 16.68 -5.04
N HIS A 118 -9.32 17.51 -5.27
CA HIS A 118 -10.62 17.49 -4.60
C HIS A 118 -11.71 18.15 -5.46
N HIS A 119 -12.98 17.88 -5.18
CA HIS A 119 -14.13 18.49 -5.88
C HIS A 119 -15.39 18.68 -5.01
N HIS A 120 -15.64 17.80 -4.03
CA HIS A 120 -16.81 17.90 -3.14
C HIS A 120 -16.65 19.02 -2.09
N HIS A 121 -17.67 19.86 -1.96
CA HIS A 121 -17.77 20.92 -0.94
C HIS A 121 -19.21 21.16 -0.43
N HIS A 122 -20.23 20.66 -1.15
CA HIS A 122 -21.67 20.83 -0.86
C HIS A 122 -22.45 19.55 -1.22
N GLY A 1 1.38 19.64 -5.68
CA GLY A 1 0.86 18.26 -5.59
C GLY A 1 1.01 17.50 -6.91
N GLU A 2 0.40 16.31 -7.01
CA GLU A 2 0.39 15.44 -8.20
C GLU A 2 1.79 14.93 -8.66
N THR A 3 2.77 14.95 -7.74
CA THR A 3 4.17 14.52 -7.94
C THR A 3 4.38 13.04 -7.59
N LYS A 4 5.64 12.56 -7.60
CA LYS A 4 6.04 11.23 -7.10
C LYS A 4 5.66 11.03 -5.62
N ALA A 5 5.68 12.09 -4.82
CA ALA A 5 5.23 12.05 -3.42
C ALA A 5 3.72 11.79 -3.31
N LYS A 6 2.91 12.37 -4.22
CA LYS A 6 1.48 12.08 -4.31
C LYS A 6 1.22 10.68 -4.87
N ALA A 7 1.96 10.22 -5.88
CA ALA A 7 1.87 8.83 -6.34
C ALA A 7 2.20 7.81 -5.23
N ALA A 8 3.16 8.11 -4.35
CA ALA A 8 3.44 7.28 -3.17
C ALA A 8 2.24 7.27 -2.19
N GLN A 9 1.69 8.43 -1.85
CA GLN A 9 0.48 8.53 -1.00
C GLN A 9 -0.72 7.79 -1.63
N GLU A 10 -0.91 7.95 -2.94
CA GLU A 10 -2.00 7.34 -3.70
C GLU A 10 -1.84 5.83 -3.83
N ALA A 11 -0.61 5.29 -3.79
CA ALA A 11 -0.41 3.85 -3.75
C ALA A 11 -1.09 3.22 -2.52
N LEU A 12 -0.89 3.77 -1.33
CA LEU A 12 -1.59 3.30 -0.12
C LEU A 12 -3.07 3.71 -0.11
N ARG A 13 -3.37 4.96 -0.49
CA ARG A 13 -4.74 5.50 -0.45
C ARG A 13 -5.69 4.72 -1.35
N ALA A 14 -5.26 4.42 -2.57
CA ALA A 14 -5.99 3.57 -3.51
C ALA A 14 -5.98 2.09 -3.09
N ALA A 15 -4.95 1.61 -2.38
CA ALA A 15 -4.97 0.27 -1.79
C ALA A 15 -6.11 0.09 -0.77
N ARG A 16 -6.41 1.10 0.04
CA ARG A 16 -7.56 1.08 0.96
C ARG A 16 -8.89 1.10 0.21
N GLU A 17 -8.96 1.81 -0.93
CA GLU A 17 -10.16 1.92 -1.77
C GLU A 17 -10.44 0.66 -2.60
N GLN A 18 -9.40 0.02 -3.14
CA GLN A 18 -9.51 -1.15 -4.02
C GLN A 18 -9.67 -2.47 -3.24
N ALA A 19 -9.29 -2.52 -1.96
CA ALA A 19 -9.28 -3.73 -1.15
C ALA A 19 -10.71 -4.29 -0.99
N THR A 20 -10.91 -5.53 -1.46
CA THR A 20 -12.25 -6.14 -1.61
C THR A 20 -12.94 -6.47 -0.28
N THR A 21 -12.16 -6.68 0.79
CA THR A 21 -12.67 -6.91 2.16
C THR A 21 -12.66 -5.63 2.99
N PRO A 22 -13.71 -5.37 3.80
CA PRO A 22 -13.79 -4.22 4.71
C PRO A 22 -12.74 -4.27 5.84
N GLU A 23 -12.35 -5.47 6.26
CA GLU A 23 -11.33 -5.68 7.30
C GLU A 23 -9.92 -5.35 6.79
N ALA A 24 -9.67 -5.49 5.48
CA ALA A 24 -8.43 -5.02 4.87
C ALA A 24 -8.40 -3.48 4.81
N GLN A 25 -9.50 -2.84 4.42
CA GLN A 25 -9.56 -1.38 4.26
C GLN A 25 -9.17 -0.64 5.56
N LYS A 26 -9.71 -1.08 6.71
CA LYS A 26 -9.37 -0.51 8.02
C LYS A 26 -7.95 -0.87 8.49
N ALA A 27 -7.46 -2.06 8.15
CA ALA A 27 -6.11 -2.52 8.49
C ALA A 27 -5.01 -1.73 7.75
N LEU A 28 -5.26 -1.37 6.48
CA LEU A 28 -4.37 -0.50 5.69
C LEU A 28 -4.27 0.90 6.27
N GLU A 29 -5.38 1.41 6.81
CA GLU A 29 -5.47 2.69 7.49
C GLU A 29 -4.60 2.79 8.75
N GLU A 30 -4.19 1.66 9.36
CA GLU A 30 -3.30 1.62 10.52
C GLU A 30 -1.86 2.01 10.19
N LEU A 31 -1.30 1.47 9.10
CA LEU A 31 0.05 1.83 8.68
C LEU A 31 0.11 3.35 8.42
N GLU A 32 -0.93 3.90 7.79
CA GLU A 32 -1.10 5.32 7.49
C GLU A 32 -1.03 6.24 8.72
N LYS A 33 -1.41 5.77 9.91
CA LYS A 33 -1.36 6.57 11.16
C LYS A 33 0.08 6.90 11.51
N VAL A 34 0.99 6.00 11.14
CA VAL A 34 2.44 6.10 11.34
C VAL A 34 3.11 6.83 10.20
N LEU A 35 2.75 6.51 8.95
CA LEU A 35 3.31 7.21 7.78
C LEU A 35 2.95 8.70 7.78
N LYS A 36 1.83 9.10 8.42
CA LYS A 36 1.44 10.52 8.59
C LYS A 36 2.48 11.35 9.35
N THR A 37 3.27 10.71 10.22
CA THR A 37 4.39 11.31 10.96
C THR A 37 5.77 10.81 10.48
N ALA A 38 5.81 10.05 9.38
CA ALA A 38 7.07 9.55 8.79
C ALA A 38 7.69 10.58 7.82
N SER A 39 8.96 10.36 7.43
CA SER A 39 9.73 11.24 6.54
C SER A 39 9.28 11.07 5.08
N PRO A 40 9.22 12.13 4.26
CA PRO A 40 8.79 12.04 2.86
C PRO A 40 9.70 11.17 1.99
N GLU A 41 10.99 11.08 2.33
CA GLU A 41 11.93 10.21 1.60
C GLU A 41 11.63 8.75 1.90
N GLN A 42 11.43 8.42 3.18
CA GLN A 42 11.04 7.09 3.63
C GLN A 42 9.63 6.70 3.19
N TRP A 43 8.75 7.69 2.97
CA TRP A 43 7.41 7.46 2.42
C TRP A 43 7.47 6.81 1.03
N ARG A 44 8.38 7.28 0.17
CA ARG A 44 8.61 6.71 -1.18
C ARG A 44 9.14 5.27 -1.07
N GLN A 45 10.11 5.07 -0.18
CA GLN A 45 10.71 3.76 0.09
C GLN A 45 9.68 2.75 0.63
N ALA A 46 8.83 3.19 1.56
CA ALA A 46 7.81 2.35 2.16
C ALA A 46 6.68 2.06 1.18
N ALA A 47 6.08 3.09 0.55
CA ALA A 47 4.90 2.91 -0.29
C ALA A 47 5.13 1.91 -1.43
N GLU A 48 6.38 1.79 -1.92
CA GLU A 48 6.76 0.78 -2.91
C GLU A 48 6.51 -0.65 -2.39
N LYS A 49 7.01 -1.02 -1.20
CA LYS A 49 6.83 -2.38 -0.66
C LYS A 49 5.41 -2.58 -0.15
N ILE A 50 4.82 -1.54 0.47
CA ILE A 50 3.43 -1.57 0.93
C ILE A 50 2.51 -1.99 -0.21
N PHE A 51 2.66 -1.32 -1.36
CA PHE A 51 1.81 -1.53 -2.53
C PHE A 51 2.16 -2.79 -3.30
N GLU A 52 3.44 -3.18 -3.32
CA GLU A 52 3.88 -4.46 -3.85
C GLU A 52 3.24 -5.62 -3.10
N ALA A 53 3.08 -5.56 -1.76
CA ALA A 53 2.49 -6.65 -0.99
C ALA A 53 1.11 -7.06 -1.54
N PHE A 54 0.23 -6.10 -1.81
CA PHE A 54 -1.10 -6.34 -2.34
C PHE A 54 -1.05 -6.93 -3.75
N ARG A 55 0.01 -6.65 -4.51
CA ARG A 55 0.28 -7.22 -5.84
C ARG A 55 0.77 -8.65 -5.76
N GLU A 56 1.53 -9.00 -4.73
CA GLU A 56 2.04 -10.35 -4.52
C GLU A 56 0.97 -11.26 -3.91
N ALA A 57 0.32 -10.83 -2.83
CA ALA A 57 -0.72 -11.62 -2.15
C ALA A 57 -1.88 -11.96 -3.07
N SER A 58 -2.25 -11.02 -3.94
CA SER A 58 -3.28 -11.24 -4.97
C SER A 58 -2.88 -12.28 -6.02
N ASN A 59 -1.57 -12.45 -6.27
CA ASN A 59 -1.02 -13.52 -7.11
C ASN A 59 -0.83 -14.85 -6.35
N GLY A 60 -1.05 -14.86 -5.02
CA GLY A 60 -0.94 -16.02 -4.11
C GLY A 60 0.29 -15.99 -3.21
N ASN A 61 1.00 -14.86 -3.11
CA ASN A 61 2.25 -14.70 -2.39
C ASN A 61 2.03 -14.07 -1.01
N THR A 62 1.15 -14.61 -0.18
CA THR A 62 0.96 -14.11 1.20
C THR A 62 2.29 -14.07 1.98
N GLU A 63 3.14 -15.09 1.82
CA GLU A 63 4.44 -15.20 2.49
C GLU A 63 5.46 -14.14 2.06
N LYS A 64 5.39 -13.68 0.80
CA LYS A 64 6.21 -12.57 0.29
C LYS A 64 5.58 -11.23 0.62
N ALA A 65 4.29 -11.06 0.33
CA ALA A 65 3.58 -9.83 0.60
C ALA A 65 3.73 -9.38 2.06
N LYS A 66 3.67 -10.32 2.99
CA LYS A 66 3.86 -10.01 4.42
C LYS A 66 5.26 -9.47 4.73
N LYS A 67 6.28 -9.97 4.00
CA LYS A 67 7.67 -9.53 4.15
C LYS A 67 7.87 -8.13 3.57
N LEU A 68 7.32 -7.84 2.39
CA LEU A 68 7.29 -6.48 1.83
C LEU A 68 6.67 -5.46 2.82
N LEU A 69 5.56 -5.85 3.46
CA LEU A 69 4.88 -5.05 4.48
C LEU A 69 5.77 -4.74 5.70
N GLU A 70 6.45 -5.77 6.21
CA GLU A 70 7.43 -5.63 7.28
C GLU A 70 8.60 -4.71 6.85
N GLU A 71 9.07 -4.88 5.61
CA GLU A 71 10.25 -4.16 5.09
C GLU A 71 9.99 -2.66 4.97
N ALA A 72 8.82 -2.29 4.44
CA ALA A 72 8.40 -0.91 4.34
C ALA A 72 8.18 -0.28 5.71
N ALA A 73 7.53 -1.01 6.62
CA ALA A 73 7.30 -0.52 7.98
C ALA A 73 8.61 -0.24 8.70
N ARG A 74 9.57 -1.16 8.65
CA ARG A 74 10.90 -0.99 9.28
C ARG A 74 11.68 0.18 8.65
N THR A 75 11.49 0.40 7.35
CA THR A 75 12.07 1.55 6.63
C THR A 75 11.45 2.87 7.07
N ALA A 76 10.12 2.95 7.20
CA ALA A 76 9.40 4.13 7.69
C ALA A 76 9.42 4.29 9.23
N GLY A 77 10.02 3.34 9.96
CA GLY A 77 10.18 3.33 11.42
C GLY A 77 8.92 2.94 12.20
N ALA A 78 8.01 2.19 11.57
CA ALA A 78 6.69 1.90 12.09
C ALA A 78 6.59 0.75 13.11
N SER A 79 5.45 0.70 13.80
CA SER A 79 5.18 -0.12 14.99
C SER A 79 4.99 -1.62 14.70
N PRO A 80 5.37 -2.52 15.62
CA PRO A 80 5.03 -3.94 15.53
C PRO A 80 3.50 -4.16 15.62
N GLU A 81 2.78 -3.25 16.29
CA GLU A 81 1.30 -3.21 16.29
C GLU A 81 0.72 -3.06 14.87
N ILE A 82 1.22 -2.11 14.06
CA ILE A 82 0.67 -1.84 12.72
C ILE A 82 1.17 -2.86 11.69
N ILE A 83 2.40 -3.37 11.87
CA ILE A 83 3.04 -4.35 10.99
C ILE A 83 2.13 -5.57 10.88
N LYS A 84 1.70 -6.13 12.02
CA LYS A 84 0.82 -7.31 12.03
C LYS A 84 -0.61 -6.99 11.58
N LYS A 85 -1.12 -5.80 11.93
CA LYS A 85 -2.46 -5.32 11.55
C LYS A 85 -2.64 -5.29 10.04
N LEU A 86 -1.72 -4.64 9.32
CA LEU A 86 -1.73 -4.56 7.87
C LEU A 86 -1.37 -5.93 7.27
N ALA A 87 -0.26 -6.54 7.67
CA ALA A 87 0.21 -7.81 7.08
C ALA A 87 -0.85 -8.94 7.16
N SER A 88 -1.73 -8.94 8.17
CA SER A 88 -2.87 -9.89 8.28
C SER A 88 -3.87 -9.78 7.13
N ALA A 89 -4.03 -8.58 6.53
CA ALA A 89 -4.87 -8.36 5.36
C ALA A 89 -4.30 -9.10 4.12
N LEU A 90 -2.98 -9.16 3.99
CA LEU A 90 -2.31 -9.86 2.89
C LEU A 90 -2.50 -11.39 2.99
N GLU A 91 -2.63 -11.91 4.21
CA GLU A 91 -2.85 -13.35 4.42
C GLU A 91 -4.24 -13.80 3.94
N ARG A 92 -5.27 -12.97 4.15
CA ARG A 92 -6.60 -13.20 3.57
C ARG A 92 -6.69 -12.87 2.08
N LEU A 93 -5.93 -11.90 1.55
CA LEU A 93 -6.06 -11.45 0.16
C LEU A 93 -5.78 -12.56 -0.87
N ALA A 94 -4.90 -13.49 -0.52
CA ALA A 94 -4.57 -14.67 -1.33
C ALA A 94 -5.74 -15.67 -1.42
N GLU A 95 -6.35 -16.04 -0.27
CA GLU A 95 -7.47 -16.98 -0.23
C GLU A 95 -8.82 -16.36 -0.63
N GLU A 96 -8.99 -15.05 -0.44
CA GLU A 96 -10.16 -14.27 -0.88
C GLU A 96 -10.24 -14.15 -2.42
N GLY A 97 -9.10 -14.25 -3.11
CA GLY A 97 -9.03 -14.28 -4.57
C GLY A 97 -8.86 -12.91 -5.23
N ALA A 98 -7.97 -12.08 -4.66
CA ALA A 98 -7.52 -10.79 -5.20
C ALA A 98 -8.57 -9.66 -5.32
N ALA A 99 -8.09 -8.45 -5.62
CA ALA A 99 -8.88 -7.28 -6.01
C ALA A 99 -8.69 -7.02 -7.51
N LYS A 100 -9.69 -7.36 -8.35
CA LYS A 100 -9.66 -7.08 -9.81
C LYS A 100 -9.66 -5.58 -10.09
N GLU A 101 -10.24 -4.78 -9.20
CA GLU A 101 -10.23 -3.32 -9.23
C GLU A 101 -8.84 -2.70 -8.91
N ALA A 102 -7.94 -3.45 -8.26
CA ALA A 102 -6.57 -2.97 -8.03
C ALA A 102 -5.79 -2.77 -9.34
N ALA A 103 -6.12 -3.53 -10.40
CA ALA A 103 -5.44 -3.43 -11.70
C ALA A 103 -5.58 -2.04 -12.34
N ARG A 104 -6.78 -1.43 -12.32
CA ARG A 104 -6.98 -0.06 -12.80
C ARG A 104 -6.41 0.99 -11.84
N GLN A 105 -6.57 0.77 -10.54
CA GLN A 105 -6.15 1.73 -9.51
C GLN A 105 -4.61 1.85 -9.44
N ALA A 106 -3.90 0.75 -9.66
CA ALA A 106 -2.43 0.74 -9.76
C ALA A 106 -1.92 1.48 -11.01
N GLU A 107 -2.55 1.30 -12.18
CA GLU A 107 -2.07 1.96 -13.40
C GLU A 107 -2.41 3.46 -13.44
N GLU A 108 -3.55 3.86 -12.89
CA GLU A 108 -3.94 5.27 -12.72
C GLU A 108 -2.94 6.03 -11.83
N VAL A 109 -2.32 5.36 -10.85
CA VAL A 109 -1.19 5.90 -10.07
C VAL A 109 0.12 5.88 -10.87
N ARG A 110 0.43 4.79 -11.57
CA ARG A 110 1.73 4.64 -12.28
C ARG A 110 1.92 5.66 -13.41
N LYS A 111 0.85 6.00 -14.14
CA LYS A 111 0.89 6.93 -15.28
C LYS A 111 0.84 8.41 -14.89
N ARG A 112 0.24 8.76 -13.74
CA ARG A 112 0.05 10.17 -13.30
C ARG A 112 -0.08 10.34 -11.79
N GLY A 113 -0.92 9.55 -11.11
CA GLY A 113 -1.25 9.79 -9.70
C GLY A 113 -2.18 11.00 -9.47
N SER A 114 -3.09 11.25 -10.41
CA SER A 114 -4.06 12.35 -10.37
C SER A 114 -4.93 12.31 -9.10
N LEU A 115 -5.06 13.45 -8.41
CA LEU A 115 -5.85 13.56 -7.18
C LEU A 115 -7.37 13.50 -7.37
N GLU A 116 -7.87 13.92 -8.54
CA GLU A 116 -9.29 14.13 -8.79
C GLU A 116 -9.67 13.73 -10.23
N HIS A 117 -10.83 13.08 -10.41
CA HIS A 117 -11.37 12.70 -11.73
C HIS A 117 -12.90 12.57 -11.71
N HIS A 118 -13.45 11.85 -10.73
CA HIS A 118 -14.89 11.63 -10.52
C HIS A 118 -15.48 12.63 -9.50
N HIS A 119 -16.80 12.83 -9.54
CA HIS A 119 -17.52 13.61 -8.52
C HIS A 119 -17.59 12.84 -7.19
N HIS A 120 -17.49 13.56 -6.07
CA HIS A 120 -17.58 12.97 -4.72
C HIS A 120 -19.01 12.50 -4.39
N HIS A 121 -19.13 11.38 -3.66
CA HIS A 121 -20.42 10.83 -3.18
C HIS A 121 -20.26 9.93 -1.94
N HIS A 122 -19.17 9.14 -1.89
CA HIS A 122 -18.82 8.21 -0.80
C HIS A 122 -17.50 8.61 -0.11
N GLY A 1 4.62 18.13 -13.35
CA GLY A 1 4.57 17.32 -12.12
C GLY A 1 4.89 18.16 -10.90
N GLU A 2 3.99 18.18 -9.91
CA GLU A 2 4.14 18.99 -8.69
C GLU A 2 5.07 18.33 -7.65
N THR A 3 4.86 17.04 -7.37
CA THR A 3 5.73 16.23 -6.47
C THR A 3 5.76 14.76 -6.92
N LYS A 4 6.79 14.01 -6.49
CA LYS A 4 6.83 12.53 -6.59
C LYS A 4 6.09 11.86 -5.41
N ALA A 5 6.06 12.53 -4.25
CA ALA A 5 5.47 12.02 -3.01
C ALA A 5 3.96 11.76 -3.09
N LYS A 6 3.21 12.51 -3.92
CA LYS A 6 1.77 12.26 -4.12
C LYS A 6 1.48 10.87 -4.71
N ALA A 7 2.28 10.39 -5.66
CA ALA A 7 2.20 9.03 -6.20
C ALA A 7 2.47 7.96 -5.13
N ALA A 8 3.28 8.26 -4.10
CA ALA A 8 3.52 7.35 -2.97
C ALA A 8 2.28 7.24 -2.06
N GLN A 9 1.70 8.38 -1.65
CA GLN A 9 0.45 8.42 -0.89
C GLN A 9 -0.73 7.80 -1.65
N GLU A 10 -0.81 8.03 -2.96
CA GLU A 10 -1.82 7.47 -3.86
C GLU A 10 -1.70 5.95 -3.97
N ALA A 11 -0.50 5.37 -3.83
CA ALA A 11 -0.34 3.91 -3.85
C ALA A 11 -1.05 3.24 -2.66
N LEU A 12 -0.84 3.72 -1.43
CA LEU A 12 -1.51 3.18 -0.24
C LEU A 12 -3.00 3.57 -0.23
N ARG A 13 -3.34 4.82 -0.58
CA ARG A 13 -4.72 5.30 -0.66
C ARG A 13 -5.56 4.50 -1.67
N ALA A 14 -4.98 4.16 -2.82
CA ALA A 14 -5.60 3.30 -3.81
C ALA A 14 -5.76 1.88 -3.29
N ALA A 15 -4.79 1.34 -2.56
CA ALA A 15 -4.90 0.02 -1.93
C ALA A 15 -6.05 -0.03 -0.90
N ARG A 16 -6.27 1.07 -0.19
CA ARG A 16 -7.37 1.25 0.76
C ARG A 16 -8.74 1.40 0.07
N GLU A 17 -8.75 1.88 -1.17
CA GLU A 17 -9.94 1.94 -2.03
C GLU A 17 -10.35 0.56 -2.58
N GLN A 18 -9.37 -0.22 -3.02
CA GLN A 18 -9.54 -1.47 -3.79
C GLN A 18 -9.61 -2.75 -2.95
N ALA A 19 -9.15 -2.71 -1.70
CA ALA A 19 -9.20 -3.85 -0.77
C ALA A 19 -10.63 -4.39 -0.64
N THR A 20 -10.84 -5.64 -1.09
CA THR A 20 -12.17 -6.25 -1.26
C THR A 20 -12.88 -6.59 0.06
N THR A 21 -12.12 -6.79 1.14
CA THR A 21 -12.62 -7.07 2.50
C THR A 21 -12.65 -5.81 3.36
N PRO A 22 -13.71 -5.62 4.18
CA PRO A 22 -13.85 -4.47 5.08
C PRO A 22 -12.78 -4.43 6.18
N GLU A 23 -12.24 -5.58 6.57
CA GLU A 23 -11.12 -5.68 7.52
C GLU A 23 -9.87 -5.00 6.95
N ALA A 24 -9.60 -5.31 5.69
CA ALA A 24 -8.38 -4.89 5.03
C ALA A 24 -8.40 -3.37 4.80
N GLN A 25 -9.57 -2.79 4.51
CA GLN A 25 -9.72 -1.34 4.32
C GLN A 25 -9.24 -0.54 5.55
N LYS A 26 -9.72 -0.90 6.75
CA LYS A 26 -9.28 -0.29 8.01
C LYS A 26 -7.88 -0.72 8.46
N ALA A 27 -7.48 -1.95 8.13
CA ALA A 27 -6.15 -2.46 8.45
C ALA A 27 -5.03 -1.69 7.74
N LEU A 28 -5.32 -1.18 6.54
CA LEU A 28 -4.41 -0.33 5.77
C LEU A 28 -4.28 1.08 6.37
N GLU A 29 -5.37 1.62 6.89
CA GLU A 29 -5.36 2.89 7.62
C GLU A 29 -4.47 2.86 8.87
N GLU A 30 -4.23 1.66 9.45
CA GLU A 30 -3.34 1.49 10.62
C GLU A 30 -1.89 1.88 10.30
N LEU A 31 -1.36 1.44 9.14
CA LEU A 31 -0.01 1.79 8.71
C LEU A 31 0.10 3.31 8.46
N GLU A 32 -0.87 3.85 7.73
CA GLU A 32 -0.98 5.26 7.33
C GLU A 32 -0.96 6.24 8.50
N LYS A 33 -1.42 5.85 9.70
CA LYS A 33 -1.39 6.70 10.89
C LYS A 33 0.04 6.97 11.33
N VAL A 34 0.92 6.00 11.09
CA VAL A 34 2.36 6.09 11.33
C VAL A 34 3.07 6.81 10.19
N LEU A 35 2.77 6.48 8.94
CA LEU A 35 3.37 7.16 7.77
C LEU A 35 3.03 8.64 7.75
N LYS A 36 1.86 9.05 8.29
CA LYS A 36 1.50 10.46 8.48
C LYS A 36 2.51 11.23 9.36
N THR A 37 3.20 10.53 10.26
CA THR A 37 4.29 11.04 11.10
C THR A 37 5.69 10.80 10.52
N ALA A 38 5.80 9.95 9.49
CA ALA A 38 7.04 9.59 8.82
C ALA A 38 7.50 10.66 7.80
N SER A 39 8.73 10.56 7.30
CA SER A 39 9.33 11.54 6.39
C SER A 39 9.00 11.22 4.92
N PRO A 40 8.93 12.21 4.01
CA PRO A 40 8.49 11.97 2.62
C PRO A 40 9.42 11.02 1.84
N GLU A 41 10.72 11.05 2.12
CA GLU A 41 11.70 10.16 1.49
C GLU A 41 11.47 8.70 1.90
N GLN A 42 11.23 8.46 3.20
CA GLN A 42 10.86 7.14 3.70
C GLN A 42 9.46 6.71 3.25
N TRP A 43 8.56 7.67 3.04
CA TRP A 43 7.22 7.41 2.50
C TRP A 43 7.28 6.75 1.12
N ARG A 44 8.13 7.26 0.20
CA ARG A 44 8.35 6.67 -1.13
C ARG A 44 8.95 5.27 -1.04
N GLN A 45 9.94 5.12 -0.17
CA GLN A 45 10.63 3.85 0.10
C GLN A 45 9.70 2.78 0.69
N ALA A 46 8.80 3.19 1.59
CA ALA A 46 7.79 2.34 2.20
C ALA A 46 6.66 2.00 1.22
N ALA A 47 6.02 3.02 0.62
CA ALA A 47 4.85 2.83 -0.23
C ALA A 47 5.13 1.85 -1.38
N GLU A 48 6.39 1.81 -1.86
CA GLU A 48 6.87 0.85 -2.84
C GLU A 48 6.65 -0.61 -2.39
N LYS A 49 7.09 -1.00 -1.17
CA LYS A 49 6.88 -2.37 -0.65
C LYS A 49 5.44 -2.57 -0.19
N ILE A 50 4.84 -1.55 0.45
CA ILE A 50 3.45 -1.60 0.91
C ILE A 50 2.53 -2.00 -0.25
N PHE A 51 2.70 -1.33 -1.39
CA PHE A 51 1.87 -1.54 -2.57
C PHE A 51 2.26 -2.82 -3.35
N GLU A 52 3.54 -3.18 -3.34
CA GLU A 52 4.00 -4.46 -3.86
C GLU A 52 3.34 -5.63 -3.11
N ALA A 53 3.16 -5.56 -1.78
CA ALA A 53 2.55 -6.65 -1.01
C ALA A 53 1.18 -7.04 -1.56
N PHE A 54 0.32 -6.06 -1.85
CA PHE A 54 -1.03 -6.31 -2.38
C PHE A 54 -0.97 -6.92 -3.78
N ARG A 55 0.09 -6.64 -4.55
CA ARG A 55 0.35 -7.24 -5.86
C ARG A 55 0.80 -8.68 -5.76
N GLU A 56 1.59 -9.01 -4.74
CA GLU A 56 2.08 -10.35 -4.51
C GLU A 56 1.01 -11.25 -3.91
N ALA A 57 0.34 -10.82 -2.83
CA ALA A 57 -0.70 -11.59 -2.15
C ALA A 57 -1.84 -11.96 -3.10
N SER A 58 -2.23 -11.02 -3.96
CA SER A 58 -3.26 -11.26 -4.98
C SER A 58 -2.86 -12.27 -6.06
N ASN A 59 -1.55 -12.42 -6.31
CA ASN A 59 -0.98 -13.47 -7.16
C ASN A 59 -0.80 -14.82 -6.42
N GLY A 60 -1.03 -14.86 -5.10
CA GLY A 60 -0.93 -16.01 -4.21
C GLY A 60 0.29 -16.00 -3.28
N ASN A 61 0.98 -14.86 -3.15
CA ASN A 61 2.22 -14.70 -2.39
C ASN A 61 1.97 -14.06 -1.02
N THR A 62 1.04 -14.60 -0.22
CA THR A 62 0.83 -14.14 1.18
C THR A 62 2.15 -14.08 1.97
N GLU A 63 3.00 -15.11 1.83
CA GLU A 63 4.29 -15.22 2.54
C GLU A 63 5.32 -14.16 2.14
N LYS A 64 5.29 -13.72 0.88
CA LYS A 64 6.14 -12.63 0.37
C LYS A 64 5.54 -11.28 0.69
N ALA A 65 4.26 -11.08 0.38
CA ALA A 65 3.57 -9.83 0.63
C ALA A 65 3.71 -9.39 2.09
N LYS A 66 3.65 -10.35 3.02
CA LYS A 66 3.83 -10.05 4.45
C LYS A 66 5.23 -9.51 4.78
N LYS A 67 6.26 -9.99 4.07
CA LYS A 67 7.66 -9.55 4.22
C LYS A 67 7.90 -8.16 3.63
N LEU A 68 7.32 -7.87 2.46
CA LEU A 68 7.31 -6.51 1.88
C LEU A 68 6.69 -5.50 2.86
N LEU A 69 5.57 -5.87 3.48
CA LEU A 69 4.89 -5.05 4.48
C LEU A 69 5.79 -4.73 5.69
N GLU A 70 6.47 -5.75 6.21
CA GLU A 70 7.44 -5.59 7.29
C GLU A 70 8.62 -4.70 6.86
N GLU A 71 9.11 -4.86 5.63
CA GLU A 71 10.28 -4.14 5.12
C GLU A 71 10.00 -2.64 5.01
N ALA A 72 8.84 -2.29 4.47
CA ALA A 72 8.39 -0.90 4.37
C ALA A 72 8.18 -0.27 5.74
N ALA A 73 7.54 -1.00 6.65
CA ALA A 73 7.29 -0.51 7.99
C ALA A 73 8.59 -0.21 8.73
N ARG A 74 9.57 -1.13 8.68
CA ARG A 74 10.88 -0.94 9.32
C ARG A 74 11.65 0.22 8.70
N THR A 75 11.47 0.45 7.40
CA THR A 75 12.04 1.61 6.67
C THR A 75 11.40 2.94 7.13
N ALA A 76 10.07 3.00 7.25
CA ALA A 76 9.34 4.17 7.75
C ALA A 76 9.36 4.32 9.29
N GLY A 77 9.96 3.37 10.01
CA GLY A 77 10.11 3.38 11.48
C GLY A 77 8.85 2.96 12.26
N ALA A 78 7.95 2.19 11.63
CA ALA A 78 6.63 1.88 12.14
C ALA A 78 6.55 0.69 13.12
N SER A 79 5.42 0.61 13.82
CA SER A 79 5.16 -0.26 14.97
C SER A 79 5.02 -1.75 14.64
N PRO A 80 5.44 -2.67 15.53
CA PRO A 80 5.16 -4.11 15.39
C PRO A 80 3.66 -4.41 15.43
N GLU A 81 2.85 -3.55 16.06
CA GLU A 81 1.39 -3.64 16.07
C GLU A 81 0.77 -3.34 14.69
N ILE A 82 1.17 -2.27 13.98
CA ILE A 82 0.60 -1.94 12.66
C ILE A 82 1.11 -2.92 11.60
N ILE A 83 2.32 -3.44 11.81
CA ILE A 83 2.98 -4.40 10.91
C ILE A 83 2.10 -5.64 10.82
N LYS A 84 1.72 -6.20 11.97
CA LYS A 84 0.87 -7.41 11.99
C LYS A 84 -0.55 -7.12 11.52
N LYS A 85 -1.07 -5.93 11.82
CA LYS A 85 -2.44 -5.49 11.46
C LYS A 85 -2.64 -5.41 9.95
N LEU A 86 -1.75 -4.71 9.25
CA LEU A 86 -1.74 -4.62 7.79
C LEU A 86 -1.34 -5.98 7.19
N ALA A 87 -0.23 -6.57 7.64
CA ALA A 87 0.27 -7.83 7.07
C ALA A 87 -0.75 -8.98 7.14
N SER A 88 -1.64 -9.00 8.15
CA SER A 88 -2.77 -9.94 8.26
C SER A 88 -3.75 -9.81 7.10
N ALA A 89 -3.98 -8.59 6.60
CA ALA A 89 -4.83 -8.34 5.42
C ALA A 89 -4.27 -9.03 4.17
N LEU A 90 -2.94 -9.08 4.02
CA LEU A 90 -2.29 -9.78 2.91
C LEU A 90 -2.50 -11.30 2.98
N GLU A 91 -2.63 -11.86 4.19
CA GLU A 91 -2.90 -13.29 4.35
C GLU A 91 -4.27 -13.68 3.81
N ARG A 92 -5.28 -12.84 4.06
CA ARG A 92 -6.62 -13.00 3.49
C ARG A 92 -6.72 -12.60 2.02
N LEU A 93 -5.94 -11.63 1.53
CA LEU A 93 -6.05 -11.15 0.13
C LEU A 93 -5.79 -12.26 -0.91
N ALA A 94 -4.95 -13.24 -0.56
CA ALA A 94 -4.68 -14.42 -1.36
C ALA A 94 -5.88 -15.38 -1.45
N GLU A 95 -6.48 -15.74 -0.31
CA GLU A 95 -7.61 -16.68 -0.25
C GLU A 95 -8.98 -16.04 -0.57
N GLU A 96 -9.12 -14.73 -0.37
CA GLU A 96 -10.32 -13.95 -0.75
C GLU A 96 -10.48 -13.80 -2.28
N GLY A 97 -9.44 -14.13 -3.05
CA GLY A 97 -9.50 -14.23 -4.51
C GLY A 97 -9.11 -12.94 -5.23
N ALA A 98 -8.06 -12.26 -4.75
CA ALA A 98 -7.49 -11.04 -5.34
C ALA A 98 -8.45 -9.83 -5.36
N ALA A 99 -7.99 -8.73 -5.96
CA ALA A 99 -8.74 -7.49 -6.13
C ALA A 99 -8.60 -6.96 -7.56
N LYS A 100 -9.58 -7.20 -8.43
CA LYS A 100 -9.55 -6.81 -9.86
C LYS A 100 -9.48 -5.30 -10.07
N GLU A 101 -10.11 -4.52 -9.19
CA GLU A 101 -10.03 -3.05 -9.24
C GLU A 101 -8.66 -2.50 -8.81
N ALA A 102 -7.75 -3.32 -8.25
CA ALA A 102 -6.37 -2.92 -8.03
C ALA A 102 -5.65 -2.59 -9.35
N ALA A 103 -6.02 -3.26 -10.45
CA ALA A 103 -5.43 -3.05 -11.77
C ALA A 103 -5.66 -1.62 -12.28
N ARG A 104 -6.91 -1.13 -12.26
CA ARG A 104 -7.25 0.26 -12.63
C ARG A 104 -6.74 1.30 -11.62
N GLN A 105 -6.71 0.94 -10.33
CA GLN A 105 -6.18 1.82 -9.27
C GLN A 105 -4.65 2.05 -9.42
N ALA A 106 -3.89 1.02 -9.82
CA ALA A 106 -2.48 1.16 -10.16
C ALA A 106 -2.28 1.98 -11.44
N GLU A 107 -3.06 1.70 -12.49
CA GLU A 107 -3.01 2.43 -13.77
C GLU A 107 -3.30 3.93 -13.62
N GLU A 108 -4.16 4.33 -12.68
CA GLU A 108 -4.42 5.75 -12.37
C GLU A 108 -3.17 6.48 -11.85
N VAL A 109 -2.32 5.81 -11.06
CA VAL A 109 -1.04 6.37 -10.58
C VAL A 109 0.04 6.34 -11.66
N ARG A 110 0.06 5.31 -12.50
CA ARG A 110 0.95 5.21 -13.68
C ARG A 110 0.65 6.29 -14.74
N LYS A 111 -0.62 6.63 -14.96
CA LYS A 111 -1.09 7.66 -15.89
C LYS A 111 -0.58 9.07 -15.54
N ARG A 112 -0.35 9.33 -14.24
CA ARG A 112 0.36 10.49 -13.66
C ARG A 112 -0.09 11.86 -14.19
N GLY A 113 0.79 12.88 -14.08
CA GLY A 113 0.55 14.26 -14.48
C GLY A 113 -0.09 15.11 -13.37
N SER A 114 0.53 16.27 -13.10
CA SER A 114 0.06 17.29 -12.13
C SER A 114 0.70 18.65 -12.43
N LEU A 115 0.00 19.74 -12.08
CA LEU A 115 0.48 21.12 -12.22
C LEU A 115 -0.19 22.11 -11.27
N GLU A 116 -1.50 21.99 -11.04
CA GLU A 116 -2.28 22.96 -10.26
C GLU A 116 -3.41 22.31 -9.43
N HIS A 117 -3.23 21.06 -8.97
CA HIS A 117 -4.30 20.34 -8.25
C HIS A 117 -4.52 20.90 -6.83
N HIS A 118 -5.78 20.93 -6.39
CA HIS A 118 -6.18 21.57 -5.13
C HIS A 118 -5.99 20.63 -3.92
N HIS A 119 -4.84 20.75 -3.25
CA HIS A 119 -4.50 20.01 -2.03
C HIS A 119 -3.57 20.85 -1.12
N HIS A 120 -3.78 20.79 0.20
CA HIS A 120 -2.91 21.39 1.21
C HIS A 120 -3.00 20.62 2.55
N HIS A 121 -1.94 20.68 3.36
CA HIS A 121 -1.92 20.11 4.71
C HIS A 121 -2.67 21.00 5.74
N HIS A 122 -2.96 20.45 6.92
CA HIS A 122 -3.51 21.18 8.08
C HIS A 122 -2.46 22.13 8.70
N GLY A 1 3.75 20.38 -11.56
CA GLY A 1 4.84 19.37 -11.65
C GLY A 1 4.31 17.95 -11.52
N GLU A 2 5.21 16.97 -11.47
CA GLU A 2 4.85 15.54 -11.34
C GLU A 2 4.55 15.09 -9.90
N THR A 3 5.07 15.82 -8.90
CA THR A 3 4.80 15.66 -7.45
C THR A 3 4.90 14.20 -6.98
N LYS A 4 6.13 13.69 -6.94
CA LYS A 4 6.45 12.26 -6.70
C LYS A 4 5.90 11.73 -5.36
N ALA A 5 5.78 12.60 -4.36
CA ALA A 5 5.17 12.32 -3.06
C ALA A 5 3.67 11.99 -3.14
N LYS A 6 2.94 12.57 -4.11
CA LYS A 6 1.52 12.24 -4.38
C LYS A 6 1.40 10.80 -4.87
N ALA A 7 2.20 10.37 -5.85
CA ALA A 7 2.20 9.00 -6.35
C ALA A 7 2.47 7.96 -5.23
N ALA A 8 3.33 8.27 -4.26
CA ALA A 8 3.55 7.42 -3.10
C ALA A 8 2.31 7.33 -2.18
N GLN A 9 1.70 8.46 -1.80
CA GLN A 9 0.49 8.46 -0.96
C GLN A 9 -0.70 7.80 -1.66
N GLU A 10 -0.84 8.03 -2.96
CA GLU A 10 -1.88 7.49 -3.82
C GLU A 10 -1.74 5.98 -3.97
N ALA A 11 -0.53 5.40 -3.84
CA ALA A 11 -0.37 3.95 -3.83
C ALA A 11 -1.12 3.31 -2.64
N LEU A 12 -0.93 3.82 -1.42
CA LEU A 12 -1.62 3.32 -0.23
C LEU A 12 -3.11 3.74 -0.22
N ARG A 13 -3.44 4.97 -0.61
CA ARG A 13 -4.82 5.45 -0.70
C ARG A 13 -5.65 4.62 -1.68
N ALA A 14 -5.08 4.30 -2.83
CA ALA A 14 -5.68 3.39 -3.80
C ALA A 14 -5.83 1.97 -3.23
N ALA A 15 -4.82 1.48 -2.49
CA ALA A 15 -4.85 0.14 -1.90
C ALA A 15 -6.02 -0.03 -0.89
N ARG A 16 -6.36 1.02 -0.12
CA ARG A 16 -7.52 1.02 0.79
C ARG A 16 -8.84 1.02 0.02
N GLU A 17 -8.91 1.70 -1.11
CA GLU A 17 -10.08 1.73 -2.00
C GLU A 17 -10.33 0.41 -2.75
N GLN A 18 -9.26 -0.23 -3.24
CA GLN A 18 -9.33 -1.48 -4.01
C GLN A 18 -9.41 -2.76 -3.15
N ALA A 19 -9.02 -2.70 -1.87
CA ALA A 19 -9.14 -3.79 -0.92
C ALA A 19 -10.60 -4.29 -0.81
N THR A 20 -10.85 -5.51 -1.32
CA THR A 20 -12.21 -6.06 -1.51
C THR A 20 -12.92 -6.41 -0.19
N THR A 21 -12.16 -6.60 0.89
CA THR A 21 -12.64 -6.90 2.25
C THR A 21 -12.60 -5.67 3.16
N PRO A 22 -13.61 -5.46 4.02
CA PRO A 22 -13.66 -4.38 5.00
C PRO A 22 -12.59 -4.49 6.09
N GLU A 23 -12.16 -5.72 6.43
CA GLU A 23 -11.12 -5.97 7.41
C GLU A 23 -9.76 -5.47 6.92
N ALA A 24 -9.51 -5.57 5.61
CA ALA A 24 -8.31 -5.07 4.98
C ALA A 24 -8.30 -3.53 4.95
N GLN A 25 -9.43 -2.89 4.66
CA GLN A 25 -9.50 -1.41 4.55
C GLN A 25 -9.09 -0.72 5.86
N LYS A 26 -9.55 -1.22 7.01
CA LYS A 26 -9.15 -0.69 8.34
C LYS A 26 -7.72 -1.05 8.72
N ALA A 27 -7.20 -2.16 8.22
CA ALA A 27 -5.85 -2.64 8.50
C ALA A 27 -4.79 -1.82 7.73
N LEU A 28 -5.12 -1.37 6.53
CA LEU A 28 -4.31 -0.41 5.76
C LEU A 28 -4.25 0.96 6.45
N GLU A 29 -5.38 1.39 7.03
CA GLU A 29 -5.48 2.59 7.84
C GLU A 29 -4.51 2.61 9.05
N GLU A 30 -4.04 1.45 9.52
CA GLU A 30 -3.11 1.36 10.65
C GLU A 30 -1.70 1.83 10.28
N LEU A 31 -1.19 1.42 9.12
CA LEU A 31 0.12 1.88 8.62
C LEU A 31 0.06 3.38 8.31
N GLU A 32 -1.05 3.85 7.75
CA GLU A 32 -1.24 5.28 7.41
C GLU A 32 -1.04 6.19 8.63
N LYS A 33 -1.46 5.77 9.84
CA LYS A 33 -1.23 6.51 11.09
C LYS A 33 0.26 6.72 11.39
N VAL A 34 1.11 5.74 11.07
CA VAL A 34 2.57 5.81 11.24
C VAL A 34 3.23 6.62 10.14
N LEU A 35 2.82 6.40 8.88
CA LEU A 35 3.36 7.13 7.73
C LEU A 35 2.98 8.62 7.79
N LYS A 36 1.84 8.98 8.41
CA LYS A 36 1.42 10.37 8.63
C LYS A 36 2.43 11.19 9.44
N THR A 37 3.18 10.53 10.33
CA THR A 37 4.26 11.11 11.13
C THR A 37 5.67 10.66 10.69
N ALA A 38 5.76 9.95 9.55
CA ALA A 38 7.02 9.56 8.92
C ALA A 38 7.50 10.63 7.90
N SER A 39 8.74 10.52 7.42
CA SER A 39 9.38 11.50 6.53
C SER A 39 9.10 11.18 5.04
N PRO A 40 9.04 12.18 4.13
CA PRO A 40 8.58 11.98 2.76
C PRO A 40 9.48 11.04 1.94
N GLU A 41 10.79 11.03 2.19
CA GLU A 41 11.72 10.12 1.49
C GLU A 41 11.45 8.66 1.89
N GLN A 42 11.29 8.40 3.19
CA GLN A 42 10.94 7.08 3.70
C GLN A 42 9.52 6.68 3.31
N TRP A 43 8.62 7.65 3.10
CA TRP A 43 7.30 7.41 2.56
C TRP A 43 7.36 6.79 1.16
N ARG A 44 8.24 7.31 0.28
CA ARG A 44 8.48 6.81 -1.07
C ARG A 44 9.08 5.41 -1.03
N GLN A 45 10.07 5.22 -0.15
CA GLN A 45 10.71 3.92 0.08
C GLN A 45 9.70 2.87 0.56
N ALA A 46 8.86 3.23 1.54
CA ALA A 46 7.85 2.35 2.11
C ALA A 46 6.74 2.03 1.12
N ALA A 47 6.13 3.05 0.50
CA ALA A 47 4.95 2.90 -0.35
C ALA A 47 5.20 1.89 -1.49
N GLU A 48 6.45 1.76 -1.96
CA GLU A 48 6.80 0.74 -2.96
C GLU A 48 6.59 -0.70 -2.45
N LYS A 49 7.10 -1.08 -1.27
CA LYS A 49 6.93 -2.45 -0.75
C LYS A 49 5.52 -2.64 -0.20
N ILE A 50 4.93 -1.60 0.40
CA ILE A 50 3.52 -1.60 0.83
C ILE A 50 2.63 -2.00 -0.34
N PHE A 51 2.79 -1.32 -1.48
CA PHE A 51 1.94 -1.53 -2.65
C PHE A 51 2.28 -2.81 -3.41
N GLU A 52 3.56 -3.20 -3.43
CA GLU A 52 3.99 -4.50 -3.95
C GLU A 52 3.34 -5.66 -3.18
N ALA A 53 3.18 -5.57 -1.85
CA ALA A 53 2.57 -6.64 -1.07
C ALA A 53 1.19 -7.04 -1.60
N PHE A 54 0.34 -6.05 -1.89
CA PHE A 54 -1.01 -6.27 -2.40
C PHE A 54 -0.98 -6.90 -3.81
N ARG A 55 0.08 -6.65 -4.57
CA ARG A 55 0.31 -7.23 -5.90
C ARG A 55 0.78 -8.69 -5.82
N GLU A 56 1.53 -9.04 -4.77
CA GLU A 56 2.00 -10.40 -4.55
C GLU A 56 0.91 -11.27 -3.93
N ALA A 57 0.28 -10.81 -2.84
CA ALA A 57 -0.76 -11.55 -2.14
C ALA A 57 -1.94 -11.90 -3.04
N SER A 58 -2.31 -10.98 -3.92
CA SER A 58 -3.37 -11.21 -4.92
C SER A 58 -2.99 -12.24 -5.98
N ASN A 59 -1.70 -12.43 -6.25
CA ASN A 59 -1.15 -13.49 -7.09
C ASN A 59 -0.97 -14.83 -6.33
N GLY A 60 -1.20 -14.84 -5.00
CA GLY A 60 -1.11 -16.00 -4.11
C GLY A 60 0.13 -16.00 -3.20
N ASN A 61 0.85 -14.87 -3.09
CA ASN A 61 2.11 -14.74 -2.36
C ASN A 61 1.90 -14.09 -0.98
N THR A 62 1.00 -14.63 -0.16
CA THR A 62 0.81 -14.15 1.22
C THR A 62 2.14 -14.08 1.99
N GLU A 63 2.99 -15.10 1.86
CA GLU A 63 4.29 -15.20 2.55
C GLU A 63 5.32 -14.16 2.11
N LYS A 64 5.26 -13.73 0.84
CA LYS A 64 6.11 -12.65 0.29
C LYS A 64 5.51 -11.29 0.59
N ALA A 65 4.22 -11.10 0.32
CA ALA A 65 3.55 -9.85 0.59
C ALA A 65 3.71 -9.39 2.04
N LYS A 66 3.65 -10.34 2.98
CA LYS A 66 3.85 -10.04 4.40
C LYS A 66 5.27 -9.52 4.70
N LYS A 67 6.28 -10.02 3.97
CA LYS A 67 7.67 -9.60 4.11
C LYS A 67 7.87 -8.18 3.56
N LEU A 68 7.35 -7.90 2.37
CA LEU A 68 7.33 -6.55 1.76
C LEU A 68 6.73 -5.52 2.73
N LEU A 69 5.60 -5.86 3.35
CA LEU A 69 4.89 -5.01 4.31
C LEU A 69 5.74 -4.65 5.53
N GLU A 70 6.36 -5.65 6.15
CA GLU A 70 7.27 -5.46 7.29
C GLU A 70 8.53 -4.69 6.89
N GLU A 71 9.02 -4.90 5.67
CA GLU A 71 10.24 -4.25 5.17
C GLU A 71 10.04 -2.74 5.00
N ALA A 72 8.91 -2.36 4.39
CA ALA A 72 8.54 -0.96 4.25
C ALA A 72 8.26 -0.29 5.61
N ALA A 73 7.55 -1.00 6.48
CA ALA A 73 7.22 -0.52 7.83
C ALA A 73 8.47 -0.18 8.64
N ARG A 74 9.48 -1.06 8.62
CA ARG A 74 10.74 -0.86 9.34
C ARG A 74 11.59 0.24 8.70
N THR A 75 11.46 0.44 7.39
CA THR A 75 12.04 1.59 6.67
C THR A 75 11.40 2.91 7.10
N ALA A 76 10.07 2.98 7.20
CA ALA A 76 9.31 4.15 7.68
C ALA A 76 9.24 4.28 9.22
N GLY A 77 9.88 3.40 9.99
CA GLY A 77 9.94 3.46 11.46
C GLY A 77 8.63 3.13 12.19
N ALA A 78 7.80 2.24 11.64
CA ALA A 78 6.51 1.84 12.19
C ALA A 78 6.55 1.11 13.55
N SER A 79 5.34 0.91 14.10
CA SER A 79 5.01 0.08 15.26
C SER A 79 4.94 -1.41 14.91
N PRO A 80 5.27 -2.34 15.81
CA PRO A 80 4.97 -3.76 15.61
C PRO A 80 3.45 -4.03 15.60
N GLU A 81 2.68 -3.17 16.28
CA GLU A 81 1.21 -3.25 16.36
C GLU A 81 0.52 -3.07 14.99
N ILE A 82 1.02 -2.17 14.12
CA ILE A 82 0.50 -1.96 12.76
C ILE A 82 1.03 -2.97 11.75
N ILE A 83 2.27 -3.43 11.96
CA ILE A 83 2.95 -4.38 11.05
C ILE A 83 2.12 -5.64 10.95
N LYS A 84 1.73 -6.20 12.10
CA LYS A 84 0.89 -7.40 12.16
C LYS A 84 -0.51 -7.15 11.57
N LYS A 85 -1.05 -5.95 11.80
CA LYS A 85 -2.40 -5.53 11.41
C LYS A 85 -2.57 -5.47 9.89
N LEU A 86 -1.71 -4.70 9.22
CA LEU A 86 -1.68 -4.60 7.76
C LEU A 86 -1.27 -5.94 7.14
N ALA A 87 -0.17 -6.54 7.60
CA ALA A 87 0.31 -7.81 7.02
C ALA A 87 -0.75 -8.94 7.09
N SER A 88 -1.64 -8.95 8.09
CA SER A 88 -2.79 -9.89 8.18
C SER A 88 -3.83 -9.69 7.06
N ALA A 89 -3.97 -8.48 6.52
CA ALA A 89 -4.79 -8.21 5.34
C ALA A 89 -4.25 -8.93 4.10
N LEU A 90 -2.92 -9.00 3.96
CA LEU A 90 -2.28 -9.70 2.84
C LEU A 90 -2.49 -11.21 2.92
N GLU A 91 -2.61 -11.78 4.13
CA GLU A 91 -2.87 -13.20 4.30
C GLU A 91 -4.26 -13.58 3.76
N ARG A 92 -5.29 -12.76 4.06
CA ARG A 92 -6.65 -12.93 3.52
C ARG A 92 -6.79 -12.50 2.05
N LEU A 93 -5.98 -11.58 1.53
CA LEU A 93 -6.07 -11.14 0.12
C LEU A 93 -5.80 -12.28 -0.88
N ALA A 94 -4.98 -13.25 -0.47
CA ALA A 94 -4.73 -14.50 -1.19
C ALA A 94 -5.95 -15.45 -1.11
N GLU A 95 -6.58 -15.57 0.06
CA GLU A 95 -7.76 -16.43 0.25
C GLU A 95 -9.04 -15.88 -0.41
N GLU A 96 -9.17 -14.55 -0.45
CA GLU A 96 -10.34 -13.83 -0.97
C GLU A 96 -10.44 -13.86 -2.52
N GLY A 97 -9.36 -14.25 -3.22
CA GLY A 97 -9.38 -14.44 -4.66
C GLY A 97 -9.05 -13.16 -5.44
N ALA A 98 -8.00 -12.45 -4.99
CA ALA A 98 -7.45 -11.25 -5.60
C ALA A 98 -8.36 -10.01 -5.58
N ALA A 99 -7.82 -8.87 -6.04
CA ALA A 99 -8.49 -7.57 -6.12
C ALA A 99 -8.18 -6.91 -7.47
N LYS A 100 -8.95 -7.25 -8.51
CA LYS A 100 -8.76 -6.77 -9.90
C LYS A 100 -8.83 -5.25 -10.04
N GLU A 101 -9.51 -4.58 -9.11
CA GLU A 101 -9.55 -3.11 -8.99
C GLU A 101 -8.16 -2.49 -8.87
N ALA A 102 -7.20 -3.19 -8.25
CA ALA A 102 -5.82 -2.75 -8.14
C ALA A 102 -5.17 -2.40 -9.50
N ALA A 103 -5.62 -3.02 -10.60
CA ALA A 103 -5.15 -2.72 -11.95
C ALA A 103 -5.52 -1.30 -12.41
N ARG A 104 -6.79 -0.87 -12.27
CA ARG A 104 -7.22 0.51 -12.58
C ARG A 104 -6.69 1.51 -11.55
N GLN A 105 -6.60 1.08 -10.29
CA GLN A 105 -6.06 1.90 -9.20
C GLN A 105 -4.54 2.15 -9.33
N ALA A 106 -3.78 1.24 -9.95
CA ALA A 106 -2.37 1.49 -10.32
C ALA A 106 -2.24 2.47 -11.50
N GLU A 107 -3.14 2.40 -12.49
CA GLU A 107 -3.20 3.35 -13.61
C GLU A 107 -3.51 4.79 -13.15
N GLU A 108 -4.29 4.95 -12.07
CA GLU A 108 -4.48 6.25 -11.42
C GLU A 108 -3.17 6.83 -10.87
N VAL A 109 -2.26 5.99 -10.36
CA VAL A 109 -0.93 6.40 -9.87
C VAL A 109 0.06 6.64 -11.01
N ARG A 110 -0.04 5.91 -12.12
CA ARG A 110 0.80 6.08 -13.32
C ARG A 110 0.66 7.45 -14.01
N LYS A 111 -0.45 8.16 -13.78
CA LYS A 111 -0.69 9.52 -14.33
C LYS A 111 0.09 10.65 -13.66
N ARG A 112 0.65 10.46 -12.45
CA ARG A 112 1.47 11.41 -11.66
C ARG A 112 0.85 12.81 -11.49
N GLY A 113 1.11 13.73 -12.43
CA GLY A 113 0.55 15.10 -12.47
C GLY A 113 -0.95 15.14 -12.78
N SER A 114 -1.46 14.10 -13.45
CA SER A 114 -2.89 13.78 -13.67
C SER A 114 -3.79 14.90 -14.22
N LEU A 115 -3.97 14.93 -15.55
CA LEU A 115 -5.00 15.74 -16.22
C LEU A 115 -6.43 15.39 -15.77
N GLU A 116 -6.62 14.13 -15.40
CA GLU A 116 -7.88 13.49 -15.05
C GLU A 116 -7.63 12.60 -13.83
N HIS A 117 -8.53 12.57 -12.86
CA HIS A 117 -8.42 11.67 -11.71
C HIS A 117 -9.78 11.09 -11.28
N HIS A 118 -9.81 9.80 -10.96
CA HIS A 118 -10.95 9.14 -10.32
C HIS A 118 -10.98 9.44 -8.81
N HIS A 119 -12.15 9.79 -8.28
CA HIS A 119 -12.40 9.96 -6.84
C HIS A 119 -13.89 9.77 -6.48
N HIS A 120 -14.78 10.43 -7.22
CA HIS A 120 -16.23 10.51 -6.99
C HIS A 120 -16.64 11.10 -5.61
N HIS A 121 -17.94 11.20 -5.38
CA HIS A 121 -18.58 11.71 -4.15
C HIS A 121 -19.81 10.85 -3.76
N HIS A 122 -20.45 11.19 -2.64
CA HIS A 122 -21.73 10.60 -2.21
C HIS A 122 -22.91 11.01 -3.12
N GLY A 1 11.40 15.47 -10.12
CA GLY A 1 10.02 15.96 -10.02
C GLY A 1 9.33 15.45 -8.76
N GLU A 2 8.37 16.23 -8.23
CA GLU A 2 7.70 15.95 -6.94
C GLU A 2 6.62 14.87 -7.04
N THR A 3 6.14 14.53 -8.24
CA THR A 3 4.99 13.64 -8.45
C THR A 3 5.19 12.20 -7.98
N LYS A 4 6.43 11.76 -7.75
CA LYS A 4 6.73 10.44 -7.14
C LYS A 4 6.19 10.33 -5.70
N ALA A 5 6.18 11.43 -4.95
CA ALA A 5 5.58 11.47 -3.62
C ALA A 5 4.04 11.38 -3.66
N LYS A 6 3.41 11.91 -4.72
CA LYS A 6 1.97 11.73 -4.99
C LYS A 6 1.64 10.31 -5.46
N ALA A 7 2.45 9.72 -6.34
CA ALA A 7 2.34 8.30 -6.70
C ALA A 7 2.50 7.38 -5.47
N ALA A 8 3.38 7.72 -4.52
CA ALA A 8 3.54 6.99 -3.26
C ALA A 8 2.30 7.10 -2.36
N GLN A 9 1.78 8.32 -2.12
CA GLN A 9 0.53 8.53 -1.37
C GLN A 9 -0.66 7.81 -2.02
N GLU A 10 -0.77 7.90 -3.34
CA GLU A 10 -1.83 7.29 -4.14
C GLU A 10 -1.69 5.76 -4.15
N ALA A 11 -0.49 5.20 -4.03
CA ALA A 11 -0.34 3.75 -3.92
C ALA A 11 -1.07 3.20 -2.68
N LEU A 12 -0.88 3.80 -1.50
CA LEU A 12 -1.56 3.35 -0.28
C LEU A 12 -3.04 3.75 -0.28
N ARG A 13 -3.35 4.99 -0.69
CA ARG A 13 -4.74 5.47 -0.78
C ARG A 13 -5.57 4.62 -1.73
N ALA A 14 -5.04 4.27 -2.90
CA ALA A 14 -5.67 3.36 -3.83
C ALA A 14 -5.77 1.94 -3.24
N ALA A 15 -4.79 1.48 -2.47
CA ALA A 15 -4.86 0.19 -1.79
C ALA A 15 -6.02 0.09 -0.79
N ARG A 16 -6.33 1.16 -0.06
CA ARG A 16 -7.52 1.22 0.81
C ARG A 16 -8.82 1.35 0.00
N GLU A 17 -8.78 2.09 -1.10
CA GLU A 17 -9.94 2.35 -1.98
C GLU A 17 -10.40 1.09 -2.72
N GLN A 18 -9.43 0.31 -3.22
CA GLN A 18 -9.64 -0.88 -4.06
C GLN A 18 -9.97 -2.15 -3.25
N ALA A 19 -9.65 -2.15 -1.95
CA ALA A 19 -9.78 -3.31 -1.07
C ALA A 19 -11.25 -3.68 -0.85
N THR A 20 -11.66 -4.81 -1.43
CA THR A 20 -13.07 -5.26 -1.47
C THR A 20 -13.62 -5.70 -0.11
N THR A 21 -12.74 -6.13 0.81
CA THR A 21 -13.09 -6.51 2.18
C THR A 21 -12.85 -5.36 3.17
N PRO A 22 -13.79 -5.11 4.12
CA PRO A 22 -13.66 -4.10 5.17
C PRO A 22 -12.51 -4.40 6.14
N GLU A 23 -12.16 -5.67 6.34
CA GLU A 23 -11.07 -6.11 7.21
C GLU A 23 -9.70 -5.71 6.64
N ALA A 24 -9.58 -5.62 5.32
CA ALA A 24 -8.41 -5.05 4.68
C ALA A 24 -8.39 -3.52 4.80
N GLN A 25 -9.53 -2.85 4.58
CA GLN A 25 -9.58 -1.37 4.61
C GLN A 25 -9.16 -0.80 5.97
N LYS A 26 -9.67 -1.37 7.08
CA LYS A 26 -9.33 -0.98 8.45
C LYS A 26 -7.88 -1.33 8.83
N ALA A 27 -7.37 -2.44 8.30
CA ALA A 27 -5.99 -2.88 8.50
C ALA A 27 -4.98 -1.94 7.81
N LEU A 28 -5.31 -1.42 6.62
CA LEU A 28 -4.49 -0.44 5.89
C LEU A 28 -4.47 0.93 6.57
N GLU A 29 -5.58 1.36 7.18
CA GLU A 29 -5.62 2.61 7.94
C GLU A 29 -4.59 2.61 9.09
N GLU A 30 -4.28 1.45 9.68
CA GLU A 30 -3.35 1.35 10.81
C GLU A 30 -1.93 1.82 10.43
N LEU A 31 -1.44 1.41 9.25
CA LEU A 31 -0.15 1.85 8.75
C LEU A 31 -0.13 3.38 8.52
N GLU A 32 -1.18 3.89 7.88
CA GLU A 32 -1.33 5.30 7.49
C GLU A 32 -1.25 6.27 8.67
N LYS A 33 -1.61 5.82 9.88
CA LYS A 33 -1.57 6.64 11.11
C LYS A 33 -0.12 6.91 11.51
N VAL A 34 0.76 5.96 11.23
CA VAL A 34 2.21 6.07 11.42
C VAL A 34 2.86 6.85 10.29
N LEU A 35 2.56 6.50 9.04
CA LEU A 35 3.14 7.16 7.87
C LEU A 35 2.75 8.65 7.83
N LYS A 36 1.61 9.03 8.42
CA LYS A 36 1.23 10.45 8.61
C LYS A 36 2.26 11.24 9.43
N THR A 37 3.00 10.56 10.30
CA THR A 37 4.10 11.11 11.12
C THR A 37 5.48 10.88 10.50
N ALA A 38 5.57 10.07 9.44
CA ALA A 38 6.83 9.60 8.85
C ALA A 38 7.40 10.60 7.83
N SER A 39 8.69 10.44 7.53
CA SER A 39 9.47 11.38 6.68
C SER A 39 9.22 11.09 5.19
N PRO A 40 9.19 12.10 4.30
CA PRO A 40 8.69 11.96 2.93
C PRO A 40 9.52 11.04 2.01
N GLU A 41 10.85 11.00 2.17
CA GLU A 41 11.71 10.12 1.39
C GLU A 41 11.56 8.65 1.83
N GLN A 42 11.41 8.43 3.15
CA GLN A 42 11.05 7.14 3.72
C GLN A 42 9.62 6.73 3.33
N TRP A 43 8.73 7.69 3.12
CA TRP A 43 7.38 7.47 2.63
C TRP A 43 7.40 6.85 1.23
N ARG A 44 8.23 7.40 0.33
CA ARG A 44 8.44 6.86 -1.02
C ARG A 44 9.05 5.46 -0.99
N GLN A 45 10.07 5.26 -0.14
CA GLN A 45 10.69 3.96 0.08
C GLN A 45 9.68 2.92 0.60
N ALA A 46 8.84 3.30 1.57
CA ALA A 46 7.85 2.43 2.17
C ALA A 46 6.73 2.09 1.20
N ALA A 47 6.08 3.11 0.59
CA ALA A 47 4.88 2.90 -0.23
C ALA A 47 5.14 1.89 -1.36
N GLU A 48 6.38 1.85 -1.86
CA GLU A 48 6.84 0.93 -2.90
C GLU A 48 6.70 -0.55 -2.47
N LYS A 49 7.14 -0.95 -1.26
CA LYS A 49 6.95 -2.32 -0.74
C LYS A 49 5.56 -2.54 -0.17
N ILE A 50 4.97 -1.52 0.48
CA ILE A 50 3.59 -1.58 0.99
C ILE A 50 2.64 -2.00 -0.13
N PHE A 51 2.76 -1.33 -1.28
CA PHE A 51 1.88 -1.56 -2.41
C PHE A 51 2.20 -2.87 -3.14
N GLU A 52 3.48 -3.21 -3.22
CA GLU A 52 3.90 -4.49 -3.79
C GLU A 52 3.31 -5.67 -3.02
N ALA A 53 3.14 -5.60 -1.70
CA ALA A 53 2.54 -6.68 -0.94
C ALA A 53 1.16 -7.07 -1.48
N PHE A 54 0.28 -6.10 -1.73
CA PHE A 54 -1.06 -6.33 -2.26
C PHE A 54 -1.00 -6.92 -3.67
N ARG A 55 0.07 -6.63 -4.41
CA ARG A 55 0.38 -7.10 -5.76
C ARG A 55 0.89 -8.54 -5.77
N GLU A 56 1.55 -8.98 -4.71
CA GLU A 56 2.03 -10.35 -4.52
C GLU A 56 0.96 -11.25 -3.92
N ALA A 57 0.31 -10.81 -2.83
CA ALA A 57 -0.74 -11.59 -2.16
C ALA A 57 -1.90 -11.91 -3.10
N SER A 58 -2.25 -10.96 -3.96
CA SER A 58 -3.26 -11.18 -5.02
C SER A 58 -2.87 -12.24 -6.05
N ASN A 59 -1.56 -12.45 -6.28
CA ASN A 59 -1.01 -13.52 -7.10
C ASN A 59 -0.84 -14.86 -6.31
N GLY A 60 -1.10 -14.84 -5.00
CA GLY A 60 -1.02 -15.99 -4.07
C GLY A 60 0.19 -15.97 -3.14
N ASN A 61 0.93 -14.85 -3.08
CA ASN A 61 2.18 -14.71 -2.33
C ASN A 61 1.97 -14.08 -0.95
N THR A 62 1.06 -14.62 -0.14
CA THR A 62 0.85 -14.11 1.24
C THR A 62 2.16 -14.05 2.04
N GLU A 63 3.01 -15.08 1.92
CA GLU A 63 4.30 -15.18 2.62
C GLU A 63 5.34 -14.14 2.17
N LYS A 64 5.28 -13.71 0.89
CA LYS A 64 6.14 -12.65 0.34
C LYS A 64 5.55 -11.28 0.65
N ALA A 65 4.26 -11.09 0.37
CA ALA A 65 3.58 -9.84 0.61
C ALA A 65 3.75 -9.37 2.07
N LYS A 66 3.68 -10.30 3.02
CA LYS A 66 3.89 -9.96 4.44
C LYS A 66 5.30 -9.43 4.72
N LYS A 67 6.31 -9.92 4.00
CA LYS A 67 7.72 -9.52 4.14
C LYS A 67 7.98 -8.13 3.54
N LEU A 68 7.42 -7.82 2.37
CA LEU A 68 7.39 -6.48 1.78
C LEU A 68 6.78 -5.44 2.75
N LEU A 69 5.66 -5.80 3.39
CA LEU A 69 4.98 -4.98 4.40
C LEU A 69 5.87 -4.68 5.61
N GLU A 70 6.54 -5.70 6.14
CA GLU A 70 7.51 -5.56 7.22
C GLU A 70 8.69 -4.67 6.80
N GLU A 71 9.18 -4.83 5.58
CA GLU A 71 10.37 -4.12 5.08
C GLU A 71 10.12 -2.61 4.94
N ALA A 72 8.95 -2.27 4.39
CA ALA A 72 8.52 -0.88 4.30
C ALA A 72 8.32 -0.25 5.67
N ALA A 73 7.65 -0.96 6.56
CA ALA A 73 7.37 -0.49 7.91
C ALA A 73 8.67 -0.19 8.66
N ARG A 74 9.65 -1.11 8.62
CA ARG A 74 10.96 -0.92 9.25
C ARG A 74 11.72 0.26 8.66
N THR A 75 11.57 0.48 7.36
CA THR A 75 12.14 1.65 6.65
C THR A 75 11.50 2.97 7.09
N ALA A 76 10.17 3.03 7.21
CA ALA A 76 9.42 4.18 7.72
C ALA A 76 9.44 4.34 9.26
N GLY A 77 10.04 3.39 9.99
CA GLY A 77 10.16 3.39 11.45
C GLY A 77 8.89 2.99 12.21
N ALA A 78 8.00 2.22 11.58
CA ALA A 78 6.68 1.88 12.09
C ALA A 78 6.62 0.71 13.09
N SER A 79 5.49 0.63 13.79
CA SER A 79 5.26 -0.24 14.95
C SER A 79 5.11 -1.73 14.62
N PRO A 80 5.55 -2.65 15.51
CA PRO A 80 5.26 -4.08 15.37
C PRO A 80 3.76 -4.37 15.42
N GLU A 81 2.96 -3.52 16.10
CA GLU A 81 1.50 -3.59 16.10
C GLU A 81 0.88 -3.30 14.71
N ILE A 82 1.30 -2.26 13.98
CA ILE A 82 0.73 -1.95 12.67
C ILE A 82 1.21 -2.92 11.61
N ILE A 83 2.45 -3.42 11.77
CA ILE A 83 3.08 -4.40 10.88
C ILE A 83 2.20 -5.64 10.79
N LYS A 84 1.80 -6.21 11.94
CA LYS A 84 0.91 -7.39 11.95
C LYS A 84 -0.52 -7.07 11.53
N LYS A 85 -1.03 -5.88 11.88
CA LYS A 85 -2.37 -5.42 11.54
C LYS A 85 -2.57 -5.35 10.01
N LEU A 86 -1.67 -4.67 9.31
CA LEU A 86 -1.67 -4.59 7.85
C LEU A 86 -1.33 -5.95 7.23
N ALA A 87 -0.24 -6.59 7.65
CA ALA A 87 0.21 -7.88 7.08
C ALA A 87 -0.89 -8.97 7.13
N SER A 88 -1.80 -8.93 8.12
CA SER A 88 -2.96 -9.84 8.21
C SER A 88 -3.95 -9.68 7.04
N ALA A 89 -4.07 -8.47 6.47
CA ALA A 89 -4.87 -8.22 5.28
C ALA A 89 -4.33 -8.98 4.06
N LEU A 90 -3.01 -9.09 3.93
CA LEU A 90 -2.37 -9.81 2.83
C LEU A 90 -2.62 -11.32 2.92
N GLU A 91 -2.77 -11.87 4.13
CA GLU A 91 -3.05 -13.29 4.30
C GLU A 91 -4.44 -13.66 3.80
N ARG A 92 -5.45 -12.82 4.10
CA ARG A 92 -6.82 -12.98 3.56
C ARG A 92 -6.95 -12.59 2.09
N LEU A 93 -6.13 -11.66 1.57
CA LEU A 93 -6.19 -11.24 0.16
C LEU A 93 -5.87 -12.40 -0.81
N ALA A 94 -4.96 -13.29 -0.40
CA ALA A 94 -4.60 -14.51 -1.13
C ALA A 94 -5.70 -15.57 -1.05
N GLU A 95 -6.30 -15.77 0.13
CA GLU A 95 -7.41 -16.71 0.34
C GLU A 95 -8.67 -16.30 -0.45
N GLU A 96 -8.90 -14.98 -0.55
CA GLU A 96 -10.04 -14.36 -1.23
C GLU A 96 -9.95 -14.45 -2.77
N GLY A 97 -8.73 -14.54 -3.33
CA GLY A 97 -8.51 -14.60 -4.76
C GLY A 97 -8.46 -13.22 -5.41
N ALA A 98 -7.71 -12.30 -4.78
CA ALA A 98 -7.45 -10.92 -5.21
C ALA A 98 -8.66 -9.95 -5.21
N ALA A 99 -8.34 -8.65 -5.22
CA ALA A 99 -9.28 -7.56 -5.44
C ALA A 99 -9.24 -7.13 -6.91
N LYS A 100 -10.32 -7.30 -7.68
CA LYS A 100 -10.34 -7.02 -9.14
C LYS A 100 -10.18 -5.54 -9.49
N GLU A 101 -10.61 -4.64 -8.60
CA GLU A 101 -10.38 -3.20 -8.73
C GLU A 101 -8.90 -2.80 -8.58
N ALA A 102 -8.10 -3.60 -7.88
CA ALA A 102 -6.67 -3.31 -7.68
C ALA A 102 -5.87 -3.30 -8.99
N ALA A 103 -6.28 -4.08 -9.99
CA ALA A 103 -5.65 -4.07 -11.31
C ALA A 103 -5.87 -2.74 -12.04
N ARG A 104 -7.05 -2.14 -11.89
CA ARG A 104 -7.43 -0.82 -12.47
C ARG A 104 -6.79 0.33 -11.69
N GLN A 105 -6.76 0.20 -10.37
CA GLN A 105 -6.21 1.21 -9.48
C GLN A 105 -4.67 1.25 -9.49
N ALA A 106 -4.01 0.12 -9.71
CA ALA A 106 -2.56 0.09 -9.97
C ALA A 106 -2.22 0.78 -11.31
N GLU A 107 -2.98 0.54 -12.38
CA GLU A 107 -2.66 1.15 -13.68
C GLU A 107 -2.98 2.65 -13.72
N GLU A 108 -4.01 3.09 -12.98
CA GLU A 108 -4.36 4.51 -12.81
C GLU A 108 -3.21 5.33 -12.17
N VAL A 109 -2.43 4.74 -11.25
CA VAL A 109 -1.19 5.36 -10.74
C VAL A 109 -0.03 5.21 -11.73
N ARG A 110 0.14 4.03 -12.37
CA ARG A 110 1.27 3.78 -13.31
C ARG A 110 1.24 4.69 -14.55
N LYS A 111 0.06 5.17 -14.95
CA LYS A 111 -0.16 6.17 -16.01
C LYS A 111 0.64 7.47 -15.79
N ARG A 112 0.85 7.87 -14.53
CA ARG A 112 1.59 9.08 -14.13
C ARG A 112 2.94 8.78 -13.46
N GLY A 113 3.02 7.71 -12.67
CA GLY A 113 4.21 7.29 -11.93
C GLY A 113 5.31 6.62 -12.77
N SER A 114 6.26 5.98 -12.10
CA SER A 114 7.38 5.23 -12.70
C SER A 114 7.73 3.98 -11.89
N LEU A 115 8.26 2.95 -12.55
CA LEU A 115 8.75 1.73 -11.92
C LEU A 115 9.96 1.91 -11.02
N GLU A 116 10.80 2.91 -11.30
CA GLU A 116 12.09 3.09 -10.63
C GLU A 116 12.45 4.58 -10.45
N HIS A 117 12.86 4.95 -9.24
CA HIS A 117 13.34 6.31 -8.90
C HIS A 117 14.34 6.32 -7.71
N HIS A 118 14.74 5.15 -7.20
CA HIS A 118 15.50 5.00 -5.95
C HIS A 118 16.79 4.18 -6.11
N HIS A 119 16.75 3.09 -6.90
CA HIS A 119 17.85 2.18 -7.26
C HIS A 119 18.60 1.46 -6.11
N HIS A 120 18.44 1.89 -4.85
CA HIS A 120 19.06 1.28 -3.67
C HIS A 120 18.32 0.00 -3.23
N HIS A 121 19.07 -1.00 -2.78
CA HIS A 121 18.59 -2.34 -2.37
C HIS A 121 17.83 -3.11 -3.47
N HIS A 122 17.35 -4.32 -3.14
CA HIS A 122 16.46 -5.13 -3.99
C HIS A 122 14.99 -4.67 -3.88
N GLY A 1 5.21 20.32 -2.73
CA GLY A 1 4.55 19.03 -2.96
C GLY A 1 4.78 18.55 -4.38
N GLU A 2 5.46 17.41 -4.56
CA GLU A 2 5.93 16.91 -5.85
C GLU A 2 5.24 15.59 -6.25
N THR A 3 5.15 15.32 -7.56
CA THR A 3 4.48 14.11 -8.11
C THR A 3 5.09 12.79 -7.60
N LYS A 4 6.39 12.80 -7.27
CA LYS A 4 7.12 11.66 -6.68
C LYS A 4 6.54 11.24 -5.31
N ALA A 5 6.10 12.20 -4.52
CA ALA A 5 5.41 11.98 -3.24
C ALA A 5 3.91 11.70 -3.42
N LYS A 6 3.24 12.34 -4.39
CA LYS A 6 1.82 12.09 -4.72
C LYS A 6 1.59 10.63 -5.12
N ALA A 7 2.38 10.09 -6.04
CA ALA A 7 2.27 8.69 -6.47
C ALA A 7 2.47 7.69 -5.32
N ALA A 8 3.30 8.02 -4.32
CA ALA A 8 3.49 7.20 -3.12
C ALA A 8 2.24 7.18 -2.22
N GLN A 9 1.67 8.35 -1.89
CA GLN A 9 0.43 8.43 -1.12
C GLN A 9 -0.78 7.85 -1.85
N GLU A 10 -0.84 8.03 -3.17
CA GLU A 10 -1.85 7.44 -4.05
C GLU A 10 -1.72 5.92 -4.10
N ALA A 11 -0.53 5.34 -3.92
CA ALA A 11 -0.38 3.89 -3.86
C ALA A 11 -1.11 3.28 -2.63
N LEU A 12 -0.89 3.83 -1.42
CA LEU A 12 -1.58 3.35 -0.21
C LEU A 12 -3.07 3.72 -0.23
N ARG A 13 -3.41 4.95 -0.65
CA ARG A 13 -4.80 5.41 -0.78
C ARG A 13 -5.60 4.54 -1.76
N ALA A 14 -5.00 4.19 -2.90
CA ALA A 14 -5.57 3.24 -3.84
C ALA A 14 -5.75 1.86 -3.22
N ALA A 15 -4.77 1.38 -2.43
CA ALA A 15 -4.85 0.09 -1.74
C ALA A 15 -6.03 0.00 -0.76
N ARG A 16 -6.39 1.11 -0.08
CA ARG A 16 -7.59 1.17 0.78
C ARG A 16 -8.89 1.11 -0.04
N GLU A 17 -8.91 1.70 -1.23
CA GLU A 17 -10.06 1.72 -2.14
C GLU A 17 -10.30 0.36 -2.85
N GLN A 18 -9.22 -0.28 -3.30
CA GLN A 18 -9.25 -1.57 -4.03
C GLN A 18 -9.39 -2.80 -3.11
N ALA A 19 -9.11 -2.65 -1.82
CA ALA A 19 -9.32 -3.70 -0.82
C ALA A 19 -10.82 -4.07 -0.71
N THR A 20 -11.18 -5.23 -1.23
CA THR A 20 -12.58 -5.70 -1.37
C THR A 20 -13.24 -6.04 -0.02
N THR A 21 -12.43 -6.38 0.98
CA THR A 21 -12.87 -6.69 2.36
C THR A 21 -12.77 -5.47 3.28
N PRO A 22 -13.76 -5.27 4.17
CA PRO A 22 -13.76 -4.20 5.18
C PRO A 22 -12.64 -4.35 6.21
N GLU A 23 -12.22 -5.59 6.50
CA GLU A 23 -11.14 -5.88 7.44
C GLU A 23 -9.79 -5.38 6.92
N ALA A 24 -9.58 -5.48 5.60
CA ALA A 24 -8.38 -4.98 4.95
C ALA A 24 -8.34 -3.44 4.88
N GLN A 25 -9.49 -2.78 4.69
CA GLN A 25 -9.54 -1.32 4.59
C GLN A 25 -9.10 -0.61 5.88
N LYS A 26 -9.57 -1.09 7.04
CA LYS A 26 -9.15 -0.55 8.35
C LYS A 26 -7.70 -0.92 8.71
N ALA A 27 -7.26 -2.11 8.29
CA ALA A 27 -5.88 -2.56 8.48
C ALA A 27 -4.87 -1.69 7.71
N LEU A 28 -5.26 -1.23 6.51
CA LEU A 28 -4.54 -0.24 5.70
C LEU A 28 -4.38 1.11 6.41
N GLU A 29 -5.46 1.60 7.04
CA GLU A 29 -5.46 2.85 7.81
C GLU A 29 -4.50 2.81 9.02
N GLU A 30 -4.21 1.62 9.57
CA GLU A 30 -3.29 1.50 10.70
C GLU A 30 -1.86 1.93 10.34
N LEU A 31 -1.35 1.47 9.19
CA LEU A 31 -0.01 1.83 8.74
C LEU A 31 0.07 3.34 8.48
N GLU A 32 -0.93 3.87 7.79
CA GLU A 32 -1.05 5.28 7.38
C GLU A 32 -0.94 6.26 8.54
N LYS A 33 -1.37 5.88 9.75
CA LYS A 33 -1.31 6.75 10.93
C LYS A 33 0.13 6.98 11.38
N VAL A 34 0.98 5.98 11.15
CA VAL A 34 2.43 6.05 11.38
C VAL A 34 3.16 6.73 10.23
N LEU A 35 2.81 6.42 8.97
CA LEU A 35 3.37 7.13 7.82
C LEU A 35 3.04 8.63 7.86
N LYS A 36 1.90 9.02 8.45
CA LYS A 36 1.52 10.41 8.66
C LYS A 36 2.53 11.18 9.53
N THR A 37 3.27 10.49 10.38
CA THR A 37 4.36 11.02 11.23
C THR A 37 5.75 10.74 10.68
N ALA A 38 5.85 10.04 9.53
CA ALA A 38 7.10 9.60 8.92
C ALA A 38 7.67 10.65 7.94
N SER A 39 8.91 10.44 7.49
CA SER A 39 9.64 11.35 6.58
C SER A 39 9.22 11.11 5.13
N PRO A 40 9.09 12.15 4.27
CA PRO A 40 8.61 12.00 2.89
C PRO A 40 9.50 11.08 2.03
N GLU A 41 10.81 11.04 2.29
CA GLU A 41 11.73 10.16 1.56
C GLU A 41 11.46 8.68 1.91
N GLN A 42 11.33 8.40 3.21
CA GLN A 42 10.97 7.08 3.73
C GLN A 42 9.54 6.68 3.35
N TRP A 43 8.66 7.65 3.16
CA TRP A 43 7.31 7.44 2.66
C TRP A 43 7.33 6.80 1.27
N ARG A 44 8.21 7.28 0.37
CA ARG A 44 8.37 6.72 -0.98
C ARG A 44 8.99 5.33 -0.93
N GLN A 45 10.00 5.16 -0.08
CA GLN A 45 10.65 3.86 0.14
C GLN A 45 9.65 2.82 0.67
N ALA A 46 8.79 3.22 1.61
CA ALA A 46 7.77 2.37 2.19
C ALA A 46 6.65 2.05 1.20
N ALA A 47 6.04 3.08 0.59
CA ALA A 47 4.86 2.90 -0.26
C ALA A 47 5.13 1.92 -1.42
N GLU A 48 6.37 1.82 -1.90
CA GLU A 48 6.76 0.81 -2.88
C GLU A 48 6.50 -0.62 -2.38
N LYS A 49 6.99 -1.01 -1.19
CA LYS A 49 6.82 -2.37 -0.67
C LYS A 49 5.40 -2.57 -0.16
N ILE A 50 4.82 -1.54 0.46
CA ILE A 50 3.42 -1.55 0.93
C ILE A 50 2.51 -1.95 -0.25
N PHE A 51 2.66 -1.28 -1.38
CA PHE A 51 1.81 -1.50 -2.55
C PHE A 51 2.17 -2.78 -3.31
N GLU A 52 3.45 -3.14 -3.36
CA GLU A 52 3.90 -4.42 -3.88
C GLU A 52 3.26 -5.59 -3.11
N ALA A 53 3.08 -5.52 -1.79
CA ALA A 53 2.48 -6.61 -1.02
C ALA A 53 1.10 -7.01 -1.57
N PHE A 54 0.24 -6.03 -1.84
CA PHE A 54 -1.12 -6.27 -2.34
C PHE A 54 -1.09 -6.89 -3.74
N ARG A 55 -0.04 -6.60 -4.52
CA ARG A 55 0.21 -7.14 -5.86
C ARG A 55 0.71 -8.58 -5.82
N GLU A 56 1.47 -8.93 -4.78
CA GLU A 56 1.96 -10.29 -4.57
C GLU A 56 0.89 -11.19 -3.98
N ALA A 57 0.23 -10.76 -2.89
CA ALA A 57 -0.81 -11.54 -2.22
C ALA A 57 -1.98 -11.90 -3.14
N SER A 58 -2.36 -10.96 -4.01
CA SER A 58 -3.39 -11.20 -5.04
C SER A 58 -2.96 -12.16 -6.16
N ASN A 59 -1.66 -12.37 -6.32
CA ASN A 59 -1.08 -13.43 -7.16
C ASN A 59 -0.90 -14.77 -6.40
N GLY A 60 -1.16 -14.79 -5.08
CA GLY A 60 -1.06 -15.94 -4.17
C GLY A 60 0.14 -15.91 -3.23
N ASN A 61 0.87 -14.78 -3.16
CA ASN A 61 2.13 -14.64 -2.42
C ASN A 61 1.90 -14.01 -1.04
N THR A 62 1.03 -14.56 -0.20
CA THR A 62 0.85 -14.07 1.17
C THR A 62 2.18 -14.05 1.95
N GLU A 63 3.02 -15.08 1.78
CA GLU A 63 4.34 -15.22 2.42
C GLU A 63 5.35 -14.15 2.00
N LYS A 64 5.27 -13.68 0.75
CA LYS A 64 6.10 -12.58 0.24
C LYS A 64 5.49 -11.23 0.57
N ALA A 65 4.20 -11.04 0.28
CA ALA A 65 3.51 -9.80 0.54
C ALA A 65 3.66 -9.34 1.99
N LYS A 66 3.63 -10.28 2.94
CA LYS A 66 3.81 -9.96 4.37
C LYS A 66 5.22 -9.45 4.69
N LYS A 67 6.25 -9.95 3.98
CA LYS A 67 7.66 -9.56 4.13
C LYS A 67 7.91 -8.17 3.54
N LEU A 68 7.32 -7.85 2.38
CA LEU A 68 7.30 -6.49 1.81
C LEU A 68 6.68 -5.49 2.80
N LEU A 69 5.55 -5.84 3.41
CA LEU A 69 4.85 -5.01 4.41
C LEU A 69 5.74 -4.70 5.62
N GLU A 70 6.41 -5.72 6.15
CA GLU A 70 7.37 -5.58 7.24
C GLU A 70 8.56 -4.70 6.83
N GLU A 71 9.07 -4.87 5.60
CA GLU A 71 10.25 -4.15 5.10
C GLU A 71 9.98 -2.64 4.99
N ALA A 72 8.82 -2.29 4.44
CA ALA A 72 8.39 -0.90 4.34
C ALA A 72 8.17 -0.26 5.70
N ALA A 73 7.52 -0.99 6.61
CA ALA A 73 7.26 -0.50 7.96
C ALA A 73 8.57 -0.22 8.70
N ARG A 74 9.53 -1.14 8.66
CA ARG A 74 10.84 -0.97 9.31
C ARG A 74 11.64 0.18 8.68
N THR A 75 11.45 0.43 7.38
CA THR A 75 12.02 1.59 6.66
C THR A 75 11.38 2.91 7.11
N ALA A 76 10.05 2.96 7.24
CA ALA A 76 9.32 4.14 7.72
C ALA A 76 9.36 4.33 9.25
N GLY A 77 9.94 3.36 9.99
CA GLY A 77 10.09 3.38 11.45
C GLY A 77 8.83 2.98 12.22
N ALA A 78 7.93 2.22 11.59
CA ALA A 78 6.61 1.89 12.09
C ALA A 78 6.57 0.72 13.09
N SER A 79 5.44 0.63 13.80
CA SER A 79 5.21 -0.22 14.97
C SER A 79 5.01 -1.72 14.68
N PRO A 80 5.44 -2.63 15.58
CA PRO A 80 5.08 -4.05 15.48
C PRO A 80 3.56 -4.25 15.61
N GLU A 81 2.85 -3.34 16.29
CA GLU A 81 1.39 -3.26 16.33
C GLU A 81 0.76 -3.10 14.94
N ILE A 82 1.25 -2.20 14.08
CA ILE A 82 0.68 -1.95 12.74
C ILE A 82 1.16 -2.96 11.70
N ILE A 83 2.38 -3.46 11.89
CA ILE A 83 3.06 -4.38 10.97
C ILE A 83 2.21 -5.64 10.81
N LYS A 84 1.82 -6.24 11.93
CA LYS A 84 0.98 -7.44 11.95
C LYS A 84 -0.42 -7.16 11.43
N LYS A 85 -0.93 -5.95 11.68
CA LYS A 85 -2.30 -5.51 11.42
C LYS A 85 -2.59 -5.37 9.93
N LEU A 86 -1.76 -4.61 9.22
CA LEU A 86 -1.78 -4.50 7.77
C LEU A 86 -1.41 -5.87 7.15
N ALA A 87 -0.31 -6.50 7.60
CA ALA A 87 0.13 -7.78 7.02
C ALA A 87 -0.93 -8.89 7.10
N SER A 88 -1.81 -8.89 8.11
CA SER A 88 -2.95 -9.81 8.23
C SER A 88 -3.98 -9.63 7.10
N ALA A 89 -4.12 -8.42 6.54
CA ALA A 89 -4.94 -8.17 5.36
C ALA A 89 -4.40 -8.93 4.13
N LEU A 90 -3.08 -9.00 3.97
CA LEU A 90 -2.44 -9.72 2.87
C LEU A 90 -2.67 -11.23 2.96
N GLU A 91 -2.80 -11.77 4.17
CA GLU A 91 -3.11 -13.20 4.37
C GLU A 91 -4.51 -13.54 3.84
N ARG A 92 -5.52 -12.72 4.16
CA ARG A 92 -6.89 -12.88 3.63
C ARG A 92 -6.99 -12.55 2.14
N LEU A 93 -6.17 -11.62 1.63
CA LEU A 93 -6.20 -11.22 0.21
C LEU A 93 -5.82 -12.39 -0.73
N ALA A 94 -4.92 -13.27 -0.28
CA ALA A 94 -4.49 -14.46 -1.03
C ALA A 94 -5.54 -15.58 -1.03
N GLU A 95 -6.19 -15.85 0.11
CA GLU A 95 -7.23 -16.88 0.18
C GLU A 95 -8.57 -16.42 -0.41
N GLU A 96 -8.85 -15.11 -0.46
CA GLU A 96 -9.99 -14.57 -1.22
C GLU A 96 -9.75 -14.84 -2.72
N GLY A 97 -8.54 -14.55 -3.21
CA GLY A 97 -8.05 -14.99 -4.52
C GLY A 97 -7.14 -13.97 -5.21
N ALA A 98 -7.51 -12.69 -5.18
CA ALA A 98 -6.93 -11.57 -5.92
C ALA A 98 -7.61 -10.24 -5.53
N ALA A 99 -7.20 -9.14 -6.17
CA ALA A 99 -7.86 -7.83 -6.10
C ALA A 99 -7.75 -7.11 -7.46
N LYS A 100 -8.61 -7.47 -8.41
CA LYS A 100 -8.58 -6.98 -9.81
C LYS A 100 -8.75 -5.46 -9.92
N GLU A 101 -9.43 -4.86 -8.96
CA GLU A 101 -9.58 -3.42 -8.77
C GLU A 101 -8.23 -2.68 -8.66
N ALA A 102 -7.20 -3.35 -8.12
CA ALA A 102 -5.88 -2.77 -7.97
C ALA A 102 -5.27 -2.37 -9.32
N ALA A 103 -5.57 -3.10 -10.40
CA ALA A 103 -5.08 -2.78 -11.74
C ALA A 103 -5.70 -1.48 -12.28
N ARG A 104 -7.04 -1.33 -12.24
CA ARG A 104 -7.71 -0.10 -12.70
C ARG A 104 -7.42 1.11 -11.81
N GLN A 105 -7.23 0.91 -10.50
CA GLN A 105 -6.80 1.99 -9.61
C GLN A 105 -5.34 2.40 -9.82
N ALA A 106 -4.41 1.45 -10.07
CA ALA A 106 -3.02 1.76 -10.38
C ALA A 106 -2.87 2.47 -11.75
N GLU A 107 -3.67 2.08 -12.75
CA GLU A 107 -3.70 2.75 -14.06
C GLU A 107 -4.14 4.22 -13.96
N GLU A 108 -5.02 4.57 -13.01
CA GLU A 108 -5.40 5.97 -12.75
C GLU A 108 -4.22 6.80 -12.22
N VAL A 109 -3.31 6.20 -11.44
CA VAL A 109 -2.06 6.84 -10.96
C VAL A 109 -1.00 6.89 -12.05
N ARG A 110 -0.87 5.83 -12.87
CA ARG A 110 0.13 5.76 -13.97
C ARG A 110 -0.17 6.79 -15.08
N LYS A 111 -1.44 7.15 -15.28
CA LYS A 111 -1.88 8.22 -16.18
C LYS A 111 -1.33 9.59 -15.76
N ARG A 112 -1.44 9.93 -14.46
CA ARG A 112 -0.92 11.17 -13.85
C ARG A 112 -1.02 11.14 -12.32
N GLY A 113 -0.12 11.85 -11.65
CA GLY A 113 -0.26 12.15 -10.23
C GLY A 113 -1.38 13.18 -10.00
N SER A 114 -2.16 13.04 -8.94
CA SER A 114 -3.41 13.80 -8.73
C SER A 114 -3.37 14.79 -7.56
N LEU A 115 -4.38 15.66 -7.56
CA LEU A 115 -4.76 16.58 -6.48
C LEU A 115 -6.20 16.40 -5.99
N GLU A 116 -7.07 15.79 -6.80
CA GLU A 116 -8.50 15.74 -6.53
C GLU A 116 -9.17 14.51 -7.18
N HIS A 117 -9.03 14.38 -8.51
CA HIS A 117 -9.69 13.33 -9.31
C HIS A 117 -8.92 12.99 -10.61
N HIS A 118 -8.47 14.01 -11.36
CA HIS A 118 -7.74 13.89 -12.64
C HIS A 118 -8.47 13.02 -13.71
N HIS A 119 -9.81 13.04 -13.67
CA HIS A 119 -10.75 12.19 -14.43
C HIS A 119 -10.66 10.68 -14.12
N HIS A 120 -11.82 10.02 -14.08
CA HIS A 120 -11.99 8.60 -13.77
C HIS A 120 -11.33 7.64 -14.79
N HIS A 121 -11.06 6.41 -14.33
CA HIS A 121 -10.56 5.29 -15.14
C HIS A 121 -11.19 3.96 -14.68
N HIS A 122 -11.38 3.00 -15.60
CA HIS A 122 -11.98 1.68 -15.36
C HIS A 122 -11.41 0.57 -16.26
N GLY A 1 5.89 21.00 -6.95
CA GLY A 1 4.99 19.89 -6.59
C GLY A 1 5.76 18.59 -6.46
N GLU A 2 5.65 17.90 -5.32
CA GLU A 2 6.37 16.66 -5.01
C GLU A 2 5.63 15.43 -5.55
N THR A 3 5.66 15.25 -6.88
CA THR A 3 4.91 14.20 -7.61
C THR A 3 5.27 12.77 -7.16
N LYS A 4 6.50 12.52 -6.71
CA LYS A 4 6.94 11.21 -6.17
C LYS A 4 6.31 10.92 -4.80
N ALA A 5 6.23 11.91 -3.92
CA ALA A 5 5.55 11.80 -2.64
C ALA A 5 4.02 11.71 -2.79
N LYS A 6 3.45 12.33 -3.83
CA LYS A 6 2.04 12.19 -4.20
C LYS A 6 1.74 10.77 -4.71
N ALA A 7 2.53 10.27 -5.67
CA ALA A 7 2.43 8.91 -6.19
C ALA A 7 2.56 7.84 -5.08
N ALA A 8 3.47 8.05 -4.12
CA ALA A 8 3.61 7.18 -2.95
C ALA A 8 2.33 7.14 -2.08
N GLN A 9 1.77 8.31 -1.74
CA GLN A 9 0.50 8.39 -1.00
C GLN A 9 -0.68 7.82 -1.78
N GLU A 10 -0.74 8.06 -3.09
CA GLU A 10 -1.76 7.52 -3.99
C GLU A 10 -1.66 6.00 -4.09
N ALA A 11 -0.47 5.40 -3.93
CA ALA A 11 -0.32 3.95 -3.92
C ALA A 11 -1.05 3.30 -2.73
N LEU A 12 -0.84 3.80 -1.49
CA LEU A 12 -1.54 3.29 -0.31
C LEU A 12 -3.02 3.70 -0.30
N ARG A 13 -3.34 4.94 -0.69
CA ARG A 13 -4.71 5.45 -0.78
C ARG A 13 -5.56 4.64 -1.75
N ALA A 14 -5.02 4.32 -2.94
CA ALA A 14 -5.66 3.43 -3.89
C ALA A 14 -5.78 1.99 -3.36
N ALA A 15 -4.79 1.51 -2.59
CA ALA A 15 -4.89 0.20 -1.92
C ALA A 15 -6.05 0.13 -0.92
N ARG A 16 -6.28 1.20 -0.15
CA ARG A 16 -7.37 1.30 0.82
C ARG A 16 -8.74 1.47 0.16
N GLU A 17 -8.78 2.01 -1.05
CA GLU A 17 -9.98 2.13 -1.88
C GLU A 17 -10.33 0.82 -2.61
N GLN A 18 -9.32 0.13 -3.17
CA GLN A 18 -9.50 -1.05 -4.03
C GLN A 18 -9.70 -2.36 -3.26
N ALA A 19 -9.31 -2.42 -1.97
CA ALA A 19 -9.28 -3.64 -1.17
C ALA A 19 -10.69 -4.24 -1.02
N THR A 20 -10.84 -5.50 -1.44
CA THR A 20 -12.15 -6.17 -1.62
C THR A 20 -12.83 -6.63 -0.32
N THR A 21 -12.15 -6.55 0.83
CA THR A 21 -12.70 -6.89 2.16
C THR A 21 -12.58 -5.72 3.13
N PRO A 22 -13.61 -5.46 3.96
CA PRO A 22 -13.63 -4.38 4.95
C PRO A 22 -12.54 -4.54 6.02
N GLU A 23 -12.17 -5.78 6.34
CA GLU A 23 -11.11 -6.09 7.31
C GLU A 23 -9.73 -5.68 6.79
N ALA A 24 -9.53 -5.72 5.48
CA ALA A 24 -8.33 -5.19 4.85
C ALA A 24 -8.34 -3.66 4.84
N GLN A 25 -9.47 -3.03 4.48
CA GLN A 25 -9.56 -1.57 4.36
C GLN A 25 -9.19 -0.85 5.66
N LYS A 26 -9.70 -1.33 6.81
CA LYS A 26 -9.40 -0.78 8.14
C LYS A 26 -7.97 -1.08 8.61
N ALA A 27 -7.42 -2.23 8.22
CA ALA A 27 -6.06 -2.64 8.54
C ALA A 27 -5.01 -1.81 7.75
N LEU A 28 -5.32 -1.40 6.52
CA LEU A 28 -4.50 -0.49 5.72
C LEU A 28 -4.41 0.91 6.33
N GLU A 29 -5.50 1.40 6.93
CA GLU A 29 -5.51 2.69 7.63
C GLU A 29 -4.54 2.72 8.83
N GLU A 30 -4.23 1.58 9.45
CA GLU A 30 -3.32 1.52 10.60
C GLU A 30 -1.89 1.93 10.26
N LEU A 31 -1.37 1.45 9.13
CA LEU A 31 -0.06 1.89 8.63
C LEU A 31 -0.09 3.38 8.32
N GLU A 32 -1.19 3.88 7.76
CA GLU A 32 -1.34 5.29 7.37
C GLU A 32 -1.16 6.22 8.57
N LYS A 33 -1.63 5.83 9.77
CA LYS A 33 -1.38 6.58 11.02
C LYS A 33 0.12 6.75 11.33
N VAL A 34 0.96 5.74 11.03
CA VAL A 34 2.41 5.79 11.24
C VAL A 34 3.10 6.60 10.15
N LEU A 35 2.74 6.36 8.89
CA LEU A 35 3.34 7.04 7.75
C LEU A 35 2.98 8.55 7.76
N LYS A 36 1.83 8.92 8.33
CA LYS A 36 1.41 10.33 8.48
C LYS A 36 2.39 11.17 9.31
N THR A 37 3.11 10.53 10.24
CA THR A 37 4.16 11.14 11.07
C THR A 37 5.57 10.68 10.69
N ALA A 38 5.71 9.96 9.56
CA ALA A 38 6.99 9.51 9.00
C ALA A 38 7.57 10.54 7.99
N SER A 39 8.81 10.32 7.53
CA SER A 39 9.55 11.22 6.63
C SER A 39 9.11 11.02 5.17
N PRO A 40 9.03 12.09 4.34
CA PRO A 40 8.59 11.97 2.95
C PRO A 40 9.50 11.09 2.08
N GLU A 41 10.80 11.04 2.37
CA GLU A 41 11.73 10.18 1.64
C GLU A 41 11.46 8.70 1.96
N GLN A 42 11.29 8.39 3.25
CA GLN A 42 10.91 7.06 3.73
C GLN A 42 9.52 6.66 3.28
N TRP A 43 8.63 7.63 3.08
CA TRP A 43 7.30 7.40 2.53
C TRP A 43 7.37 6.76 1.14
N ARG A 44 8.27 7.22 0.26
CA ARG A 44 8.46 6.62 -1.07
C ARG A 44 9.07 5.23 -0.97
N GLN A 45 10.09 5.09 -0.10
CA GLN A 45 10.73 3.80 0.16
C GLN A 45 9.73 2.75 0.68
N ALA A 46 8.84 3.17 1.58
CA ALA A 46 7.82 2.31 2.16
C ALA A 46 6.69 2.01 1.16
N ALA A 47 6.07 3.03 0.55
CA ALA A 47 4.91 2.85 -0.32
C ALA A 47 5.21 1.88 -1.48
N GLU A 48 6.46 1.84 -1.95
CA GLU A 48 6.96 0.90 -2.95
C GLU A 48 6.73 -0.57 -2.54
N LYS A 49 7.11 -0.98 -1.32
CA LYS A 49 6.90 -2.34 -0.82
C LYS A 49 5.47 -2.55 -0.34
N ILE A 50 4.87 -1.54 0.30
CA ILE A 50 3.47 -1.58 0.78
C ILE A 50 2.55 -1.97 -0.38
N PHE A 51 2.68 -1.27 -1.51
CA PHE A 51 1.83 -1.48 -2.68
C PHE A 51 2.19 -2.74 -3.46
N GLU A 52 3.46 -3.12 -3.47
CA GLU A 52 3.91 -4.41 -4.00
C GLU A 52 3.24 -5.57 -3.23
N ALA A 53 3.10 -5.50 -1.90
CA ALA A 53 2.52 -6.58 -1.11
C ALA A 53 1.14 -6.99 -1.61
N PHE A 54 0.27 -6.02 -1.86
CA PHE A 54 -1.10 -6.26 -2.35
C PHE A 54 -1.10 -6.88 -3.75
N ARG A 55 -0.06 -6.61 -4.54
CA ARG A 55 0.15 -7.20 -5.88
C ARG A 55 0.63 -8.65 -5.80
N GLU A 56 1.42 -8.98 -4.79
CA GLU A 56 1.92 -10.33 -4.57
C GLU A 56 0.85 -11.21 -3.93
N ALA A 57 0.23 -10.77 -2.83
CA ALA A 57 -0.79 -11.54 -2.11
C ALA A 57 -1.98 -11.90 -2.99
N SER A 58 -2.39 -10.96 -3.85
CA SER A 58 -3.46 -11.22 -4.83
C SER A 58 -3.09 -12.24 -5.91
N ASN A 59 -1.80 -12.41 -6.18
CA ASN A 59 -1.25 -13.47 -7.03
C ASN A 59 -1.06 -14.81 -6.26
N GLY A 60 -1.26 -14.80 -4.94
CA GLY A 60 -1.14 -15.95 -4.03
C GLY A 60 0.11 -15.93 -3.14
N ASN A 61 0.84 -14.80 -3.09
CA ASN A 61 2.11 -14.66 -2.39
C ASN A 61 1.94 -14.04 -0.99
N THR A 62 1.07 -14.58 -0.15
CA THR A 62 0.91 -14.10 1.24
C THR A 62 2.24 -14.04 2.00
N GLU A 63 3.09 -15.06 1.83
CA GLU A 63 4.42 -15.17 2.45
C GLU A 63 5.42 -14.12 1.99
N LYS A 64 5.32 -13.66 0.73
CA LYS A 64 6.14 -12.58 0.18
C LYS A 64 5.53 -11.22 0.51
N ALA A 65 4.25 -11.04 0.26
CA ALA A 65 3.55 -9.80 0.52
C ALA A 65 3.70 -9.33 1.97
N LYS A 66 3.67 -10.27 2.92
CA LYS A 66 3.88 -9.95 4.35
C LYS A 66 5.31 -9.43 4.62
N LYS A 67 6.30 -9.94 3.86
CA LYS A 67 7.71 -9.57 3.99
C LYS A 67 7.96 -8.17 3.42
N LEU A 68 7.35 -7.84 2.28
CA LEU A 68 7.33 -6.48 1.72
C LEU A 68 6.74 -5.47 2.72
N LEU A 69 5.62 -5.82 3.37
CA LEU A 69 4.99 -4.97 4.40
C LEU A 69 5.91 -4.68 5.59
N GLU A 70 6.56 -5.72 6.13
CA GLU A 70 7.53 -5.59 7.21
C GLU A 70 8.74 -4.75 6.78
N GLU A 71 9.20 -4.90 5.55
CA GLU A 71 10.36 -4.17 5.01
C GLU A 71 10.08 -2.66 4.92
N ALA A 72 8.93 -2.30 4.36
CA ALA A 72 8.49 -0.91 4.27
C ALA A 72 8.27 -0.28 5.63
N ALA A 73 7.59 -1.01 6.53
CA ALA A 73 7.28 -0.55 7.86
C ALA A 73 8.54 -0.26 8.69
N ARG A 74 9.55 -1.13 8.62
CA ARG A 74 10.83 -0.94 9.31
C ARG A 74 11.60 0.26 8.73
N THR A 75 11.49 0.46 7.41
CA THR A 75 12.06 1.63 6.71
C THR A 75 11.40 2.94 7.17
N ALA A 76 10.07 2.97 7.25
CA ALA A 76 9.31 4.15 7.71
C ALA A 76 9.17 4.28 9.25
N GLY A 77 9.82 3.41 10.03
CA GLY A 77 9.85 3.49 11.50
C GLY A 77 8.53 3.15 12.21
N ALA A 78 7.74 2.23 11.65
CA ALA A 78 6.45 1.81 12.18
C ALA A 78 6.49 1.09 13.55
N SER A 79 5.29 0.88 14.10
CA SER A 79 5.01 0.04 15.28
C SER A 79 4.93 -1.45 14.93
N PRO A 80 5.35 -2.38 15.79
CA PRO A 80 5.08 -3.81 15.61
C PRO A 80 3.58 -4.11 15.61
N GLU A 81 2.78 -3.26 16.28
CA GLU A 81 1.32 -3.38 16.35
C GLU A 81 0.60 -3.17 15.02
N ILE A 82 1.07 -2.27 14.14
CA ILE A 82 0.53 -2.05 12.78
C ILE A 82 1.09 -3.03 11.76
N ILE A 83 2.33 -3.47 11.97
CA ILE A 83 3.07 -4.38 11.07
C ILE A 83 2.29 -5.67 10.94
N LYS A 84 1.91 -6.26 12.09
CA LYS A 84 1.09 -7.47 12.12
C LYS A 84 -0.29 -7.23 11.50
N LYS A 85 -0.83 -6.03 11.68
CA LYS A 85 -2.20 -5.64 11.32
C LYS A 85 -2.40 -5.47 9.83
N LEU A 86 -1.56 -4.67 9.17
CA LEU A 86 -1.57 -4.53 7.72
C LEU A 86 -1.18 -5.86 7.10
N ALA A 87 -0.10 -6.50 7.56
CA ALA A 87 0.36 -7.78 7.00
C ALA A 87 -0.73 -8.88 7.05
N SER A 88 -1.60 -8.88 8.07
CA SER A 88 -2.78 -9.77 8.17
C SER A 88 -3.77 -9.58 7.01
N ALA A 89 -3.92 -8.34 6.51
CA ALA A 89 -4.72 -8.04 5.32
C ALA A 89 -4.22 -8.81 4.09
N LEU A 90 -2.90 -8.94 3.94
CA LEU A 90 -2.27 -9.70 2.85
C LEU A 90 -2.52 -11.21 2.98
N GLU A 91 -2.62 -11.72 4.21
CA GLU A 91 -2.90 -13.14 4.44
C GLU A 91 -4.31 -13.53 4.02
N ARG A 92 -5.31 -12.66 4.30
CA ARG A 92 -6.69 -12.84 3.80
C ARG A 92 -6.83 -12.55 2.30
N LEU A 93 -6.04 -11.64 1.72
CA LEU A 93 -6.15 -11.25 0.30
C LEU A 93 -5.88 -12.41 -0.67
N ALA A 94 -5.00 -13.33 -0.27
CA ALA A 94 -4.66 -14.52 -1.04
C ALA A 94 -5.81 -15.56 -1.05
N GLU A 95 -6.38 -15.86 0.12
CA GLU A 95 -7.48 -16.84 0.23
C GLU A 95 -8.85 -16.27 -0.21
N GLU A 96 -9.05 -14.95 -0.13
CA GLU A 96 -10.27 -14.26 -0.60
C GLU A 96 -10.42 -14.32 -2.14
N GLY A 97 -9.32 -14.47 -2.88
CA GLY A 97 -9.33 -14.61 -4.34
C GLY A 97 -9.09 -13.29 -5.08
N ALA A 98 -8.08 -12.53 -4.65
CA ALA A 98 -7.61 -11.28 -5.27
C ALA A 98 -8.57 -10.08 -5.22
N ALA A 99 -8.02 -8.89 -5.48
CA ALA A 99 -8.73 -7.62 -5.62
C ALA A 99 -8.52 -7.05 -7.04
N LYS A 100 -9.33 -7.48 -8.00
CA LYS A 100 -9.23 -7.12 -9.43
C LYS A 100 -9.28 -5.62 -9.72
N GLU A 101 -9.97 -4.87 -8.86
CA GLU A 101 -10.03 -3.41 -8.89
C GLU A 101 -8.63 -2.77 -8.81
N ALA A 102 -7.68 -3.43 -8.15
CA ALA A 102 -6.30 -2.96 -8.06
C ALA A 102 -5.64 -2.73 -9.42
N ALA A 103 -6.02 -3.50 -10.45
CA ALA A 103 -5.47 -3.38 -11.80
C ALA A 103 -5.90 -2.09 -12.52
N ARG A 104 -7.12 -1.58 -12.27
CA ARG A 104 -7.55 -0.24 -12.73
C ARG A 104 -7.01 0.89 -11.84
N GLN A 105 -6.92 0.68 -10.53
CA GLN A 105 -6.59 1.73 -9.56
C GLN A 105 -5.11 2.14 -9.60
N ALA A 106 -4.21 1.21 -9.96
CA ALA A 106 -2.79 1.48 -10.14
C ALA A 106 -2.46 2.43 -11.31
N GLU A 107 -3.31 2.50 -12.34
CA GLU A 107 -3.06 3.28 -13.56
C GLU A 107 -2.88 4.79 -13.29
N GLU A 108 -3.56 5.34 -12.28
CA GLU A 108 -3.40 6.75 -11.87
C GLU A 108 -1.98 7.03 -11.35
N VAL A 109 -1.39 6.08 -10.60
CA VAL A 109 -0.03 6.19 -10.05
C VAL A 109 1.03 5.94 -11.13
N ARG A 110 0.73 5.09 -12.11
CA ARG A 110 1.56 4.86 -13.32
C ARG A 110 1.62 6.09 -14.21
N LYS A 111 0.48 6.76 -14.46
CA LYS A 111 0.38 7.95 -15.32
C LYS A 111 0.93 9.23 -14.68
N ARG A 112 0.71 9.41 -13.37
CA ARG A 112 1.04 10.62 -12.57
C ARG A 112 0.37 11.90 -13.10
N GLY A 113 0.61 13.04 -12.44
CA GLY A 113 0.07 14.35 -12.80
C GLY A 113 0.14 15.38 -11.67
N SER A 114 -0.49 16.54 -11.88
CA SER A 114 -0.62 17.61 -10.86
C SER A 114 -1.62 17.24 -9.76
N LEU A 115 -1.44 17.83 -8.57
CA LEU A 115 -2.26 17.55 -7.39
C LEU A 115 -3.70 18.10 -7.45
N GLU A 116 -3.89 19.30 -8.00
CA GLU A 116 -5.17 20.01 -7.94
C GLU A 116 -5.36 20.97 -9.14
N HIS A 117 -6.60 21.21 -9.54
CA HIS A 117 -7.00 22.15 -10.59
C HIS A 117 -8.23 23.02 -10.23
N HIS A 118 -9.25 22.46 -9.55
CA HIS A 118 -10.52 23.14 -9.27
C HIS A 118 -11.37 22.54 -8.11
N HIS A 119 -10.98 21.40 -7.54
CA HIS A 119 -11.77 20.65 -6.55
C HIS A 119 -11.75 21.28 -5.12
N HIS A 120 -10.80 22.18 -4.85
CA HIS A 120 -10.68 22.97 -3.61
C HIS A 120 -10.61 22.11 -2.33
N HIS A 121 -9.74 21.08 -2.35
CA HIS A 121 -9.39 20.30 -1.16
C HIS A 121 -8.66 21.13 -0.09
N HIS A 122 -7.97 22.20 -0.53
CA HIS A 122 -7.29 23.22 0.27
C HIS A 122 -7.59 24.63 -0.28
N GLY A 1 4.05 16.80 -16.15
CA GLY A 1 4.83 17.14 -14.94
C GLY A 1 4.23 16.47 -13.72
N GLU A 2 4.99 15.57 -13.10
CA GLU A 2 4.57 14.69 -11.99
C GLU A 2 5.57 14.74 -10.81
N THR A 3 5.19 14.18 -9.65
CA THR A 3 6.06 13.98 -8.49
C THR A 3 5.88 12.61 -7.84
N LYS A 4 6.99 12.00 -7.41
CA LYS A 4 7.04 10.70 -6.73
C LYS A 4 6.29 10.68 -5.39
N ALA A 5 6.22 11.80 -4.69
CA ALA A 5 5.55 11.88 -3.39
C ALA A 5 4.02 11.69 -3.51
N LYS A 6 3.41 12.27 -4.56
CA LYS A 6 1.97 12.12 -4.82
C LYS A 6 1.62 10.68 -5.22
N ALA A 7 2.43 10.08 -6.12
CA ALA A 7 2.30 8.68 -6.50
C ALA A 7 2.47 7.72 -5.30
N ALA A 8 3.38 8.02 -4.36
CA ALA A 8 3.57 7.22 -3.14
C ALA A 8 2.33 7.25 -2.23
N GLN A 9 1.78 8.44 -1.92
CA GLN A 9 0.53 8.54 -1.13
C GLN A 9 -0.66 7.90 -1.86
N GLU A 10 -0.77 8.09 -3.18
CA GLU A 10 -1.81 7.50 -4.01
C GLU A 10 -1.72 5.98 -4.04
N ALA A 11 -0.53 5.39 -3.93
CA ALA A 11 -0.36 3.94 -3.90
C ALA A 11 -1.10 3.33 -2.69
N LEU A 12 -0.91 3.87 -1.48
CA LEU A 12 -1.60 3.39 -0.29
C LEU A 12 -3.08 3.82 -0.27
N ARG A 13 -3.38 5.06 -0.66
CA ARG A 13 -4.76 5.58 -0.69
C ARG A 13 -5.64 4.76 -1.64
N ALA A 14 -5.11 4.39 -2.81
CA ALA A 14 -5.76 3.48 -3.72
C ALA A 14 -5.81 2.05 -3.17
N ALA A 15 -4.79 1.59 -2.41
CA ALA A 15 -4.82 0.29 -1.74
C ALA A 15 -5.96 0.16 -0.71
N ARG A 16 -6.32 1.23 0.00
CA ARG A 16 -7.48 1.26 0.90
C ARG A 16 -8.80 1.26 0.12
N GLU A 17 -8.86 1.99 -1.00
CA GLU A 17 -10.06 2.12 -1.83
C GLU A 17 -10.39 0.85 -2.63
N GLN A 18 -9.37 0.19 -3.17
CA GLN A 18 -9.49 -1.00 -4.03
C GLN A 18 -9.74 -2.30 -3.26
N ALA A 19 -9.41 -2.33 -1.96
CA ALA A 19 -9.41 -3.54 -1.13
C ALA A 19 -10.84 -4.10 -0.98
N THR A 20 -11.05 -5.33 -1.45
CA THR A 20 -12.38 -5.95 -1.59
C THR A 20 -13.03 -6.42 -0.28
N THR A 21 -12.29 -6.37 0.83
CA THR A 21 -12.76 -6.73 2.18
C THR A 21 -12.66 -5.54 3.14
N PRO A 22 -13.66 -5.35 4.03
CA PRO A 22 -13.67 -4.29 5.05
C PRO A 22 -12.53 -4.47 6.07
N GLU A 23 -12.12 -5.71 6.34
CA GLU A 23 -11.01 -6.03 7.24
C GLU A 23 -9.67 -5.56 6.67
N ALA A 24 -9.51 -5.64 5.35
CA ALA A 24 -8.35 -5.07 4.66
C ALA A 24 -8.39 -3.54 4.63
N GLN A 25 -9.57 -2.94 4.40
CA GLN A 25 -9.70 -1.47 4.37
C GLN A 25 -9.36 -0.80 5.72
N LYS A 26 -9.84 -1.36 6.84
CA LYS A 26 -9.54 -0.84 8.20
C LYS A 26 -8.11 -1.12 8.65
N ALA A 27 -7.53 -2.22 8.19
CA ALA A 27 -6.12 -2.56 8.45
C ALA A 27 -5.16 -1.56 7.79
N LEU A 28 -5.46 -1.16 6.56
CA LEU A 28 -4.77 -0.11 5.78
C LEU A 28 -4.66 1.22 6.53
N GLU A 29 -5.69 1.61 7.29
CA GLU A 29 -5.67 2.82 8.13
C GLU A 29 -4.60 2.76 9.24
N GLU A 30 -4.25 1.59 9.77
CA GLU A 30 -3.26 1.47 10.85
C GLU A 30 -1.84 1.82 10.38
N LEU A 31 -1.46 1.33 9.19
CA LEU A 31 -0.21 1.74 8.57
C LEU A 31 -0.23 3.24 8.26
N GLU A 32 -1.37 3.78 7.83
CA GLU A 32 -1.50 5.21 7.54
C GLU A 32 -1.16 6.07 8.78
N LYS A 33 -1.45 5.61 10.01
CA LYS A 33 -1.03 6.29 11.25
C LYS A 33 0.49 6.46 11.36
N VAL A 34 1.27 5.40 11.10
CA VAL A 34 2.74 5.44 11.22
C VAL A 34 3.40 6.19 10.08
N LEU A 35 2.88 6.01 8.88
CA LEU A 35 3.33 6.75 7.70
C LEU A 35 2.93 8.23 7.79
N LYS A 36 1.85 8.56 8.52
CA LYS A 36 1.53 9.96 8.85
C LYS A 36 2.61 10.65 9.69
N THR A 37 3.29 9.88 10.56
CA THR A 37 4.42 10.34 11.38
C THR A 37 5.78 10.10 10.72
N ALA A 38 5.80 9.49 9.52
CA ALA A 38 7.01 9.21 8.75
C ALA A 38 7.44 10.41 7.88
N SER A 39 8.68 10.38 7.39
CA SER A 39 9.26 11.41 6.51
C SER A 39 8.92 11.14 5.03
N PRO A 40 8.85 12.16 4.14
CA PRO A 40 8.41 11.97 2.76
C PRO A 40 9.34 11.05 1.95
N GLU A 41 10.64 11.07 2.23
CA GLU A 41 11.61 10.21 1.53
C GLU A 41 11.48 8.74 1.95
N GLN A 42 11.19 8.48 3.24
CA GLN A 42 10.83 7.15 3.72
C GLN A 42 9.46 6.71 3.23
N TRP A 43 8.54 7.65 2.99
CA TRP A 43 7.23 7.39 2.40
C TRP A 43 7.35 6.80 0.99
N ARG A 44 8.22 7.34 0.12
CA ARG A 44 8.53 6.75 -1.19
C ARG A 44 9.14 5.37 -1.05
N GLN A 45 10.08 5.21 -0.11
CA GLN A 45 10.73 3.93 0.09
C GLN A 45 9.73 2.86 0.52
N ALA A 46 8.89 3.19 1.50
CA ALA A 46 7.90 2.29 2.07
C ALA A 46 6.79 1.98 1.07
N ALA A 47 6.16 3.01 0.47
CA ALA A 47 4.95 2.85 -0.32
C ALA A 47 5.17 1.87 -1.49
N GLU A 48 6.40 1.76 -2.02
CA GLU A 48 6.70 0.78 -3.06
C GLU A 48 6.53 -0.67 -2.56
N LYS A 49 7.08 -1.03 -1.39
CA LYS A 49 6.96 -2.41 -0.86
C LYS A 49 5.56 -2.64 -0.30
N ILE A 50 4.97 -1.62 0.32
CA ILE A 50 3.58 -1.65 0.79
C ILE A 50 2.65 -2.02 -0.37
N PHE A 51 2.79 -1.33 -1.50
CA PHE A 51 1.92 -1.54 -2.66
C PHE A 51 2.25 -2.83 -3.41
N GLU A 52 3.53 -3.20 -3.46
CA GLU A 52 3.96 -4.51 -3.96
C GLU A 52 3.34 -5.65 -3.16
N ALA A 53 3.19 -5.55 -1.83
CA ALA A 53 2.59 -6.61 -1.03
C ALA A 53 1.21 -7.01 -1.55
N PHE A 54 0.35 -6.04 -1.83
CA PHE A 54 -1.01 -6.29 -2.31
C PHE A 54 -1.00 -6.91 -3.71
N ARG A 55 0.05 -6.65 -4.50
CA ARG A 55 0.28 -7.21 -5.83
C ARG A 55 0.77 -8.66 -5.77
N GLU A 56 1.53 -9.01 -4.72
CA GLU A 56 2.01 -10.37 -4.50
C GLU A 56 0.94 -11.24 -3.87
N ALA A 57 0.32 -10.78 -2.78
CA ALA A 57 -0.70 -11.54 -2.05
C ALA A 57 -1.90 -11.89 -2.94
N SER A 58 -2.28 -10.98 -3.82
CA SER A 58 -3.33 -11.24 -4.82
C SER A 58 -2.95 -12.30 -5.86
N ASN A 59 -1.65 -12.48 -6.12
CA ASN A 59 -1.11 -13.57 -6.95
C ASN A 59 -0.92 -14.89 -6.14
N GLY A 60 -1.15 -14.85 -4.82
CA GLY A 60 -1.06 -15.98 -3.88
C GLY A 60 0.18 -15.94 -2.97
N ASN A 61 0.92 -14.82 -2.96
CA ASN A 61 2.19 -14.67 -2.26
C ASN A 61 1.98 -13.98 -0.89
N THR A 62 1.12 -14.49 -0.03
CA THR A 62 0.97 -13.93 1.33
C THR A 62 2.31 -13.92 2.09
N GLU A 63 3.12 -14.98 1.94
CA GLU A 63 4.45 -15.13 2.56
C GLU A 63 5.47 -14.08 2.09
N LYS A 64 5.40 -13.66 0.83
CA LYS A 64 6.23 -12.58 0.27
C LYS A 64 5.64 -11.22 0.58
N ALA A 65 4.34 -11.02 0.32
CA ALA A 65 3.68 -9.76 0.56
C ALA A 65 3.87 -9.26 2.00
N LYS A 66 3.81 -10.18 2.96
CA LYS A 66 4.02 -9.82 4.38
C LYS A 66 5.46 -9.36 4.67
N LYS A 67 6.44 -9.92 3.94
CA LYS A 67 7.86 -9.55 4.05
C LYS A 67 8.14 -8.18 3.42
N LEU A 68 7.55 -7.88 2.26
CA LEU A 68 7.55 -6.53 1.67
C LEU A 68 6.96 -5.50 2.66
N LEU A 69 5.84 -5.85 3.29
CA LEU A 69 5.18 -4.99 4.29
C LEU A 69 6.09 -4.72 5.49
N GLU A 70 6.70 -5.76 6.06
CA GLU A 70 7.66 -5.64 7.15
C GLU A 70 8.86 -4.76 6.75
N GLU A 71 9.36 -4.92 5.52
CA GLU A 71 10.53 -4.19 5.01
C GLU A 71 10.25 -2.69 4.91
N ALA A 72 9.10 -2.35 4.36
CA ALA A 72 8.65 -0.96 4.25
C ALA A 72 8.36 -0.34 5.62
N ALA A 73 7.70 -1.10 6.48
CA ALA A 73 7.34 -0.66 7.83
C ALA A 73 8.59 -0.34 8.67
N ARG A 74 9.59 -1.22 8.64
CA ARG A 74 10.87 -1.01 9.35
C ARG A 74 11.62 0.20 8.78
N THR A 75 11.50 0.43 7.47
CA THR A 75 12.08 1.61 6.80
C THR A 75 11.39 2.92 7.19
N ALA A 76 10.05 2.96 7.22
CA ALA A 76 9.27 4.13 7.64
C ALA A 76 9.16 4.33 9.17
N GLY A 77 9.71 3.42 9.98
CA GLY A 77 9.72 3.53 11.45
C GLY A 77 8.42 3.14 12.13
N ALA A 78 7.70 2.17 11.57
CA ALA A 78 6.44 1.67 12.09
C ALA A 78 6.53 0.93 13.44
N SER A 79 5.36 0.71 14.03
CA SER A 79 5.08 -0.10 15.22
C SER A 79 4.91 -1.59 14.88
N PRO A 80 5.35 -2.53 15.72
CA PRO A 80 4.99 -3.94 15.57
C PRO A 80 3.46 -4.14 15.65
N GLU A 81 2.76 -3.23 16.35
CA GLU A 81 1.30 -3.15 16.44
C GLU A 81 0.63 -3.00 15.06
N ILE A 82 1.15 -2.17 14.13
CA ILE A 82 0.59 -2.01 12.78
C ILE A 82 1.07 -3.08 11.81
N ILE A 83 2.31 -3.55 11.99
CA ILE A 83 2.98 -4.46 11.03
C ILE A 83 2.15 -5.72 10.87
N LYS A 84 1.75 -6.31 11.99
CA LYS A 84 0.89 -7.50 12.02
C LYS A 84 -0.51 -7.22 11.46
N LYS A 85 -1.02 -6.01 11.68
CA LYS A 85 -2.37 -5.53 11.36
C LYS A 85 -2.58 -5.31 9.86
N LEU A 86 -1.69 -4.55 9.23
CA LEU A 86 -1.62 -4.37 7.78
C LEU A 86 -1.31 -5.71 7.10
N ALA A 87 -0.29 -6.45 7.57
CA ALA A 87 0.09 -7.75 6.98
C ALA A 87 -1.08 -8.78 7.04
N SER A 88 -1.96 -8.73 8.06
CA SER A 88 -3.17 -9.57 8.14
C SER A 88 -4.08 -9.39 6.92
N ALA A 89 -4.15 -8.17 6.37
CA ALA A 89 -4.88 -7.90 5.12
C ALA A 89 -4.31 -8.69 3.95
N LEU A 90 -2.98 -8.83 3.89
CA LEU A 90 -2.29 -9.62 2.87
C LEU A 90 -2.52 -11.12 3.05
N GLU A 91 -2.69 -11.60 4.29
CA GLU A 91 -3.00 -13.01 4.54
C GLU A 91 -4.39 -13.39 3.99
N ARG A 92 -5.40 -12.53 4.18
CA ARG A 92 -6.74 -12.73 3.61
C ARG A 92 -6.81 -12.49 2.10
N LEU A 93 -5.98 -11.60 1.54
CA LEU A 93 -6.04 -11.24 0.11
C LEU A 93 -5.75 -12.43 -0.82
N ALA A 94 -4.89 -13.35 -0.37
CA ALA A 94 -4.55 -14.57 -1.09
C ALA A 94 -5.70 -15.59 -1.10
N GLU A 95 -6.31 -15.86 0.05
CA GLU A 95 -7.42 -16.84 0.17
C GLU A 95 -8.77 -16.29 -0.33
N GLU A 96 -8.97 -14.96 -0.30
CA GLU A 96 -10.14 -14.28 -0.87
C GLU A 96 -10.20 -14.38 -2.41
N GLY A 97 -9.05 -14.55 -3.06
CA GLY A 97 -8.95 -14.67 -4.52
C GLY A 97 -8.78 -13.31 -5.21
N ALA A 98 -7.89 -12.48 -4.66
CA ALA A 98 -7.52 -11.14 -5.14
C ALA A 98 -8.63 -10.07 -5.07
N ALA A 99 -8.20 -8.81 -5.23
CA ALA A 99 -9.05 -7.64 -5.43
C ALA A 99 -8.82 -7.10 -6.85
N LYS A 100 -9.63 -7.50 -7.84
CA LYS A 100 -9.37 -7.19 -9.27
C LYS A 100 -9.40 -5.71 -9.60
N GLU A 101 -10.11 -4.89 -8.83
CA GLU A 101 -10.09 -3.44 -8.99
C GLU A 101 -8.76 -2.79 -8.59
N ALA A 102 -7.86 -3.52 -7.92
CA ALA A 102 -6.49 -3.06 -7.70
C ALA A 102 -5.73 -2.85 -9.02
N ALA A 103 -6.07 -3.59 -10.08
CA ALA A 103 -5.44 -3.46 -11.39
C ALA A 103 -5.72 -2.07 -12.03
N ARG A 104 -6.99 -1.65 -12.09
CA ARG A 104 -7.38 -0.32 -12.61
C ARG A 104 -6.92 0.84 -11.71
N GLN A 105 -6.90 0.64 -10.40
CA GLN A 105 -6.38 1.64 -9.44
C GLN A 105 -4.86 1.82 -9.56
N ALA A 106 -4.10 0.74 -9.77
CA ALA A 106 -2.66 0.80 -10.05
C ALA A 106 -2.38 1.49 -11.41
N GLU A 107 -3.13 1.14 -12.46
CA GLU A 107 -2.98 1.71 -13.80
C GLU A 107 -3.16 3.23 -13.83
N GLU A 108 -4.06 3.79 -13.02
CA GLU A 108 -4.24 5.25 -12.94
C GLU A 108 -2.98 5.96 -12.37
N VAL A 109 -2.29 5.34 -11.40
CA VAL A 109 -1.03 5.86 -10.84
C VAL A 109 0.16 5.62 -11.79
N ARG A 110 0.16 4.50 -12.53
CA ARG A 110 1.12 4.26 -13.63
C ARG A 110 1.01 5.30 -14.74
N LYS A 111 -0.22 5.72 -15.08
CA LYS A 111 -0.49 6.80 -16.05
C LYS A 111 -0.05 8.17 -15.54
N ARG A 112 -0.48 8.55 -14.32
CA ARG A 112 -0.11 9.83 -13.68
C ARG A 112 -0.39 9.92 -12.17
N GLY A 113 -1.54 9.41 -11.74
CA GLY A 113 -2.11 9.66 -10.41
C GLY A 113 -2.83 11.02 -10.37
N SER A 114 -3.78 11.19 -9.45
CA SER A 114 -4.62 12.40 -9.37
C SER A 114 -4.00 13.50 -8.52
N LEU A 115 -4.30 14.77 -8.85
CA LEU A 115 -3.99 15.94 -8.03
C LEU A 115 -4.89 16.05 -6.79
N GLU A 116 -6.14 15.58 -6.89
CA GLU A 116 -7.18 15.83 -5.89
C GLU A 116 -8.10 14.61 -5.66
N HIS A 117 -8.86 14.63 -4.56
CA HIS A 117 -9.84 13.59 -4.20
C HIS A 117 -11.14 14.22 -3.67
N HIS A 118 -12.28 13.60 -3.98
CA HIS A 118 -13.61 14.19 -3.73
C HIS A 118 -14.24 13.71 -2.41
N HIS A 119 -15.11 14.54 -1.84
CA HIS A 119 -15.90 14.27 -0.62
C HIS A 119 -17.39 14.65 -0.84
N HIS A 120 -18.27 14.16 0.03
CA HIS A 120 -19.71 14.47 -0.01
C HIS A 120 -20.00 15.96 0.26
N HIS A 121 -21.10 16.47 -0.32
CA HIS A 121 -21.47 17.89 -0.28
C HIS A 121 -22.31 18.29 0.95
N HIS A 122 -22.71 17.31 1.78
CA HIS A 122 -23.57 17.49 2.97
C HIS A 122 -22.78 17.98 4.21
N GLY A 1 10.28 17.90 -4.17
CA GLY A 1 9.39 17.94 -5.35
C GLY A 1 8.15 17.10 -5.13
N GLU A 2 6.96 17.72 -5.12
CA GLU A 2 5.68 17.05 -4.85
C GLU A 2 5.21 16.10 -5.97
N THR A 3 5.66 16.34 -7.20
CA THR A 3 5.19 15.65 -8.43
C THR A 3 5.38 14.14 -8.36
N LYS A 4 6.63 13.67 -8.17
CA LYS A 4 6.97 12.24 -8.05
C LYS A 4 6.62 11.66 -6.68
N ALA A 5 6.54 12.50 -5.64
CA ALA A 5 6.18 12.07 -4.28
C ALA A 5 4.71 11.65 -4.17
N LYS A 6 3.78 12.36 -4.83
CA LYS A 6 2.32 12.11 -4.73
C LYS A 6 1.93 10.65 -5.05
N ALA A 7 2.62 10.01 -5.98
CA ALA A 7 2.44 8.60 -6.33
C ALA A 7 2.60 7.65 -5.12
N ALA A 8 3.43 8.00 -4.12
CA ALA A 8 3.60 7.19 -2.92
C ALA A 8 2.35 7.20 -2.03
N GLN A 9 1.82 8.39 -1.68
CA GLN A 9 0.55 8.48 -0.94
C GLN A 9 -0.61 7.86 -1.71
N GLU A 10 -0.66 8.08 -3.03
CA GLU A 10 -1.70 7.55 -3.90
C GLU A 10 -1.65 6.02 -3.99
N ALA A 11 -0.48 5.39 -3.84
CA ALA A 11 -0.37 3.94 -3.80
C ALA A 11 -1.12 3.34 -2.59
N LEU A 12 -0.89 3.84 -1.37
CA LEU A 12 -1.62 3.38 -0.18
C LEU A 12 -3.08 3.84 -0.19
N ARG A 13 -3.35 5.08 -0.61
CA ARG A 13 -4.71 5.65 -0.68
C ARG A 13 -5.59 4.83 -1.63
N ALA A 14 -5.08 4.48 -2.82
CA ALA A 14 -5.75 3.58 -3.74
C ALA A 14 -5.81 2.13 -3.23
N ALA A 15 -4.83 1.67 -2.43
CA ALA A 15 -4.91 0.37 -1.78
C ALA A 15 -6.10 0.26 -0.80
N ARG A 16 -6.38 1.30 -0.02
CA ARG A 16 -7.57 1.35 0.87
C ARG A 16 -8.88 1.46 0.08
N GLU A 17 -8.84 2.10 -1.10
CA GLU A 17 -9.99 2.22 -2.00
C GLU A 17 -10.36 0.88 -2.67
N GLN A 18 -9.34 0.12 -3.10
CA GLN A 18 -9.49 -1.06 -3.95
C GLN A 18 -9.64 -2.38 -3.17
N ALA A 19 -9.24 -2.44 -1.90
CA ALA A 19 -9.20 -3.68 -1.12
C ALA A 19 -10.60 -4.28 -0.97
N THR A 20 -10.78 -5.53 -1.42
CA THR A 20 -12.11 -6.16 -1.59
C THR A 20 -12.82 -6.57 -0.29
N THR A 21 -12.14 -6.47 0.86
CA THR A 21 -12.69 -6.77 2.19
C THR A 21 -12.64 -5.53 3.11
N PRO A 22 -13.69 -5.29 3.92
CA PRO A 22 -13.71 -4.19 4.89
C PRO A 22 -12.67 -4.38 6.00
N GLU A 23 -12.32 -5.62 6.33
CA GLU A 23 -11.29 -5.96 7.31
C GLU A 23 -9.90 -5.60 6.80
N ALA A 24 -9.67 -5.70 5.49
CA ALA A 24 -8.48 -5.17 4.84
C ALA A 24 -8.51 -3.64 4.83
N GLN A 25 -9.63 -3.02 4.44
CA GLN A 25 -9.72 -1.56 4.29
C GLN A 25 -9.40 -0.82 5.61
N LYS A 26 -9.94 -1.30 6.75
CA LYS A 26 -9.67 -0.71 8.07
C LYS A 26 -8.23 -0.95 8.57
N ALA A 27 -7.65 -2.09 8.19
CA ALA A 27 -6.30 -2.50 8.56
C ALA A 27 -5.21 -1.74 7.80
N LEU A 28 -5.46 -1.38 6.53
CA LEU A 28 -4.58 -0.52 5.73
C LEU A 28 -4.41 0.87 6.34
N GLU A 29 -5.46 1.40 6.96
CA GLU A 29 -5.44 2.69 7.63
C GLU A 29 -4.55 2.71 8.90
N GLU A 30 -4.26 1.55 9.50
CA GLU A 30 -3.34 1.46 10.65
C GLU A 30 -1.91 1.88 10.29
N LEU A 31 -1.40 1.40 9.14
CA LEU A 31 -0.09 1.81 8.65
C LEU A 31 -0.03 3.34 8.43
N GLU A 32 -1.09 3.88 7.83
CA GLU A 32 -1.23 5.30 7.49
C GLU A 32 -1.11 6.23 8.71
N LYS A 33 -1.46 5.78 9.92
CA LYS A 33 -1.38 6.58 11.14
C LYS A 33 0.08 6.85 11.51
N VAL A 34 0.97 5.91 11.16
CA VAL A 34 2.41 5.98 11.38
C VAL A 34 3.14 6.65 10.22
N LEU A 35 2.77 6.32 8.98
CA LEU A 35 3.30 7.04 7.81
C LEU A 35 2.92 8.53 7.84
N LYS A 36 1.83 8.90 8.53
CA LYS A 36 1.48 10.31 8.80
C LYS A 36 2.55 11.06 9.60
N THR A 37 3.33 10.35 10.41
CA THR A 37 4.46 10.89 11.20
C THR A 37 5.82 10.58 10.57
N ALA A 38 5.85 9.88 9.43
CA ALA A 38 7.07 9.43 8.76
C ALA A 38 7.62 10.51 7.79
N SER A 39 8.87 10.33 7.36
CA SER A 39 9.58 11.27 6.48
C SER A 39 9.14 11.09 5.02
N PRO A 40 9.02 12.16 4.21
CA PRO A 40 8.62 12.04 2.81
C PRO A 40 9.57 11.18 1.96
N GLU A 41 10.87 11.17 2.30
CA GLU A 41 11.85 10.35 1.60
C GLU A 41 11.59 8.86 1.86
N GLN A 42 11.35 8.51 3.13
CA GLN A 42 10.99 7.16 3.56
C GLN A 42 9.59 6.75 3.09
N TRP A 43 8.69 7.70 2.88
CA TRP A 43 7.34 7.44 2.36
C TRP A 43 7.39 6.80 0.97
N ARG A 44 8.28 7.27 0.08
CA ARG A 44 8.50 6.65 -1.24
C ARG A 44 9.09 5.24 -1.11
N GLN A 45 10.10 5.06 -0.24
CA GLN A 45 10.70 3.75 0.03
C GLN A 45 9.68 2.75 0.58
N ALA A 46 8.83 3.18 1.52
CA ALA A 46 7.82 2.34 2.14
C ALA A 46 6.67 2.04 1.17
N ALA A 47 6.06 3.06 0.57
CA ALA A 47 4.87 2.89 -0.26
C ALA A 47 5.11 1.92 -1.42
N GLU A 48 6.35 1.86 -1.94
CA GLU A 48 6.75 0.87 -2.94
C GLU A 48 6.53 -0.56 -2.46
N LYS A 49 7.03 -0.95 -1.27
CA LYS A 49 6.87 -2.32 -0.75
C LYS A 49 5.46 -2.55 -0.23
N ILE A 50 4.86 -1.54 0.39
CA ILE A 50 3.47 -1.58 0.87
C ILE A 50 2.54 -1.97 -0.29
N PHE A 51 2.68 -1.31 -1.44
CA PHE A 51 1.83 -1.52 -2.59
C PHE A 51 2.20 -2.78 -3.39
N GLU A 52 3.50 -3.14 -3.39
CA GLU A 52 3.96 -4.42 -3.91
C GLU A 52 3.28 -5.57 -3.15
N ALA A 53 3.11 -5.51 -1.82
CA ALA A 53 2.52 -6.58 -1.02
C ALA A 53 1.14 -6.99 -1.56
N PHE A 54 0.25 -6.03 -1.80
CA PHE A 54 -1.10 -6.28 -2.29
C PHE A 54 -1.08 -6.90 -3.69
N ARG A 55 -0.04 -6.63 -4.49
CA ARG A 55 0.16 -7.24 -5.81
C ARG A 55 0.66 -8.69 -5.72
N GLU A 56 1.45 -8.99 -4.69
CA GLU A 56 1.97 -10.33 -4.46
C GLU A 56 0.92 -11.23 -3.83
N ALA A 57 0.29 -10.80 -2.74
CA ALA A 57 -0.72 -11.58 -2.02
C ALA A 57 -1.90 -11.97 -2.92
N SER A 58 -2.30 -11.05 -3.79
CA SER A 58 -3.35 -11.32 -4.79
C SER A 58 -2.95 -12.35 -5.84
N ASN A 59 -1.65 -12.48 -6.12
CA ASN A 59 -1.09 -13.55 -6.97
C ASN A 59 -0.87 -14.88 -6.18
N GLY A 60 -1.09 -14.88 -4.86
CA GLY A 60 -0.95 -16.02 -3.94
C GLY A 60 0.27 -15.96 -3.04
N ASN A 61 0.98 -14.82 -2.99
CA ASN A 61 2.24 -14.63 -2.28
C ASN A 61 2.01 -13.98 -0.90
N THR A 62 1.16 -14.55 -0.06
CA THR A 62 0.96 -14.05 1.31
C THR A 62 2.30 -13.95 2.08
N GLU A 63 3.16 -14.96 1.96
CA GLU A 63 4.47 -15.03 2.62
C GLU A 63 5.48 -13.98 2.14
N LYS A 64 5.39 -13.57 0.87
CA LYS A 64 6.20 -12.48 0.31
C LYS A 64 5.58 -11.13 0.62
N ALA A 65 4.29 -10.95 0.36
CA ALA A 65 3.60 -9.71 0.62
C ALA A 65 3.78 -9.23 2.06
N LYS A 66 3.71 -10.16 3.01
CA LYS A 66 3.91 -9.82 4.43
C LYS A 66 5.33 -9.32 4.70
N LYS A 67 6.33 -9.86 3.98
CA LYS A 67 7.74 -9.50 4.12
C LYS A 67 8.03 -8.12 3.50
N LEU A 68 7.46 -7.82 2.32
CA LEU A 68 7.50 -6.48 1.72
C LEU A 68 6.94 -5.43 2.70
N LEU A 69 5.78 -5.71 3.30
CA LEU A 69 5.16 -4.76 4.21
C LEU A 69 5.99 -4.51 5.47
N GLU A 70 6.56 -5.57 6.05
CA GLU A 70 7.49 -5.49 7.17
C GLU A 70 8.72 -4.65 6.79
N GLU A 71 9.26 -4.84 5.58
CA GLU A 71 10.43 -4.11 5.09
C GLU A 71 10.15 -2.61 4.97
N ALA A 72 8.99 -2.26 4.41
CA ALA A 72 8.54 -0.88 4.29
C ALA A 72 8.28 -0.24 5.67
N ALA A 73 7.63 -0.97 6.56
CA ALA A 73 7.34 -0.50 7.91
C ALA A 73 8.63 -0.22 8.67
N ARG A 74 9.60 -1.13 8.64
CA ARG A 74 10.91 -0.95 9.30
C ARG A 74 11.67 0.24 8.70
N THR A 75 11.52 0.47 7.40
CA THR A 75 12.09 1.62 6.69
C THR A 75 11.44 2.95 7.10
N ALA A 76 10.10 3.00 7.19
CA ALA A 76 9.36 4.18 7.66
C ALA A 76 9.37 4.35 9.21
N GLY A 77 9.91 3.38 9.96
CA GLY A 77 10.06 3.39 11.42
C GLY A 77 8.81 2.96 12.20
N ALA A 78 7.93 2.15 11.59
CA ALA A 78 6.62 1.81 12.10
C ALA A 78 6.58 0.60 13.08
N SER A 79 5.44 0.51 13.79
CA SER A 79 5.20 -0.37 14.93
C SER A 79 5.03 -1.85 14.58
N PRO A 80 5.47 -2.79 15.44
CA PRO A 80 5.15 -4.22 15.26
C PRO A 80 3.64 -4.49 15.30
N GLU A 81 2.87 -3.66 16.01
CA GLU A 81 1.41 -3.72 16.06
C GLU A 81 0.75 -3.38 14.70
N ILE A 82 1.16 -2.32 13.99
CA ILE A 82 0.58 -1.97 12.68
C ILE A 82 1.04 -2.96 11.61
N ILE A 83 2.26 -3.48 11.76
CA ILE A 83 2.89 -4.44 10.84
C ILE A 83 2.02 -5.68 10.77
N LYS A 84 1.63 -6.24 11.93
CA LYS A 84 0.77 -7.43 11.96
C LYS A 84 -0.66 -7.11 11.51
N LYS A 85 -1.17 -5.92 11.83
CA LYS A 85 -2.53 -5.45 11.48
C LYS A 85 -2.74 -5.39 9.98
N LEU A 86 -1.85 -4.68 9.28
CA LEU A 86 -1.87 -4.57 7.83
C LEU A 86 -1.49 -5.91 7.19
N ALA A 87 -0.40 -6.54 7.62
CA ALA A 87 0.06 -7.80 7.02
C ALA A 87 -1.02 -8.91 7.07
N SER A 88 -1.89 -8.93 8.08
CA SER A 88 -3.05 -9.84 8.17
C SER A 88 -4.05 -9.66 7.01
N ALA A 89 -4.15 -8.45 6.46
CA ALA A 89 -4.93 -8.18 5.24
C ALA A 89 -4.34 -8.90 4.02
N LEU A 90 -3.01 -8.99 3.94
CA LEU A 90 -2.32 -9.72 2.88
C LEU A 90 -2.53 -11.23 3.02
N GLU A 91 -2.60 -11.74 4.25
CA GLU A 91 -2.86 -13.16 4.49
C GLU A 91 -4.25 -13.59 4.01
N ARG A 92 -5.27 -12.74 4.21
CA ARG A 92 -6.62 -12.98 3.64
C ARG A 92 -6.71 -12.71 2.15
N LEU A 93 -5.94 -11.77 1.58
CA LEU A 93 -6.04 -11.38 0.16
C LEU A 93 -5.74 -12.55 -0.81
N ALA A 94 -4.88 -13.47 -0.39
CA ALA A 94 -4.54 -14.69 -1.14
C ALA A 94 -5.70 -15.70 -1.16
N GLU A 95 -6.28 -16.01 0.00
CA GLU A 95 -7.37 -17.00 0.13
C GLU A 95 -8.75 -16.45 -0.30
N GLU A 96 -8.97 -15.13 -0.20
CA GLU A 96 -10.19 -14.46 -0.67
C GLU A 96 -10.29 -14.40 -2.21
N GLY A 97 -9.18 -14.59 -2.93
CA GLY A 97 -9.15 -14.69 -4.39
C GLY A 97 -8.97 -13.34 -5.09
N ALA A 98 -8.02 -12.53 -4.59
CA ALA A 98 -7.56 -11.26 -5.17
C ALA A 98 -8.59 -10.11 -5.22
N ALA A 99 -8.09 -8.92 -5.57
CA ALA A 99 -8.88 -7.74 -5.92
C ALA A 99 -8.56 -7.33 -7.37
N LYS A 100 -9.38 -7.73 -8.35
CA LYS A 100 -9.19 -7.35 -9.77
C LYS A 100 -9.29 -5.84 -10.00
N GLU A 101 -10.00 -5.13 -9.13
CA GLU A 101 -10.04 -3.66 -9.08
C GLU A 101 -8.67 -3.02 -8.74
N ALA A 102 -7.77 -3.73 -8.05
CA ALA A 102 -6.43 -3.22 -7.75
C ALA A 102 -5.58 -3.02 -9.02
N ALA A 103 -5.81 -3.81 -10.08
CA ALA A 103 -5.08 -3.68 -11.34
C ALA A 103 -5.36 -2.32 -12.03
N ARG A 104 -6.65 -1.95 -12.17
CA ARG A 104 -7.05 -0.65 -12.77
C ARG A 104 -6.69 0.56 -11.88
N GLN A 105 -6.75 0.40 -10.56
CA GLN A 105 -6.36 1.46 -9.61
C GLN A 105 -4.85 1.68 -9.56
N ALA A 106 -4.04 0.62 -9.80
CA ALA A 106 -2.59 0.74 -9.94
C ALA A 106 -2.17 1.51 -11.21
N GLU A 107 -2.91 1.41 -12.33
CA GLU A 107 -2.58 2.10 -13.59
C GLU A 107 -2.50 3.63 -13.44
N GLU A 108 -3.37 4.22 -12.62
CA GLU A 108 -3.39 5.68 -12.38
C GLU A 108 -2.13 6.16 -11.65
N VAL A 109 -1.59 5.36 -10.73
CA VAL A 109 -0.31 5.63 -10.05
C VAL A 109 0.88 5.30 -10.97
N ARG A 110 0.80 4.19 -11.71
CA ARG A 110 1.84 3.72 -12.64
C ARG A 110 2.11 4.73 -13.77
N LYS A 111 1.08 5.39 -14.29
CA LYS A 111 1.20 6.48 -15.28
C LYS A 111 1.95 7.70 -14.73
N ARG A 112 1.77 8.01 -13.44
CA ARG A 112 2.44 9.12 -12.72
C ARG A 112 3.90 8.77 -12.37
N GLY A 113 4.14 7.52 -11.96
CA GLY A 113 5.48 7.00 -11.64
C GLY A 113 6.37 6.84 -12.87
N SER A 114 5.88 6.12 -13.89
CA SER A 114 6.55 5.84 -15.17
C SER A 114 7.98 5.26 -15.07
N LEU A 115 8.21 4.50 -13.99
CA LEU A 115 9.50 3.93 -13.62
C LEU A 115 9.85 2.59 -14.27
N GLU A 116 8.85 1.81 -14.68
CA GLU A 116 9.02 0.42 -15.12
C GLU A 116 8.02 0.05 -16.23
N HIS A 117 8.38 -0.90 -17.10
CA HIS A 117 7.59 -1.35 -18.24
C HIS A 117 7.46 -2.89 -18.30
N HIS A 118 6.32 -3.39 -18.79
CA HIS A 118 6.01 -4.83 -18.87
C HIS A 118 5.62 -5.32 -20.28
N HIS A 119 5.46 -4.41 -21.25
CA HIS A 119 4.99 -4.71 -22.61
C HIS A 119 5.50 -3.67 -23.64
N HIS A 120 5.54 -4.06 -24.92
CA HIS A 120 5.83 -3.13 -26.04
C HIS A 120 4.58 -2.37 -26.50
N HIS A 121 3.40 -2.99 -26.39
CA HIS A 121 2.08 -2.43 -26.70
C HIS A 121 0.97 -3.14 -25.88
N HIS A 122 -0.12 -2.44 -25.59
CA HIS A 122 -1.28 -2.94 -24.83
C HIS A 122 -2.58 -2.23 -25.27
N GLY A 1 7.56 18.79 -2.24
CA GLY A 1 6.60 17.68 -2.39
C GLY A 1 6.46 17.32 -3.85
N GLU A 2 7.06 16.20 -4.27
CA GLU A 2 7.23 15.83 -5.69
C GLU A 2 6.14 14.88 -6.21
N THR A 3 6.04 14.73 -7.54
CA THR A 3 5.06 13.83 -8.18
C THR A 3 5.23 12.35 -7.77
N LYS A 4 6.46 11.92 -7.44
CA LYS A 4 6.74 10.58 -6.89
C LYS A 4 6.26 10.40 -5.45
N ALA A 5 6.23 11.48 -4.64
CA ALA A 5 5.67 11.47 -3.29
C ALA A 5 4.12 11.45 -3.33
N LYS A 6 3.51 12.22 -4.24
CA LYS A 6 2.06 12.13 -4.51
C LYS A 6 1.67 10.73 -5.00
N ALA A 7 2.42 10.16 -5.96
CA ALA A 7 2.24 8.77 -6.41
C ALA A 7 2.38 7.75 -5.25
N ALA A 8 3.30 7.97 -4.30
CA ALA A 8 3.43 7.13 -3.11
C ALA A 8 2.19 7.20 -2.20
N GLN A 9 1.67 8.40 -1.89
CA GLN A 9 0.41 8.53 -1.15
C GLN A 9 -0.77 7.90 -1.90
N GLU A 10 -0.87 8.09 -3.21
CA GLU A 10 -1.91 7.50 -4.05
C GLU A 10 -1.79 5.97 -4.10
N ALA A 11 -0.59 5.39 -3.99
CA ALA A 11 -0.41 3.95 -3.94
C ALA A 11 -1.15 3.32 -2.74
N LEU A 12 -0.96 3.87 -1.53
CA LEU A 12 -1.63 3.39 -0.33
C LEU A 12 -3.11 3.79 -0.27
N ARG A 13 -3.44 5.01 -0.70
CA ARG A 13 -4.82 5.51 -0.77
C ARG A 13 -5.67 4.67 -1.72
N ALA A 14 -5.13 4.34 -2.89
CA ALA A 14 -5.76 3.39 -3.81
C ALA A 14 -5.80 1.98 -3.21
N ALA A 15 -4.79 1.54 -2.44
CA ALA A 15 -4.81 0.24 -1.76
C ALA A 15 -5.94 0.09 -0.73
N ARG A 16 -6.30 1.14 0.00
CA ARG A 16 -7.46 1.15 0.90
C ARG A 16 -8.78 1.18 0.14
N GLU A 17 -8.83 1.92 -0.96
CA GLU A 17 -10.02 2.11 -1.81
C GLU A 17 -10.37 0.87 -2.65
N GLN A 18 -9.36 0.18 -3.20
CA GLN A 18 -9.51 -1.01 -4.06
C GLN A 18 -9.79 -2.31 -3.28
N ALA A 19 -9.47 -2.34 -1.98
CA ALA A 19 -9.49 -3.56 -1.17
C ALA A 19 -10.94 -4.08 -0.99
N THR A 20 -11.20 -5.29 -1.49
CA THR A 20 -12.56 -5.85 -1.60
C THR A 20 -13.19 -6.23 -0.25
N THR A 21 -12.36 -6.47 0.79
CA THR A 21 -12.80 -6.77 2.15
C THR A 21 -12.69 -5.56 3.08
N PRO A 22 -13.67 -5.35 3.99
CA PRO A 22 -13.65 -4.29 5.01
C PRO A 22 -12.53 -4.49 6.04
N GLU A 23 -12.12 -5.73 6.28
CA GLU A 23 -11.03 -6.07 7.20
C GLU A 23 -9.68 -5.61 6.63
N ALA A 24 -9.52 -5.71 5.31
CA ALA A 24 -8.36 -5.17 4.61
C ALA A 24 -8.37 -3.63 4.60
N GLN A 25 -9.55 -3.00 4.40
CA GLN A 25 -9.66 -1.53 4.43
C GLN A 25 -9.32 -0.93 5.81
N LYS A 26 -9.84 -1.51 6.90
CA LYS A 26 -9.57 -1.02 8.28
C LYS A 26 -8.14 -1.31 8.74
N ALA A 27 -7.53 -2.38 8.23
CA ALA A 27 -6.12 -2.70 8.45
C ALA A 27 -5.20 -1.67 7.79
N LEU A 28 -5.52 -1.26 6.55
CA LEU A 28 -4.83 -0.21 5.78
C LEU A 28 -4.75 1.13 6.51
N GLU A 29 -5.81 1.48 7.25
CA GLU A 29 -5.85 2.68 8.09
C GLU A 29 -4.76 2.69 9.18
N GLU A 30 -4.34 1.53 9.71
CA GLU A 30 -3.33 1.47 10.78
C GLU A 30 -1.93 1.83 10.30
N LEU A 31 -1.52 1.33 9.12
CA LEU A 31 -0.27 1.76 8.51
C LEU A 31 -0.30 3.26 8.22
N GLU A 32 -1.44 3.79 7.80
CA GLU A 32 -1.57 5.24 7.54
C GLU A 32 -1.21 6.08 8.77
N LYS A 33 -1.52 5.62 9.99
CA LYS A 33 -1.12 6.28 11.26
C LYS A 33 0.38 6.47 11.40
N VAL A 34 1.17 5.42 11.14
CA VAL A 34 2.65 5.48 11.25
C VAL A 34 3.26 6.32 10.15
N LEU A 35 2.82 6.08 8.92
CA LEU A 35 3.30 6.80 7.74
C LEU A 35 2.93 8.29 7.81
N LYS A 36 1.82 8.65 8.45
CA LYS A 36 1.43 10.08 8.68
C LYS A 36 2.48 10.86 9.49
N THR A 37 3.21 10.18 10.36
CA THR A 37 4.31 10.73 11.18
C THR A 37 5.70 10.28 10.70
N ALA A 38 5.77 9.60 9.54
CA ALA A 38 7.03 9.23 8.87
C ALA A 38 7.58 10.39 8.02
N SER A 39 8.83 10.26 7.58
CA SER A 39 9.52 11.24 6.71
C SER A 39 9.20 11.00 5.24
N PRO A 40 9.06 12.03 4.37
CA PRO A 40 8.56 11.88 3.01
C PRO A 40 9.43 10.99 2.10
N GLU A 41 10.75 11.01 2.27
CA GLU A 41 11.65 10.16 1.49
C GLU A 41 11.45 8.67 1.86
N GLN A 42 11.36 8.39 3.17
CA GLN A 42 11.05 7.08 3.70
C GLN A 42 9.63 6.63 3.36
N TRP A 43 8.70 7.56 3.20
CA TRP A 43 7.36 7.32 2.71
C TRP A 43 7.39 6.72 1.30
N ARG A 44 8.22 7.28 0.40
CA ARG A 44 8.41 6.78 -0.97
C ARG A 44 9.06 5.41 -0.97
N GLN A 45 10.09 5.23 -0.13
CA GLN A 45 10.75 3.93 0.07
C GLN A 45 9.77 2.86 0.55
N ALA A 46 8.91 3.20 1.52
CA ALA A 46 7.92 2.30 2.07
C ALA A 46 6.81 1.98 1.07
N ALA A 47 6.18 2.99 0.45
CA ALA A 47 4.99 2.81 -0.37
C ALA A 47 5.26 1.83 -1.54
N GLU A 48 6.51 1.77 -2.02
CA GLU A 48 6.93 0.81 -3.04
C GLU A 48 6.71 -0.66 -2.61
N LYS A 49 7.16 -1.04 -1.40
CA LYS A 49 7.01 -2.40 -0.87
C LYS A 49 5.60 -2.63 -0.34
N ILE A 50 5.00 -1.61 0.28
CA ILE A 50 3.61 -1.65 0.74
C ILE A 50 2.68 -2.02 -0.42
N PHE A 51 2.81 -1.33 -1.55
CA PHE A 51 1.95 -1.55 -2.70
C PHE A 51 2.29 -2.83 -3.46
N GLU A 52 3.57 -3.20 -3.49
CA GLU A 52 4.00 -4.52 -3.98
C GLU A 52 3.38 -5.65 -3.16
N ALA A 53 3.23 -5.55 -1.83
CA ALA A 53 2.63 -6.60 -1.03
C ALA A 53 1.24 -6.98 -1.55
N PHE A 54 0.39 -5.99 -1.84
CA PHE A 54 -0.97 -6.24 -2.32
C PHE A 54 -0.97 -6.87 -3.72
N ARG A 55 0.08 -6.60 -4.52
CA ARG A 55 0.29 -7.22 -5.84
C ARG A 55 0.72 -8.68 -5.72
N GLU A 56 1.53 -9.00 -4.72
CA GLU A 56 1.99 -10.35 -4.49
C GLU A 56 0.92 -11.21 -3.84
N ALA A 57 0.30 -10.75 -2.75
CA ALA A 57 -0.72 -11.50 -2.02
C ALA A 57 -1.93 -11.82 -2.88
N SER A 58 -2.31 -10.90 -3.77
CA SER A 58 -3.39 -11.15 -4.74
C SER A 58 -3.04 -12.22 -5.79
N ASN A 59 -1.75 -12.39 -6.08
CA ASN A 59 -1.23 -13.48 -6.92
C ASN A 59 -1.03 -14.80 -6.12
N GLY A 60 -1.25 -14.77 -4.79
CA GLY A 60 -1.15 -15.90 -3.87
C GLY A 60 0.09 -15.89 -2.97
N ASN A 61 0.85 -14.79 -2.97
CA ASN A 61 2.14 -14.66 -2.28
C ASN A 61 1.96 -14.00 -0.90
N THR A 62 1.11 -14.53 -0.03
CA THR A 62 0.97 -14.00 1.34
C THR A 62 2.32 -13.96 2.08
N GLU A 63 3.14 -15.01 1.93
CA GLU A 63 4.47 -15.13 2.54
C GLU A 63 5.50 -14.11 2.06
N LYS A 64 5.40 -13.67 0.79
CA LYS A 64 6.22 -12.61 0.21
C LYS A 64 5.64 -11.24 0.54
N ALA A 65 4.35 -11.04 0.30
CA ALA A 65 3.68 -9.78 0.56
C ALA A 65 3.89 -9.30 2.01
N LYS A 66 3.82 -10.22 2.96
CA LYS A 66 4.05 -9.88 4.39
C LYS A 66 5.48 -9.40 4.65
N LYS A 67 6.47 -9.94 3.90
CA LYS A 67 7.88 -9.58 4.00
C LYS A 67 8.14 -8.20 3.40
N LEU A 68 7.56 -7.90 2.23
CA LEU A 68 7.56 -6.55 1.66
C LEU A 68 6.97 -5.52 2.64
N LEU A 69 5.86 -5.86 3.28
CA LEU A 69 5.20 -4.99 4.27
C LEU A 69 6.09 -4.68 5.47
N GLU A 70 6.70 -5.71 6.05
CA GLU A 70 7.64 -5.56 7.16
C GLU A 70 8.89 -4.76 6.75
N GLU A 71 9.36 -4.94 5.51
CA GLU A 71 10.52 -4.22 4.99
C GLU A 71 10.26 -2.72 4.86
N ALA A 72 9.11 -2.35 4.28
CA ALA A 72 8.67 -0.96 4.21
C ALA A 72 8.43 -0.35 5.60
N ALA A 73 7.79 -1.11 6.48
CA ALA A 73 7.45 -0.68 7.83
C ALA A 73 8.69 -0.32 8.64
N ARG A 74 9.73 -1.18 8.61
CA ARG A 74 11.00 -0.92 9.30
C ARG A 74 11.74 0.27 8.71
N THR A 75 11.55 0.52 7.41
CA THR A 75 12.10 1.69 6.71
C THR A 75 11.40 2.99 7.11
N ALA A 76 10.07 3.02 7.15
CA ALA A 76 9.29 4.17 7.57
C ALA A 76 9.19 4.39 9.10
N GLY A 77 9.73 3.46 9.90
CA GLY A 77 9.75 3.57 11.38
C GLY A 77 8.46 3.18 12.08
N ALA A 78 7.75 2.18 11.53
CA ALA A 78 6.48 1.70 12.03
C ALA A 78 6.56 0.93 13.37
N SER A 79 5.37 0.70 13.95
CA SER A 79 5.09 -0.09 15.14
C SER A 79 4.89 -1.58 14.83
N PRO A 80 5.30 -2.51 15.69
CA PRO A 80 4.92 -3.93 15.57
C PRO A 80 3.40 -4.12 15.63
N GLU A 81 2.68 -3.21 16.30
CA GLU A 81 1.22 -3.15 16.32
C GLU A 81 0.59 -2.95 14.93
N ILE A 82 1.16 -2.10 14.05
CA ILE A 82 0.63 -1.91 12.70
C ILE A 82 1.12 -2.99 11.73
N ILE A 83 2.37 -3.46 11.91
CA ILE A 83 3.01 -4.41 10.98
C ILE A 83 2.13 -5.66 10.86
N LYS A 84 1.66 -6.18 11.99
CA LYS A 84 0.75 -7.33 12.01
C LYS A 84 -0.64 -6.99 11.47
N LYS A 85 -1.18 -5.81 11.81
CA LYS A 85 -2.50 -5.32 11.35
C LYS A 85 -2.59 -5.24 9.83
N LEU A 86 -1.64 -4.56 9.21
CA LEU A 86 -1.56 -4.39 7.76
C LEU A 86 -1.25 -5.74 7.08
N ALA A 87 -0.24 -6.48 7.55
CA ALA A 87 0.12 -7.79 6.97
C ALA A 87 -1.03 -8.82 7.04
N SER A 88 -1.90 -8.76 8.06
CA SER A 88 -3.12 -9.60 8.17
C SER A 88 -4.14 -9.34 7.05
N ALA A 89 -4.09 -8.17 6.41
CA ALA A 89 -4.85 -7.91 5.18
C ALA A 89 -4.26 -8.67 4.00
N LEU A 90 -2.93 -8.79 3.93
CA LEU A 90 -2.23 -9.54 2.90
C LEU A 90 -2.48 -11.05 3.03
N GLU A 91 -2.58 -11.56 4.25
CA GLU A 91 -2.88 -12.99 4.46
C GLU A 91 -4.24 -13.37 3.87
N ARG A 92 -5.28 -12.57 4.13
CA ARG A 92 -6.63 -12.79 3.59
C ARG A 92 -6.78 -12.43 2.11
N LEU A 93 -5.95 -11.55 1.54
CA LEU A 93 -6.00 -11.20 0.12
C LEU A 93 -5.70 -12.40 -0.80
N ALA A 94 -4.86 -13.33 -0.32
CA ALA A 94 -4.60 -14.61 -0.97
C ALA A 94 -5.76 -15.60 -0.80
N GLU A 95 -6.39 -15.65 0.38
CA GLU A 95 -7.53 -16.54 0.64
C GLU A 95 -8.81 -16.10 -0.12
N GLU A 96 -8.98 -14.78 -0.31
CA GLU A 96 -10.16 -14.17 -0.92
C GLU A 96 -10.24 -14.38 -2.44
N GLY A 97 -9.10 -14.59 -3.10
CA GLY A 97 -9.03 -14.75 -4.56
C GLY A 97 -8.86 -13.42 -5.28
N ALA A 98 -7.98 -12.55 -4.75
CA ALA A 98 -7.61 -11.23 -5.23
C ALA A 98 -8.69 -10.13 -5.17
N ALA A 99 -8.21 -8.88 -5.03
CA ALA A 99 -9.00 -7.66 -5.19
C ALA A 99 -8.81 -7.14 -6.62
N LYS A 100 -9.60 -7.65 -7.58
CA LYS A 100 -9.40 -7.41 -9.02
C LYS A 100 -9.49 -5.93 -9.43
N GLU A 101 -10.22 -5.13 -8.64
CA GLU A 101 -10.25 -3.66 -8.76
C GLU A 101 -8.88 -2.98 -8.57
N ALA A 102 -7.92 -3.61 -7.91
CA ALA A 102 -6.55 -3.09 -7.80
C ALA A 102 -5.87 -2.90 -9.17
N ALA A 103 -6.19 -3.76 -10.13
CA ALA A 103 -5.54 -3.76 -11.44
C ALA A 103 -5.87 -2.52 -12.28
N ARG A 104 -7.12 -2.02 -12.22
CA ARG A 104 -7.52 -0.74 -12.85
C ARG A 104 -7.13 0.49 -12.02
N GLN A 105 -7.20 0.40 -10.69
CA GLN A 105 -6.95 1.54 -9.79
C GLN A 105 -5.50 2.03 -9.83
N ALA A 106 -4.54 1.13 -10.08
CA ALA A 106 -3.13 1.49 -10.25
C ALA A 106 -2.84 2.32 -11.52
N GLU A 107 -3.63 2.16 -12.59
CA GLU A 107 -3.31 2.73 -13.92
C GLU A 107 -3.41 4.26 -13.96
N GLU A 108 -4.29 4.87 -13.17
CA GLU A 108 -4.34 6.34 -13.04
C GLU A 108 -3.05 6.90 -12.40
N VAL A 109 -2.46 6.16 -11.45
CA VAL A 109 -1.20 6.53 -10.78
C VAL A 109 0.00 6.30 -11.70
N ARG A 110 -0.04 5.24 -12.51
CA ARG A 110 0.94 5.01 -13.60
C ARG A 110 0.91 6.11 -14.66
N LYS A 111 -0.29 6.61 -15.01
CA LYS A 111 -0.48 7.71 -15.98
C LYS A 111 0.04 9.05 -15.45
N ARG A 112 -0.33 9.43 -14.22
CA ARG A 112 0.15 10.62 -13.51
C ARG A 112 0.22 10.42 -11.99
N GLY A 113 1.31 10.87 -11.39
CA GLY A 113 1.45 11.02 -9.94
C GLY A 113 0.91 12.37 -9.45
N SER A 114 -0.31 12.73 -9.85
CA SER A 114 -0.97 13.98 -9.46
C SER A 114 -2.50 13.88 -9.52
N LEU A 115 -3.17 14.56 -8.59
CA LEU A 115 -4.63 14.53 -8.41
C LEU A 115 -5.28 15.86 -8.02
N GLU A 116 -4.50 16.82 -7.52
CA GLU A 116 -5.02 18.03 -6.87
C GLU A 116 -4.10 19.25 -7.11
N HIS A 117 -4.69 20.44 -7.22
CA HIS A 117 -3.98 21.69 -7.57
C HIS A 117 -4.43 22.92 -6.78
N HIS A 118 -5.74 23.15 -6.63
CA HIS A 118 -6.28 24.35 -5.96
C HIS A 118 -6.13 24.27 -4.42
N HIS A 119 -6.27 23.07 -3.84
CA HIS A 119 -6.00 22.78 -2.43
C HIS A 119 -5.63 21.30 -2.24
N HIS A 120 -5.01 20.96 -1.10
CA HIS A 120 -4.69 19.59 -0.69
C HIS A 120 -5.76 18.98 0.24
N HIS A 121 -5.70 17.66 0.46
CA HIS A 121 -6.53 16.93 1.42
C HIS A 121 -5.69 16.04 2.36
N HIS A 122 -6.17 15.83 3.59
CA HIS A 122 -5.52 15.03 4.65
C HIS A 122 -5.82 13.53 4.56
N GLY A 1 7.81 19.14 -2.81
CA GLY A 1 6.84 18.05 -3.01
C GLY A 1 6.69 17.73 -4.48
N GLU A 2 7.09 16.53 -4.89
CA GLU A 2 7.16 16.09 -6.30
C GLU A 2 6.16 14.96 -6.60
N THR A 3 5.96 14.66 -7.89
CA THR A 3 5.03 13.61 -8.37
C THR A 3 5.34 12.21 -7.84
N LYS A 4 6.59 11.93 -7.44
CA LYS A 4 7.00 10.67 -6.78
C LYS A 4 6.36 10.51 -5.40
N ALA A 5 6.25 11.60 -4.63
CA ALA A 5 5.61 11.61 -3.31
C ALA A 5 4.08 11.57 -3.41
N LYS A 6 3.50 12.11 -4.50
CA LYS A 6 2.08 11.95 -4.83
C LYS A 6 1.77 10.50 -5.21
N ALA A 7 2.55 9.91 -6.12
CA ALA A 7 2.43 8.50 -6.51
C ALA A 7 2.58 7.54 -5.32
N ALA A 8 3.48 7.83 -4.36
CA ALA A 8 3.62 7.05 -3.13
C ALA A 8 2.34 7.06 -2.29
N GLN A 9 1.75 8.23 -2.02
CA GLN A 9 0.48 8.35 -1.29
C GLN A 9 -0.69 7.71 -2.04
N GLU A 10 -0.76 7.91 -3.36
CA GLU A 10 -1.77 7.31 -4.23
C GLU A 10 -1.64 5.79 -4.29
N ALA A 11 -0.44 5.22 -4.09
CA ALA A 11 -0.28 3.77 -4.01
C ALA A 11 -1.04 3.18 -2.81
N LEU A 12 -0.86 3.74 -1.60
CA LEU A 12 -1.55 3.26 -0.40
C LEU A 12 -3.03 3.68 -0.39
N ARG A 13 -3.33 4.92 -0.79
CA ARG A 13 -4.72 5.41 -0.90
C ARG A 13 -5.53 4.56 -1.88
N ALA A 14 -4.95 4.22 -3.02
CA ALA A 14 -5.58 3.27 -3.93
C ALA A 14 -5.80 1.93 -3.26
N ALA A 15 -4.82 1.39 -2.52
CA ALA A 15 -4.93 0.11 -1.84
C ALA A 15 -6.07 0.08 -0.80
N ARG A 16 -6.31 1.17 -0.07
CA ARG A 16 -7.40 1.31 0.91
C ARG A 16 -8.78 1.51 0.25
N GLU A 17 -8.79 2.03 -0.97
CA GLU A 17 -9.96 2.24 -1.82
C GLU A 17 -10.39 0.97 -2.60
N GLN A 18 -9.42 0.18 -3.09
CA GLN A 18 -9.63 -1.08 -3.85
C GLN A 18 -9.82 -2.32 -2.98
N ALA A 19 -9.42 -2.27 -1.70
CA ALA A 19 -9.54 -3.37 -0.73
C ALA A 19 -11.01 -3.86 -0.60
N THR A 20 -11.28 -5.05 -1.13
CA THR A 20 -12.64 -5.58 -1.29
C THR A 20 -13.27 -6.07 0.03
N THR A 21 -12.45 -6.48 0.99
CA THR A 21 -12.86 -6.82 2.37
C THR A 21 -12.76 -5.60 3.31
N PRO A 22 -13.74 -5.38 4.20
CA PRO A 22 -13.72 -4.31 5.19
C PRO A 22 -12.56 -4.44 6.19
N GLU A 23 -12.10 -5.67 6.44
CA GLU A 23 -11.02 -5.95 7.38
C GLU A 23 -9.66 -5.44 6.86
N ALA A 24 -9.47 -5.46 5.54
CA ALA A 24 -8.29 -4.86 4.91
C ALA A 24 -8.33 -3.32 4.97
N GLN A 25 -9.50 -2.71 4.79
CA GLN A 25 -9.66 -1.24 4.79
C GLN A 25 -9.21 -0.60 6.12
N LYS A 26 -9.69 -1.15 7.24
CA LYS A 26 -9.33 -0.70 8.60
C LYS A 26 -7.88 -1.02 8.97
N ALA A 27 -7.36 -2.14 8.49
CA ALA A 27 -5.96 -2.53 8.67
C ALA A 27 -4.99 -1.57 7.94
N LEU A 28 -5.36 -1.11 6.74
CA LEU A 28 -4.62 -0.10 5.98
C LEU A 28 -4.63 1.27 6.64
N GLU A 29 -5.74 1.64 7.28
CA GLU A 29 -5.77 2.84 8.10
C GLU A 29 -4.82 2.75 9.32
N GLU A 30 -4.53 1.55 9.83
CA GLU A 30 -3.52 1.34 10.89
C GLU A 30 -2.11 1.74 10.44
N LEU A 31 -1.66 1.27 9.27
CA LEU A 31 -0.37 1.66 8.70
C LEU A 31 -0.31 3.18 8.48
N GLU A 32 -1.35 3.73 7.85
CA GLU A 32 -1.46 5.14 7.46
C GLU A 32 -1.29 6.11 8.63
N LYS A 33 -1.63 5.71 9.87
CA LYS A 33 -1.53 6.55 11.07
C LYS A 33 -0.07 6.84 11.41
N VAL A 34 0.80 5.86 11.12
CA VAL A 34 2.24 5.95 11.31
C VAL A 34 2.92 6.68 10.15
N LEU A 35 2.58 6.30 8.92
CA LEU A 35 3.12 6.95 7.72
C LEU A 35 2.73 8.44 7.68
N LYS A 36 1.60 8.83 8.29
CA LYS A 36 1.21 10.24 8.44
C LYS A 36 2.22 11.10 9.22
N THR A 37 2.97 10.47 10.12
CA THR A 37 4.06 11.09 10.89
C THR A 37 5.46 10.59 10.47
N ALA A 38 5.55 9.76 9.43
CA ALA A 38 6.81 9.38 8.80
C ALA A 38 7.30 10.48 7.82
N SER A 39 8.57 10.42 7.40
CA SER A 39 9.19 11.42 6.52
C SER A 39 8.83 11.16 5.04
N PRO A 40 8.76 12.19 4.18
CA PRO A 40 8.37 12.00 2.77
C PRO A 40 9.36 11.13 1.98
N GLU A 41 10.65 11.16 2.34
CA GLU A 41 11.69 10.35 1.70
C GLU A 41 11.46 8.86 1.99
N GLN A 42 11.22 8.51 3.26
CA GLN A 42 10.90 7.15 3.67
C GLN A 42 9.51 6.72 3.20
N TRP A 43 8.58 7.65 3.00
CA TRP A 43 7.26 7.37 2.43
C TRP A 43 7.36 6.73 1.05
N ARG A 44 8.26 7.22 0.18
CA ARG A 44 8.51 6.63 -1.15
C ARG A 44 9.12 5.23 -1.06
N GLN A 45 10.11 5.05 -0.19
CA GLN A 45 10.74 3.75 0.08
C GLN A 45 9.75 2.72 0.63
N ALA A 46 8.89 3.14 1.56
CA ALA A 46 7.88 2.28 2.16
C ALA A 46 6.76 1.96 1.17
N ALA A 47 6.15 2.98 0.54
CA ALA A 47 4.97 2.80 -0.31
C ALA A 47 5.25 1.82 -1.46
N GLU A 48 6.49 1.79 -1.95
CA GLU A 48 6.94 0.81 -2.95
C GLU A 48 6.71 -0.64 -2.47
N LYS A 49 7.15 -1.01 -1.26
CA LYS A 49 6.97 -2.38 -0.73
C LYS A 49 5.54 -2.59 -0.26
N ILE A 50 4.94 -1.58 0.38
CA ILE A 50 3.55 -1.63 0.85
C ILE A 50 2.62 -2.02 -0.31
N PHE A 51 2.75 -1.32 -1.44
CA PHE A 51 1.92 -1.53 -2.61
C PHE A 51 2.30 -2.79 -3.39
N GLU A 52 3.59 -3.14 -3.40
CA GLU A 52 4.05 -4.43 -3.93
C GLU A 52 3.41 -5.60 -3.15
N ALA A 53 3.23 -5.51 -1.83
CA ALA A 53 2.63 -6.58 -1.04
C ALA A 53 1.24 -6.98 -1.59
N PHE A 54 0.38 -6.01 -1.85
CA PHE A 54 -0.98 -6.26 -2.35
C PHE A 54 -0.95 -6.87 -3.76
N ARG A 55 0.10 -6.59 -4.53
CA ARG A 55 0.34 -7.15 -5.87
C ARG A 55 0.84 -8.60 -5.81
N GLU A 56 1.60 -8.95 -4.76
CA GLU A 56 2.08 -10.30 -4.54
C GLU A 56 1.00 -11.19 -3.94
N ALA A 57 0.35 -10.75 -2.85
CA ALA A 57 -0.69 -11.51 -2.17
C ALA A 57 -1.85 -11.86 -3.10
N SER A 58 -2.21 -10.93 -3.97
CA SER A 58 -3.24 -11.17 -5.00
C SER A 58 -2.84 -12.21 -6.05
N ASN A 59 -1.54 -12.38 -6.30
CA ASN A 59 -0.98 -13.46 -7.12
C ASN A 59 -0.81 -14.79 -6.34
N GLY A 60 -1.06 -14.78 -5.02
CA GLY A 60 -0.99 -15.92 -4.10
C GLY A 60 0.22 -15.89 -3.16
N ASN A 61 0.96 -14.78 -3.11
CA ASN A 61 2.21 -14.63 -2.36
C ASN A 61 1.97 -13.98 -0.99
N THR A 62 1.08 -14.52 -0.17
CA THR A 62 0.86 -14.01 1.20
C THR A 62 2.19 -13.95 2.00
N GLU A 63 3.02 -14.98 1.88
CA GLU A 63 4.32 -15.10 2.57
C GLU A 63 5.37 -14.08 2.12
N LYS A 64 5.32 -13.66 0.85
CA LYS A 64 6.18 -12.59 0.31
C LYS A 64 5.59 -11.22 0.62
N ALA A 65 4.31 -11.02 0.34
CA ALA A 65 3.64 -9.76 0.57
C ALA A 65 3.79 -9.29 2.03
N LYS A 66 3.73 -10.23 2.98
CA LYS A 66 3.93 -9.91 4.41
C LYS A 66 5.36 -9.44 4.70
N LYS A 67 6.35 -9.97 3.98
CA LYS A 67 7.77 -9.61 4.13
C LYS A 67 8.06 -8.23 3.52
N LEU A 68 7.49 -7.91 2.35
CA LEU A 68 7.51 -6.56 1.78
C LEU A 68 6.93 -5.54 2.78
N LEU A 69 5.83 -5.90 3.45
CA LEU A 69 5.19 -5.03 4.44
C LEU A 69 6.09 -4.75 5.65
N GLU A 70 6.72 -5.81 6.19
CA GLU A 70 7.70 -5.68 7.28
C GLU A 70 8.88 -4.78 6.84
N GLU A 71 9.36 -4.95 5.62
CA GLU A 71 10.50 -4.20 5.07
C GLU A 71 10.20 -2.70 4.98
N ALA A 72 9.03 -2.36 4.45
CA ALA A 72 8.58 -0.98 4.34
C ALA A 72 8.33 -0.35 5.71
N ALA A 73 7.69 -1.09 6.60
CA ALA A 73 7.41 -0.64 7.96
C ALA A 73 8.70 -0.32 8.71
N ARG A 74 9.69 -1.22 8.68
CA ARG A 74 10.99 -1.00 9.33
C ARG A 74 11.73 0.19 8.72
N THR A 75 11.57 0.41 7.42
CA THR A 75 12.12 1.58 6.71
C THR A 75 11.45 2.89 7.14
N ALA A 76 10.12 2.93 7.23
CA ALA A 76 9.36 4.08 7.72
C ALA A 76 9.34 4.23 9.26
N GLY A 77 9.95 3.29 10.00
CA GLY A 77 10.07 3.29 11.47
C GLY A 77 8.81 2.84 12.22
N ALA A 78 7.93 2.06 11.56
CA ALA A 78 6.61 1.71 12.05
C ALA A 78 6.57 0.52 13.04
N SER A 79 5.44 0.43 13.76
CA SER A 79 5.22 -0.45 14.91
C SER A 79 4.99 -1.92 14.55
N PRO A 80 5.39 -2.88 15.42
CA PRO A 80 4.99 -4.28 15.26
C PRO A 80 3.47 -4.45 15.30
N GLU A 81 2.76 -3.56 16.02
CA GLU A 81 1.30 -3.53 16.11
C GLU A 81 0.62 -3.16 14.78
N ILE A 82 1.17 -2.24 13.98
CA ILE A 82 0.61 -1.94 12.64
C ILE A 82 1.08 -2.94 11.60
N ILE A 83 2.29 -3.48 11.75
CA ILE A 83 2.88 -4.48 10.85
C ILE A 83 1.98 -5.70 10.80
N LYS A 84 1.58 -6.21 11.98
CA LYS A 84 0.70 -7.40 12.06
C LYS A 84 -0.71 -7.12 11.55
N LYS A 85 -1.23 -5.90 11.81
CA LYS A 85 -2.53 -5.44 11.31
C LYS A 85 -2.58 -5.43 9.78
N LEU A 86 -1.65 -4.70 9.16
CA LEU A 86 -1.57 -4.52 7.71
C LEU A 86 -1.22 -5.85 7.02
N ALA A 87 -0.22 -6.58 7.51
CA ALA A 87 0.17 -7.88 6.94
C ALA A 87 -1.00 -8.89 6.98
N SER A 88 -1.87 -8.86 8.00
CA SER A 88 -3.08 -9.69 8.07
C SER A 88 -4.09 -9.40 6.94
N ALA A 89 -4.07 -8.19 6.39
CA ALA A 89 -4.83 -7.85 5.18
C ALA A 89 -4.27 -8.60 3.95
N LEU A 90 -2.95 -8.79 3.88
CA LEU A 90 -2.30 -9.53 2.80
C LEU A 90 -2.59 -11.04 2.91
N GLU A 91 -2.65 -11.57 4.13
CA GLU A 91 -2.95 -12.99 4.34
C GLU A 91 -4.36 -13.35 3.86
N ARG A 92 -5.35 -12.48 4.11
CA ARG A 92 -6.71 -12.65 3.59
C ARG A 92 -6.85 -12.34 2.09
N LEU A 93 -6.04 -11.42 1.53
CA LEU A 93 -6.11 -11.07 0.09
C LEU A 93 -5.77 -12.27 -0.81
N ALA A 94 -4.89 -13.15 -0.35
CA ALA A 94 -4.47 -14.35 -1.06
C ALA A 94 -5.54 -15.45 -1.03
N GLU A 95 -6.13 -15.73 0.14
CA GLU A 95 -7.14 -16.79 0.27
C GLU A 95 -8.54 -16.36 -0.23
N GLU A 96 -8.85 -15.06 -0.19
CA GLU A 96 -10.11 -14.52 -0.73
C GLU A 96 -10.13 -14.48 -2.27
N GLY A 97 -8.96 -14.41 -2.90
CA GLY A 97 -8.82 -14.46 -4.37
C GLY A 97 -8.74 -13.08 -5.01
N ALA A 98 -7.82 -12.24 -4.52
CA ALA A 98 -7.43 -10.95 -5.11
C ALA A 98 -8.50 -9.84 -5.15
N ALA A 99 -8.07 -8.66 -5.64
CA ALA A 99 -8.91 -7.53 -5.98
C ALA A 99 -8.58 -7.08 -7.43
N LYS A 100 -9.56 -7.12 -8.34
CA LYS A 100 -9.35 -6.83 -9.78
C LYS A 100 -9.20 -5.33 -10.05
N GLU A 101 -9.92 -4.51 -9.31
CA GLU A 101 -9.83 -3.04 -9.34
C GLU A 101 -8.43 -2.54 -9.03
N ALA A 102 -7.66 -3.27 -8.21
CA ALA A 102 -6.28 -2.92 -7.87
C ALA A 102 -5.40 -2.69 -9.12
N ALA A 103 -5.61 -3.50 -10.16
CA ALA A 103 -4.82 -3.46 -11.39
C ALA A 103 -5.07 -2.19 -12.21
N ARG A 104 -6.32 -1.71 -12.26
CA ARG A 104 -6.71 -0.43 -12.91
C ARG A 104 -6.52 0.79 -12.02
N GLN A 105 -6.62 0.66 -10.70
CA GLN A 105 -6.28 1.74 -9.77
C GLN A 105 -4.76 2.01 -9.76
N ALA A 106 -3.94 0.97 -9.99
CA ALA A 106 -2.50 1.13 -10.21
C ALA A 106 -2.17 1.88 -11.51
N GLU A 107 -3.02 1.86 -12.55
CA GLU A 107 -2.78 2.66 -13.77
C GLU A 107 -2.80 4.17 -13.52
N GLU A 108 -3.61 4.63 -12.55
CA GLU A 108 -3.64 6.04 -12.14
C GLU A 108 -2.33 6.47 -11.45
N VAL A 109 -1.66 5.55 -10.74
CA VAL A 109 -0.33 5.79 -10.14
C VAL A 109 0.77 5.73 -11.20
N ARG A 110 0.69 4.77 -12.14
CA ARG A 110 1.61 4.60 -13.28
C ARG A 110 1.65 5.82 -14.21
N LYS A 111 0.56 6.59 -14.28
CA LYS A 111 0.41 7.79 -15.14
C LYS A 111 1.48 8.86 -14.90
N ARG A 112 1.87 9.09 -13.63
CA ARG A 112 2.93 9.99 -13.11
C ARG A 112 2.85 11.48 -13.48
N GLY A 113 2.84 11.80 -14.78
CA GLY A 113 2.81 13.16 -15.32
C GLY A 113 4.17 13.84 -15.52
N SER A 114 5.27 13.16 -15.22
CA SER A 114 6.66 13.66 -15.38
C SER A 114 7.63 12.56 -15.82
N LEU A 115 8.75 12.95 -16.45
CA LEU A 115 9.83 12.07 -16.89
C LEU A 115 11.25 12.54 -16.51
N GLU A 116 11.47 13.85 -16.37
CA GLU A 116 12.80 14.43 -16.21
C GLU A 116 12.76 15.64 -15.25
N HIS A 117 13.75 15.74 -14.36
CA HIS A 117 13.82 16.75 -13.28
C HIS A 117 15.24 17.31 -13.13
N HIS A 118 15.36 18.60 -12.79
CA HIS A 118 16.64 19.29 -12.58
C HIS A 118 16.92 19.66 -11.10
N HIS A 119 15.88 19.72 -10.26
CA HIS A 119 15.94 20.08 -8.83
C HIS A 119 16.66 21.42 -8.50
N HIS A 120 16.72 22.35 -9.47
CA HIS A 120 17.51 23.58 -9.40
C HIS A 120 16.74 24.75 -8.73
N HIS A 121 16.20 24.47 -7.54
CA HIS A 121 15.36 25.38 -6.72
C HIS A 121 14.08 25.89 -7.42
N HIS A 122 13.34 26.79 -6.75
CA HIS A 122 12.10 27.42 -7.22
C HIS A 122 12.02 28.90 -6.76
N GLY A 1 5.55 20.35 -2.31
CA GLY A 1 6.20 19.03 -2.39
C GLY A 1 6.51 18.65 -3.84
N GLU A 2 6.52 17.35 -4.15
CA GLU A 2 6.77 16.81 -5.49
C GLU A 2 5.93 15.54 -5.74
N THR A 3 5.69 15.21 -7.02
CA THR A 3 4.80 14.09 -7.43
C THR A 3 5.21 12.72 -6.86
N LYS A 4 6.49 12.51 -6.51
CA LYS A 4 6.96 11.26 -5.88
C LYS A 4 6.22 10.95 -4.57
N ALA A 5 6.02 11.96 -3.73
CA ALA A 5 5.31 11.85 -2.46
C ALA A 5 3.78 11.73 -2.64
N LYS A 6 3.23 12.30 -3.72
CA LYS A 6 1.80 12.20 -4.08
C LYS A 6 1.48 10.81 -4.62
N ALA A 7 2.28 10.30 -5.54
CA ALA A 7 2.20 8.94 -6.09
C ALA A 7 2.38 7.87 -4.99
N ALA A 8 3.30 8.08 -4.05
CA ALA A 8 3.50 7.19 -2.90
C ALA A 8 2.25 7.13 -2.00
N GLN A 9 1.69 8.28 -1.61
CA GLN A 9 0.44 8.34 -0.84
C GLN A 9 -0.74 7.73 -1.59
N GLU A 10 -0.84 7.96 -2.89
CA GLU A 10 -1.89 7.39 -3.73
C GLU A 10 -1.76 5.88 -3.85
N ALA A 11 -0.56 5.31 -3.77
CA ALA A 11 -0.38 3.86 -3.78
C ALA A 11 -1.09 3.19 -2.59
N LEU A 12 -0.87 3.68 -1.36
CA LEU A 12 -1.55 3.16 -0.17
C LEU A 12 -3.03 3.54 -0.14
N ARG A 13 -3.37 4.79 -0.49
CA ARG A 13 -4.73 5.30 -0.49
C ARG A 13 -5.64 4.53 -1.45
N ALA A 14 -5.15 4.26 -2.66
CA ALA A 14 -5.81 3.38 -3.61
C ALA A 14 -5.91 1.95 -3.11
N ALA A 15 -4.87 1.43 -2.42
CA ALA A 15 -4.90 0.09 -1.85
C ALA A 15 -6.04 -0.10 -0.82
N ARG A 16 -6.34 0.93 -0.02
CA ARG A 16 -7.49 0.93 0.92
C ARG A 16 -8.83 0.90 0.19
N GLU A 17 -8.91 1.57 -0.96
CA GLU A 17 -10.11 1.60 -1.82
C GLU A 17 -10.36 0.29 -2.58
N GLN A 18 -9.31 -0.34 -3.09
CA GLN A 18 -9.37 -1.57 -3.90
C GLN A 18 -9.39 -2.87 -3.08
N ALA A 19 -8.96 -2.84 -1.81
CA ALA A 19 -9.03 -3.96 -0.88
C ALA A 19 -10.49 -4.48 -0.76
N THR A 20 -10.70 -5.73 -1.15
CA THR A 20 -12.06 -6.32 -1.33
C THR A 20 -12.81 -6.57 -0.02
N THR A 21 -12.10 -6.67 1.11
CA THR A 21 -12.66 -6.88 2.47
C THR A 21 -12.59 -5.62 3.33
N PRO A 22 -13.62 -5.33 4.14
CA PRO A 22 -13.65 -4.20 5.07
C PRO A 22 -12.57 -4.31 6.16
N GLU A 23 -12.18 -5.53 6.55
CA GLU A 23 -11.13 -5.79 7.52
C GLU A 23 -9.75 -5.42 6.95
N ALA A 24 -9.55 -5.60 5.66
CA ALA A 24 -8.35 -5.13 4.97
C ALA A 24 -8.34 -3.59 4.88
N GLN A 25 -9.46 -2.97 4.55
CA GLN A 25 -9.54 -1.50 4.42
C GLN A 25 -9.13 -0.79 5.72
N LYS A 26 -9.63 -1.24 6.89
CA LYS A 26 -9.23 -0.67 8.19
C LYS A 26 -7.79 -0.98 8.59
N ALA A 27 -7.27 -2.11 8.15
CA ALA A 27 -5.92 -2.57 8.45
C ALA A 27 -4.86 -1.79 7.67
N LEU A 28 -5.19 -1.35 6.45
CA LEU A 28 -4.35 -0.47 5.65
C LEU A 28 -4.26 0.95 6.23
N GLU A 29 -5.37 1.46 6.79
CA GLU A 29 -5.37 2.75 7.49
C GLU A 29 -4.44 2.74 8.72
N GLU A 30 -4.22 1.58 9.35
CA GLU A 30 -3.33 1.44 10.52
C GLU A 30 -1.89 1.86 10.22
N LEU A 31 -1.33 1.42 9.09
CA LEU A 31 0.01 1.83 8.67
C LEU A 31 0.06 3.35 8.42
N GLU A 32 -0.96 3.89 7.74
CA GLU A 32 -1.09 5.31 7.37
C GLU A 32 -1.07 6.26 8.57
N LYS A 33 -1.53 5.83 9.75
CA LYS A 33 -1.53 6.66 10.97
C LYS A 33 -0.09 6.96 11.41
N VAL A 34 0.80 6.00 11.13
CA VAL A 34 2.25 6.13 11.34
C VAL A 34 2.92 6.89 10.20
N LEU A 35 2.61 6.55 8.94
CA LEU A 35 3.19 7.25 7.79
C LEU A 35 2.82 8.74 7.76
N LYS A 36 1.68 9.13 8.36
CA LYS A 36 1.27 10.53 8.51
C LYS A 36 2.27 11.40 9.28
N THR A 37 3.05 10.78 10.16
CA THR A 37 4.17 11.41 10.90
C THR A 37 5.55 10.89 10.45
N ALA A 38 5.61 10.11 9.36
CA ALA A 38 6.86 9.65 8.75
C ALA A 38 7.39 10.66 7.71
N SER A 39 8.67 10.53 7.34
CA SER A 39 9.40 11.47 6.46
C SER A 39 9.15 11.15 4.98
N PRO A 40 9.10 12.13 4.06
CA PRO A 40 8.61 11.95 2.70
C PRO A 40 9.44 11.01 1.81
N GLU A 41 10.76 10.96 1.96
CA GLU A 41 11.62 10.05 1.22
C GLU A 41 11.47 8.59 1.71
N GLN A 42 11.34 8.41 3.03
CA GLN A 42 10.99 7.13 3.63
C GLN A 42 9.56 6.71 3.28
N TRP A 43 8.67 7.67 3.04
CA TRP A 43 7.32 7.42 2.54
C TRP A 43 7.37 6.76 1.15
N ARG A 44 8.21 7.26 0.24
CA ARG A 44 8.44 6.68 -1.09
C ARG A 44 9.03 5.27 -0.97
N GLN A 45 10.05 5.13 -0.14
CA GLN A 45 10.71 3.85 0.12
C GLN A 45 9.73 2.81 0.68
N ALA A 46 8.86 3.21 1.61
CA ALA A 46 7.86 2.35 2.20
C ALA A 46 6.74 2.01 1.21
N ALA A 47 6.12 3.02 0.58
CA ALA A 47 4.94 2.83 -0.25
C ALA A 47 5.21 1.84 -1.40
N GLU A 48 6.46 1.77 -1.89
CA GLU A 48 6.90 0.78 -2.87
C GLU A 48 6.67 -0.66 -2.38
N LYS A 49 7.14 -1.05 -1.19
CA LYS A 49 6.96 -2.41 -0.66
C LYS A 49 5.53 -2.61 -0.15
N ILE A 50 4.94 -1.58 0.47
CA ILE A 50 3.54 -1.61 0.92
C ILE A 50 2.63 -2.01 -0.24
N PHE A 51 2.77 -1.34 -1.39
CA PHE A 51 1.94 -1.55 -2.56
C PHE A 51 2.30 -2.82 -3.32
N GLU A 52 3.58 -3.20 -3.34
CA GLU A 52 4.02 -4.49 -3.86
C GLU A 52 3.37 -5.65 -3.10
N ALA A 53 3.18 -5.57 -1.76
CA ALA A 53 2.57 -6.65 -1.00
C ALA A 53 1.19 -7.04 -1.56
N PHE A 54 0.33 -6.06 -1.85
CA PHE A 54 -1.01 -6.30 -2.38
C PHE A 54 -0.97 -6.92 -3.79
N ARG A 55 0.11 -6.66 -4.54
CA ARG A 55 0.37 -7.22 -5.87
C ARG A 55 0.85 -8.67 -5.80
N GLU A 56 1.58 -9.02 -4.74
CA GLU A 56 2.06 -10.38 -4.51
C GLU A 56 0.97 -11.26 -3.91
N ALA A 57 0.31 -10.81 -2.83
CA ALA A 57 -0.74 -11.56 -2.16
C ALA A 57 -1.89 -11.91 -3.09
N SER A 58 -2.25 -10.98 -3.97
CA SER A 58 -3.28 -11.20 -5.00
C SER A 58 -2.90 -12.28 -6.02
N ASN A 59 -1.60 -12.47 -6.26
CA ASN A 59 -1.04 -13.53 -7.10
C ASN A 59 -0.87 -14.87 -6.33
N GLY A 60 -1.11 -14.87 -5.02
CA GLY A 60 -1.03 -16.01 -4.11
C GLY A 60 0.20 -16.00 -3.19
N ASN A 61 0.91 -14.86 -3.08
CA ASN A 61 2.16 -14.71 -2.34
C ASN A 61 1.92 -14.07 -0.97
N THR A 62 1.00 -14.57 -0.16
CA THR A 62 0.81 -14.09 1.22
C THR A 62 2.13 -14.08 2.01
N GLU A 63 2.97 -15.11 1.84
CA GLU A 63 4.26 -15.26 2.52
C GLU A 63 5.31 -14.20 2.13
N LYS A 64 5.27 -13.73 0.87
CA LYS A 64 6.12 -12.65 0.37
C LYS A 64 5.52 -11.29 0.69
N ALA A 65 4.25 -11.10 0.39
CA ALA A 65 3.56 -9.84 0.63
C ALA A 65 3.68 -9.39 2.09
N LYS A 66 3.63 -10.34 3.03
CA LYS A 66 3.80 -10.03 4.47
C LYS A 66 5.23 -9.52 4.79
N LYS A 67 6.24 -10.02 4.07
CA LYS A 67 7.64 -9.59 4.22
C LYS A 67 7.87 -8.20 3.64
N LEU A 68 7.32 -7.90 2.47
CA LEU A 68 7.33 -6.55 1.88
C LEU A 68 6.74 -5.51 2.87
N LEU A 69 5.64 -5.86 3.53
CA LEU A 69 4.99 -5.04 4.56
C LEU A 69 5.88 -4.74 5.77
N GLU A 70 6.55 -5.77 6.30
CA GLU A 70 7.55 -5.63 7.38
C GLU A 70 8.71 -4.73 6.93
N GLU A 71 9.16 -4.90 5.69
CA GLU A 71 10.33 -4.21 5.14
C GLU A 71 10.09 -2.70 5.01
N ALA A 72 8.93 -2.32 4.47
CA ALA A 72 8.54 -0.92 4.35
C ALA A 72 8.31 -0.26 5.70
N ALA A 73 7.64 -0.98 6.61
CA ALA A 73 7.36 -0.46 7.96
C ALA A 73 8.65 -0.14 8.70
N ARG A 74 9.63 -1.04 8.69
CA ARG A 74 10.93 -0.82 9.34
C ARG A 74 11.71 0.34 8.72
N THR A 75 11.53 0.54 7.41
CA THR A 75 12.10 1.69 6.68
C THR A 75 11.46 3.02 7.10
N ALA A 76 10.13 3.08 7.21
CA ALA A 76 9.37 4.24 7.70
C ALA A 76 9.37 4.40 9.24
N GLY A 77 9.96 3.44 9.98
CA GLY A 77 10.10 3.45 11.44
C GLY A 77 8.85 3.04 12.22
N ALA A 78 7.94 2.27 11.59
CA ALA A 78 6.62 1.96 12.09
C ALA A 78 6.54 0.79 13.09
N SER A 79 5.38 0.72 13.78
CA SER A 79 5.12 -0.14 14.94
C SER A 79 4.98 -1.64 14.64
N PRO A 80 5.39 -2.53 15.55
CA PRO A 80 5.13 -3.97 15.42
C PRO A 80 3.63 -4.30 15.44
N GLU A 81 2.80 -3.47 16.08
CA GLU A 81 1.34 -3.59 16.03
C GLU A 81 0.78 -3.34 14.63
N ILE A 82 1.18 -2.27 13.93
CA ILE A 82 0.64 -1.95 12.60
C ILE A 82 1.17 -2.90 11.53
N ILE A 83 2.39 -3.41 11.75
CA ILE A 83 3.07 -4.37 10.86
C ILE A 83 2.19 -5.62 10.75
N LYS A 84 1.78 -6.18 11.89
CA LYS A 84 0.89 -7.36 11.89
C LYS A 84 -0.53 -7.05 11.46
N LYS A 85 -1.04 -5.87 11.81
CA LYS A 85 -2.39 -5.40 11.44
C LYS A 85 -2.58 -5.35 9.93
N LEU A 86 -1.69 -4.65 9.23
CA LEU A 86 -1.67 -4.56 7.77
C LEU A 86 -1.32 -5.92 7.17
N ALA A 87 -0.24 -6.58 7.62
CA ALA A 87 0.17 -7.87 7.05
C ALA A 87 -0.97 -8.93 7.10
N SER A 88 -1.86 -8.89 8.10
CA SER A 88 -3.07 -9.75 8.21
C SER A 88 -4.12 -9.52 7.11
N ALA A 89 -4.08 -8.36 6.45
CA ALA A 89 -4.85 -8.08 5.24
C ALA A 89 -4.29 -8.83 4.02
N LEU A 90 -2.96 -8.99 3.94
CA LEU A 90 -2.31 -9.72 2.87
C LEU A 90 -2.57 -11.23 2.97
N GLU A 91 -2.70 -11.76 4.18
CA GLU A 91 -3.02 -13.18 4.37
C GLU A 91 -4.39 -13.56 3.82
N ARG A 92 -5.39 -12.68 4.03
CA ARG A 92 -6.72 -12.85 3.44
C ARG A 92 -6.78 -12.49 1.96
N LEU A 93 -5.97 -11.55 1.45
CA LEU A 93 -6.07 -11.11 0.04
C LEU A 93 -5.83 -12.24 -0.98
N ALA A 94 -5.00 -13.23 -0.60
CA ALA A 94 -4.74 -14.42 -1.39
C ALA A 94 -5.96 -15.35 -1.49
N GLU A 95 -6.60 -15.67 -0.36
CA GLU A 95 -7.77 -16.57 -0.32
C GLU A 95 -9.10 -15.88 -0.69
N GLU A 96 -9.21 -14.56 -0.49
CA GLU A 96 -10.39 -13.74 -0.84
C GLU A 96 -10.54 -13.54 -2.36
N GLY A 97 -9.48 -13.81 -3.15
CA GLY A 97 -9.55 -13.86 -4.60
C GLY A 97 -9.16 -12.56 -5.30
N ALA A 98 -8.08 -11.91 -4.83
CA ALA A 98 -7.44 -10.75 -5.47
C ALA A 98 -8.30 -9.48 -5.58
N ALA A 99 -7.75 -8.45 -6.24
CA ALA A 99 -8.45 -7.23 -6.65
C ALA A 99 -8.11 -6.87 -8.11
N LYS A 100 -9.10 -6.91 -9.02
CA LYS A 100 -8.97 -6.44 -10.42
C LYS A 100 -9.04 -4.91 -10.49
N GLU A 101 -9.84 -4.31 -9.62
CA GLU A 101 -9.92 -2.85 -9.42
C GLU A 101 -8.59 -2.21 -9.03
N ALA A 102 -7.65 -2.97 -8.44
CA ALA A 102 -6.30 -2.50 -8.13
C ALA A 102 -5.53 -2.04 -9.37
N ALA A 103 -5.73 -2.70 -10.53
CA ALA A 103 -5.09 -2.32 -11.78
C ALA A 103 -5.60 -0.95 -12.28
N ARG A 104 -6.92 -0.74 -12.26
CA ARG A 104 -7.59 0.54 -12.58
C ARG A 104 -7.14 1.68 -11.66
N GLN A 105 -6.98 1.38 -10.38
CA GLN A 105 -6.49 2.31 -9.38
C GLN A 105 -5.00 2.67 -9.59
N ALA A 106 -4.16 1.69 -9.96
CA ALA A 106 -2.75 1.90 -10.25
C ALA A 106 -2.50 2.71 -11.54
N GLU A 107 -3.37 2.59 -12.56
CA GLU A 107 -3.28 3.35 -13.82
C GLU A 107 -3.24 4.88 -13.61
N GLU A 108 -3.90 5.39 -12.56
CA GLU A 108 -3.88 6.81 -12.20
C GLU A 108 -2.59 7.25 -11.51
N VAL A 109 -1.87 6.32 -10.85
CA VAL A 109 -0.52 6.54 -10.30
C VAL A 109 0.54 6.45 -11.42
N ARG A 110 0.42 5.46 -12.30
CA ARG A 110 1.23 5.27 -13.52
C ARG A 110 1.14 6.45 -14.50
N LYS A 111 0.10 7.28 -14.39
CA LYS A 111 -0.09 8.53 -15.15
C LYS A 111 1.02 9.58 -14.90
N ARG A 112 1.63 9.57 -13.71
CA ARG A 112 2.70 10.45 -13.16
C ARG A 112 2.40 11.97 -13.10
N GLY A 113 1.75 12.55 -14.12
CA GLY A 113 1.34 13.95 -14.14
C GLY A 113 0.15 14.24 -13.21
N SER A 114 0.07 15.47 -12.69
CA SER A 114 -1.01 15.91 -11.80
C SER A 114 -2.34 16.12 -12.53
N LEU A 115 -3.45 15.75 -11.90
CA LEU A 115 -4.82 15.98 -12.40
C LEU A 115 -5.90 16.11 -11.31
N GLU A 116 -5.77 15.39 -10.20
CA GLU A 116 -6.83 15.28 -9.19
C GLU A 116 -6.26 15.28 -7.75
N HIS A 117 -7.02 15.85 -6.81
CA HIS A 117 -6.65 15.98 -5.40
C HIS A 117 -6.87 14.67 -4.62
N HIS A 118 -8.06 14.07 -4.73
CA HIS A 118 -8.40 12.74 -4.20
C HIS A 118 -9.52 12.06 -5.02
N HIS A 119 -9.64 10.74 -4.93
CA HIS A 119 -10.53 9.92 -5.77
C HIS A 119 -12.02 9.91 -5.34
N HIS A 120 -12.45 10.89 -4.53
CA HIS A 120 -13.72 10.97 -3.80
C HIS A 120 -13.94 9.81 -2.79
N HIS A 121 -13.99 10.16 -1.50
CA HIS A 121 -14.19 9.24 -0.38
C HIS A 121 -14.76 9.95 0.87
N HIS A 122 -15.43 9.18 1.74
CA HIS A 122 -16.06 9.61 3.00
C HIS A 122 -17.02 10.82 2.83
N GLY A 1 4.61 8.14 -13.23
CA GLY A 1 5.78 9.03 -13.33
C GLY A 1 5.43 10.45 -12.87
N GLU A 2 6.31 11.41 -13.19
CA GLU A 2 6.22 12.85 -12.87
C GLU A 2 6.03 13.19 -11.38
N THR A 3 4.80 13.12 -10.87
CA THR A 3 4.41 13.48 -9.48
C THR A 3 4.62 12.32 -8.52
N LYS A 4 5.88 11.93 -8.33
CA LYS A 4 6.30 10.71 -7.60
C LYS A 4 5.88 10.70 -6.13
N ALA A 5 5.90 11.87 -5.49
CA ALA A 5 5.43 12.05 -4.11
C ALA A 5 3.91 11.82 -3.97
N LYS A 6 3.13 12.32 -4.94
CA LYS A 6 1.68 12.08 -5.01
C LYS A 6 1.40 10.61 -5.29
N ALA A 7 2.11 10.00 -6.25
CA ALA A 7 2.01 8.58 -6.57
C ALA A 7 2.32 7.66 -5.37
N ALA A 8 3.24 8.04 -4.48
CA ALA A 8 3.50 7.29 -3.24
C ALA A 8 2.30 7.30 -2.28
N GLN A 9 1.72 8.47 -1.98
CA GLN A 9 0.48 8.54 -1.17
C GLN A 9 -0.69 7.83 -1.85
N GLU A 10 -0.83 7.99 -3.16
CA GLU A 10 -1.90 7.40 -3.97
C GLU A 10 -1.76 5.88 -4.07
N ALA A 11 -0.56 5.32 -3.94
CA ALA A 11 -0.37 3.87 -3.87
C ALA A 11 -1.12 3.27 -2.66
N LEU A 12 -0.93 3.83 -1.46
CA LEU A 12 -1.62 3.37 -0.25
C LEU A 12 -3.10 3.79 -0.25
N ARG A 13 -3.41 5.02 -0.67
CA ARG A 13 -4.80 5.52 -0.73
C ARG A 13 -5.65 4.69 -1.70
N ALA A 14 -5.13 4.37 -2.88
CA ALA A 14 -5.79 3.48 -3.82
C ALA A 14 -5.86 2.04 -3.27
N ALA A 15 -4.87 1.58 -2.51
CA ALA A 15 -4.92 0.27 -1.85
C ALA A 15 -6.08 0.16 -0.83
N ARG A 16 -6.36 1.22 -0.05
CA ARG A 16 -7.52 1.25 0.86
C ARG A 16 -8.85 1.32 0.11
N GLU A 17 -8.87 1.99 -1.04
CA GLU A 17 -10.06 2.14 -1.90
C GLU A 17 -10.39 0.86 -2.70
N GLN A 18 -9.38 0.14 -3.19
CA GLN A 18 -9.52 -1.06 -4.04
C GLN A 18 -9.74 -2.37 -3.25
N ALA A 19 -9.34 -2.42 -1.96
CA ALA A 19 -9.29 -3.65 -1.18
C ALA A 19 -10.71 -4.25 -1.00
N THR A 20 -10.88 -5.52 -1.39
CA THR A 20 -12.22 -6.14 -1.50
C THR A 20 -12.90 -6.42 -0.15
N THR A 21 -12.12 -6.60 0.92
CA THR A 21 -12.63 -6.84 2.28
C THR A 21 -12.59 -5.56 3.14
N PRO A 22 -13.63 -5.31 3.96
CA PRO A 22 -13.69 -4.18 4.90
C PRO A 22 -12.63 -4.29 6.00
N GLU A 23 -12.27 -5.52 6.39
CA GLU A 23 -11.22 -5.80 7.37
C GLU A 23 -9.83 -5.48 6.83
N ALA A 24 -9.62 -5.59 5.52
CA ALA A 24 -8.42 -5.09 4.87
C ALA A 24 -8.43 -3.56 4.83
N GLN A 25 -9.55 -2.94 4.42
CA GLN A 25 -9.63 -1.47 4.25
C GLN A 25 -9.29 -0.72 5.55
N LYS A 26 -9.83 -1.16 6.69
CA LYS A 26 -9.54 -0.59 8.02
C LYS A 26 -8.11 -0.84 8.51
N ALA A 27 -7.54 -1.99 8.16
CA ALA A 27 -6.19 -2.41 8.54
C ALA A 27 -5.09 -1.66 7.76
N LEU A 28 -5.34 -1.30 6.51
CA LEU A 28 -4.45 -0.43 5.73
C LEU A 28 -4.30 0.96 6.36
N GLU A 29 -5.37 1.48 6.95
CA GLU A 29 -5.36 2.75 7.66
C GLU A 29 -4.54 2.72 8.97
N GLU A 30 -4.29 1.54 9.54
CA GLU A 30 -3.40 1.39 10.70
C GLU A 30 -1.96 1.79 10.35
N LEU A 31 -1.45 1.35 9.19
CA LEU A 31 -0.14 1.75 8.71
C LEU A 31 -0.08 3.28 8.50
N GLU A 32 -1.10 3.82 7.83
CA GLU A 32 -1.20 5.24 7.46
C GLU A 32 -1.10 6.20 8.66
N LYS A 33 -1.49 5.76 9.87
CA LYS A 33 -1.43 6.59 11.09
C LYS A 33 0.00 6.85 11.52
N VAL A 34 0.89 5.91 11.20
CA VAL A 34 2.33 6.00 11.42
C VAL A 34 3.04 6.72 10.29
N LEU A 35 2.71 6.38 9.05
CA LEU A 35 3.26 7.07 7.87
C LEU A 35 2.89 8.56 7.87
N LYS A 36 1.77 8.94 8.52
CA LYS A 36 1.37 10.34 8.71
C LYS A 36 2.40 11.19 9.46
N THR A 37 3.20 10.56 10.32
CA THR A 37 4.33 11.16 11.04
C THR A 37 5.70 10.67 10.56
N ALA A 38 5.75 9.92 9.45
CA ALA A 38 7.01 9.44 8.85
C ALA A 38 7.62 10.49 7.89
N SER A 39 8.89 10.28 7.53
CA SER A 39 9.67 11.19 6.66
C SER A 39 9.27 11.00 5.19
N PRO A 40 9.18 12.07 4.37
CA PRO A 40 8.72 11.97 2.97
C PRO A 40 9.62 11.09 2.10
N GLU A 41 10.93 11.06 2.36
CA GLU A 41 11.87 10.21 1.61
C GLU A 41 11.62 8.72 1.93
N GLN A 42 11.41 8.41 3.22
CA GLN A 42 11.04 7.08 3.68
C GLN A 42 9.63 6.67 3.23
N TRP A 43 8.73 7.64 3.04
CA TRP A 43 7.39 7.43 2.50
C TRP A 43 7.45 6.82 1.09
N ARG A 44 8.31 7.34 0.21
CA ARG A 44 8.56 6.77 -1.13
C ARG A 44 9.16 5.38 -1.06
N GLN A 45 10.07 5.17 -0.11
CA GLN A 45 10.70 3.86 0.06
C GLN A 45 9.68 2.81 0.54
N ALA A 46 8.85 3.20 1.51
CA ALA A 46 7.85 2.34 2.12
C ALA A 46 6.69 2.05 1.16
N ALA A 47 6.08 3.09 0.55
CA ALA A 47 4.89 2.94 -0.27
C ALA A 47 5.10 1.94 -1.42
N GLU A 48 6.33 1.85 -1.93
CA GLU A 48 6.69 0.86 -2.95
C GLU A 48 6.49 -0.58 -2.45
N LYS A 49 7.02 -0.95 -1.26
CA LYS A 49 6.89 -2.32 -0.73
C LYS A 49 5.48 -2.56 -0.20
N ILE A 50 4.88 -1.54 0.43
CA ILE A 50 3.50 -1.58 0.91
C ILE A 50 2.56 -1.98 -0.24
N PHE A 51 2.71 -1.32 -1.38
CA PHE A 51 1.85 -1.52 -2.54
C PHE A 51 2.22 -2.77 -3.34
N GLU A 52 3.50 -3.15 -3.36
CA GLU A 52 3.95 -4.43 -3.88
C GLU A 52 3.30 -5.59 -3.11
N ALA A 53 3.14 -5.52 -1.79
CA ALA A 53 2.55 -6.59 -1.00
C ALA A 53 1.17 -6.99 -1.53
N PHE A 54 0.29 -6.02 -1.79
CA PHE A 54 -1.05 -6.27 -2.29
C PHE A 54 -1.03 -6.88 -3.70
N ARG A 55 0.01 -6.60 -4.49
CA ARG A 55 0.23 -7.20 -5.81
C ARG A 55 0.71 -8.64 -5.72
N GLU A 56 1.49 -8.97 -4.69
CA GLU A 56 1.99 -10.31 -4.48
C GLU A 56 0.93 -11.21 -3.85
N ALA A 57 0.30 -10.77 -2.75
CA ALA A 57 -0.72 -11.55 -2.06
C ALA A 57 -1.90 -11.90 -2.95
N SER A 58 -2.29 -10.97 -3.82
CA SER A 58 -3.34 -11.21 -4.82
C SER A 58 -2.97 -12.25 -5.88
N ASN A 59 -1.67 -12.42 -6.15
CA ASN A 59 -1.12 -13.49 -6.99
C ASN A 59 -0.91 -14.82 -6.21
N GLY A 60 -1.12 -14.81 -4.90
CA GLY A 60 -1.00 -15.96 -3.98
C GLY A 60 0.23 -15.92 -3.08
N ASN A 61 0.96 -14.79 -3.04
CA ASN A 61 2.23 -14.63 -2.33
C ASN A 61 2.00 -13.98 -0.95
N THR A 62 1.16 -14.56 -0.10
CA THR A 62 0.99 -14.05 1.28
C THR A 62 2.32 -13.98 2.03
N GLU A 63 3.17 -15.00 1.89
CA GLU A 63 4.49 -15.09 2.54
C GLU A 63 5.51 -14.04 2.07
N LYS A 64 5.41 -13.61 0.80
CA LYS A 64 6.21 -12.53 0.25
C LYS A 64 5.61 -11.16 0.57
N ALA A 65 4.31 -10.99 0.33
CA ALA A 65 3.64 -9.73 0.59
C ALA A 65 3.83 -9.27 2.03
N LYS A 66 3.77 -10.20 2.98
CA LYS A 66 3.99 -9.87 4.41
C LYS A 66 5.42 -9.39 4.65
N LYS A 67 6.40 -9.92 3.91
CA LYS A 67 7.83 -9.58 4.02
C LYS A 67 8.11 -8.19 3.45
N LEU A 68 7.51 -7.84 2.30
CA LEU A 68 7.54 -6.49 1.72
C LEU A 68 6.97 -5.47 2.71
N LEU A 69 5.81 -5.74 3.31
CA LEU A 69 5.17 -4.79 4.21
C LEU A 69 6.00 -4.55 5.48
N GLU A 70 6.55 -5.62 6.05
CA GLU A 70 7.49 -5.54 7.17
C GLU A 70 8.71 -4.70 6.80
N GLU A 71 9.24 -4.88 5.59
CA GLU A 71 10.41 -4.14 5.09
C GLU A 71 10.12 -2.63 4.98
N ALA A 72 8.98 -2.27 4.40
CA ALA A 72 8.55 -0.89 4.30
C ALA A 72 8.27 -0.27 5.67
N ALA A 73 7.62 -1.01 6.57
CA ALA A 73 7.34 -0.54 7.91
C ALA A 73 8.63 -0.23 8.68
N ARG A 74 9.60 -1.15 8.65
CA ARG A 74 10.89 -0.96 9.34
C ARG A 74 11.72 0.15 8.70
N THR A 75 11.54 0.39 7.40
CA THR A 75 12.11 1.55 6.69
C THR A 75 11.46 2.87 7.12
N ALA A 76 10.13 2.92 7.22
CA ALA A 76 9.38 4.09 7.70
C ALA A 76 9.39 4.26 9.24
N GLY A 77 9.96 3.30 9.98
CA GLY A 77 10.10 3.30 11.44
C GLY A 77 8.84 2.89 12.22
N ALA A 78 7.95 2.11 11.59
CA ALA A 78 6.62 1.80 12.10
C ALA A 78 6.54 0.59 13.07
N SER A 79 5.42 0.52 13.79
CA SER A 79 5.18 -0.37 14.93
C SER A 79 4.98 -1.85 14.58
N PRO A 80 5.40 -2.79 15.44
CA PRO A 80 5.06 -4.21 15.27
C PRO A 80 3.53 -4.43 15.31
N GLU A 81 2.79 -3.57 16.02
CA GLU A 81 1.32 -3.59 16.08
C GLU A 81 0.67 -3.26 14.74
N ILE A 82 1.12 -2.25 13.99
CA ILE A 82 0.58 -1.93 12.66
C ILE A 82 1.04 -2.92 11.61
N ILE A 83 2.26 -3.45 11.78
CA ILE A 83 2.86 -4.44 10.86
C ILE A 83 1.96 -5.67 10.83
N LYS A 84 1.57 -6.20 12.00
CA LYS A 84 0.69 -7.39 12.06
C LYS A 84 -0.73 -7.08 11.58
N LYS A 85 -1.25 -5.89 11.88
CA LYS A 85 -2.60 -5.43 11.48
C LYS A 85 -2.76 -5.41 9.96
N LEU A 86 -1.86 -4.70 9.27
CA LEU A 86 -1.85 -4.60 7.81
C LEU A 86 -1.44 -5.94 7.18
N ALA A 87 -0.35 -6.56 7.62
CA ALA A 87 0.13 -7.82 7.03
C ALA A 87 -0.95 -8.94 7.11
N SER A 88 -1.82 -8.96 8.12
CA SER A 88 -2.96 -9.89 8.22
C SER A 88 -3.98 -9.70 7.07
N ALA A 89 -4.09 -8.49 6.53
CA ALA A 89 -4.88 -8.21 5.32
C ALA A 89 -4.30 -8.92 4.10
N LEU A 90 -2.97 -9.00 3.99
CA LEU A 90 -2.29 -9.72 2.91
C LEU A 90 -2.49 -11.23 3.04
N GLU A 91 -2.57 -11.75 4.27
CA GLU A 91 -2.81 -13.18 4.49
C GLU A 91 -4.22 -13.61 4.03
N ARG A 92 -5.24 -12.76 4.26
CA ARG A 92 -6.59 -13.01 3.71
C ARG A 92 -6.69 -12.71 2.21
N LEU A 93 -5.94 -11.77 1.65
CA LEU A 93 -6.05 -11.36 0.23
C LEU A 93 -5.76 -12.51 -0.76
N ALA A 94 -4.89 -13.42 -0.36
CA ALA A 94 -4.55 -14.62 -1.14
C ALA A 94 -5.70 -15.64 -1.17
N GLU A 95 -6.29 -15.96 -0.02
CA GLU A 95 -7.38 -16.95 0.09
C GLU A 95 -8.76 -16.39 -0.33
N GLU A 96 -8.96 -15.07 -0.19
CA GLU A 96 -10.18 -14.37 -0.67
C GLU A 96 -10.27 -14.29 -2.20
N GLY A 97 -9.15 -14.45 -2.91
CA GLY A 97 -9.11 -14.49 -4.38
C GLY A 97 -8.95 -13.11 -5.01
N ALA A 98 -8.00 -12.32 -4.50
CA ALA A 98 -7.58 -11.01 -5.01
C ALA A 98 -8.63 -9.88 -4.98
N ALA A 99 -8.19 -8.67 -5.33
CA ALA A 99 -9.00 -7.47 -5.48
C ALA A 99 -8.85 -6.91 -6.91
N LYS A 100 -9.78 -7.22 -7.82
CA LYS A 100 -9.65 -6.94 -9.27
C LYS A 100 -9.61 -5.45 -9.61
N GLU A 101 -10.21 -4.62 -8.76
CA GLU A 101 -10.15 -3.16 -8.82
C GLU A 101 -8.72 -2.63 -8.76
N ALA A 102 -7.81 -3.36 -8.09
CA ALA A 102 -6.41 -2.99 -7.99
C ALA A 102 -5.72 -2.87 -9.36
N ALA A 103 -6.16 -3.66 -10.35
CA ALA A 103 -5.61 -3.62 -11.71
C ALA A 103 -5.95 -2.31 -12.45
N ARG A 104 -7.20 -1.82 -12.35
CA ARG A 104 -7.60 -0.52 -12.93
C ARG A 104 -7.11 0.68 -12.11
N GLN A 105 -7.03 0.55 -10.79
CA GLN A 105 -6.52 1.60 -9.90
C GLN A 105 -5.02 1.82 -10.08
N ALA A 106 -4.24 0.77 -10.36
CA ALA A 106 -2.80 0.89 -10.65
C ALA A 106 -2.52 1.73 -11.91
N GLU A 107 -3.35 1.65 -12.96
CA GLU A 107 -3.14 2.43 -14.21
C GLU A 107 -3.13 3.94 -13.98
N GLU A 108 -3.95 4.44 -13.05
CA GLU A 108 -4.00 5.86 -12.68
C GLU A 108 -2.68 6.31 -12.03
N VAL A 109 -2.17 5.53 -11.08
CA VAL A 109 -0.96 5.83 -10.31
C VAL A 109 0.32 5.63 -11.14
N ARG A 110 0.33 4.63 -12.04
CA ARG A 110 1.39 4.42 -13.04
C ARG A 110 1.61 5.64 -13.93
N LYS A 111 0.54 6.33 -14.33
CA LYS A 111 0.61 7.60 -15.08
C LYS A 111 1.07 8.76 -14.18
N ARG A 112 0.26 9.15 -13.17
CA ARG A 112 0.57 10.23 -12.20
C ARG A 112 -0.12 10.09 -10.84
N GLY A 113 -1.31 9.50 -10.82
CA GLY A 113 -2.23 9.52 -9.69
C GLY A 113 -3.21 10.69 -9.80
N SER A 114 -4.51 10.38 -9.77
CA SER A 114 -5.63 11.34 -9.86
C SER A 114 -5.53 12.36 -11.01
N LEU A 115 -5.38 11.86 -12.23
CA LEU A 115 -5.45 12.63 -13.47
C LEU A 115 -6.87 12.68 -14.07
N GLU A 116 -7.68 11.65 -13.79
CA GLU A 116 -9.00 11.45 -14.38
C GLU A 116 -10.01 11.04 -13.28
N HIS A 117 -9.66 10.02 -12.50
CA HIS A 117 -10.32 9.59 -11.25
C HIS A 117 -11.87 9.62 -11.22
N HIS A 118 -12.55 9.07 -12.24
CA HIS A 118 -14.03 9.04 -12.27
C HIS A 118 -14.65 8.29 -11.06
N HIS A 119 -15.82 8.76 -10.62
CA HIS A 119 -16.56 8.24 -9.46
C HIS A 119 -18.08 8.41 -9.65
N HIS A 120 -18.88 7.60 -8.95
CA HIS A 120 -20.34 7.51 -9.12
C HIS A 120 -21.09 7.55 -7.77
N HIS A 121 -22.27 8.18 -7.75
CA HIS A 121 -23.03 8.52 -6.54
C HIS A 121 -24.13 7.51 -6.14
N HIS A 122 -24.24 6.37 -6.84
CA HIS A 122 -25.26 5.33 -6.67
C HIS A 122 -26.71 5.88 -6.70
N GLY A 1 1.39 21.14 -6.68
CA GLY A 1 2.34 20.64 -7.70
C GLY A 1 2.45 19.13 -7.68
N GLU A 2 2.68 18.51 -8.84
CA GLU A 2 2.86 17.05 -8.99
C GLU A 2 4.25 16.60 -8.52
N THR A 3 4.35 15.43 -7.88
CA THR A 3 5.56 14.93 -7.21
C THR A 3 5.50 13.41 -6.97
N LYS A 4 6.65 12.73 -6.91
CA LYS A 4 6.74 11.31 -6.54
C LYS A 4 6.21 11.02 -5.11
N ALA A 5 6.16 12.03 -4.23
CA ALA A 5 5.52 11.92 -2.91
C ALA A 5 3.99 11.78 -2.99
N LYS A 6 3.35 12.33 -4.04
CA LYS A 6 1.93 12.11 -4.35
C LYS A 6 1.71 10.71 -4.92
N ALA A 7 2.56 10.27 -5.85
CA ALA A 7 2.53 8.92 -6.41
C ALA A 7 2.63 7.83 -5.32
N ALA A 8 3.50 8.04 -4.33
CA ALA A 8 3.65 7.15 -3.18
C ALA A 8 2.39 7.12 -2.29
N GLN A 9 1.84 8.28 -1.92
CA GLN A 9 0.59 8.36 -1.15
C GLN A 9 -0.60 7.76 -1.88
N GLU A 10 -0.71 7.95 -3.19
CA GLU A 10 -1.75 7.37 -4.04
C GLU A 10 -1.64 5.85 -4.10
N ALA A 11 -0.44 5.28 -3.97
CA ALA A 11 -0.28 3.82 -3.93
C ALA A 11 -1.01 3.21 -2.72
N LEU A 12 -0.80 3.73 -1.51
CA LEU A 12 -1.48 3.27 -0.29
C LEU A 12 -2.95 3.70 -0.25
N ARG A 13 -3.25 4.95 -0.64
CA ARG A 13 -4.61 5.48 -0.66
C ARG A 13 -5.52 4.65 -1.57
N ALA A 14 -5.02 4.27 -2.74
CA ALA A 14 -5.70 3.33 -3.63
C ALA A 14 -5.86 1.94 -3.00
N ALA A 15 -4.86 1.45 -2.25
CA ALA A 15 -4.93 0.15 -1.60
C ALA A 15 -6.09 0.01 -0.60
N ARG A 16 -6.49 1.09 0.09
CA ARG A 16 -7.70 1.10 0.94
C ARG A 16 -9.00 1.04 0.13
N GLU A 17 -9.02 1.65 -1.07
CA GLU A 17 -10.18 1.66 -1.97
C GLU A 17 -10.38 0.32 -2.72
N GLN A 18 -9.30 -0.29 -3.20
CA GLN A 18 -9.31 -1.56 -3.95
C GLN A 18 -9.44 -2.80 -3.04
N ALA A 19 -9.11 -2.68 -1.75
CA ALA A 19 -9.33 -3.74 -0.76
C ALA A 19 -10.82 -4.09 -0.64
N THR A 20 -11.22 -5.24 -1.18
CA THR A 20 -12.64 -5.65 -1.29
C THR A 20 -13.27 -6.04 0.06
N THR A 21 -12.44 -6.43 1.04
CA THR A 21 -12.86 -6.79 2.40
C THR A 21 -12.76 -5.59 3.36
N PRO A 22 -13.74 -5.41 4.26
CA PRO A 22 -13.74 -4.35 5.28
C PRO A 22 -12.60 -4.51 6.29
N GLU A 23 -12.16 -5.74 6.56
CA GLU A 23 -11.05 -6.05 7.46
C GLU A 23 -9.71 -5.60 6.87
N ALA A 24 -9.57 -5.69 5.54
CA ALA A 24 -8.41 -5.15 4.83
C ALA A 24 -8.43 -3.61 4.80
N GLN A 25 -9.60 -2.99 4.60
CA GLN A 25 -9.71 -1.51 4.59
C GLN A 25 -9.35 -0.87 5.94
N LYS A 26 -9.85 -1.41 7.05
CA LYS A 26 -9.54 -0.90 8.41
C LYS A 26 -8.08 -1.16 8.81
N ALA A 27 -7.51 -2.28 8.36
CA ALA A 27 -6.11 -2.61 8.56
C ALA A 27 -5.17 -1.61 7.85
N LEU A 28 -5.50 -1.24 6.60
CA LEU A 28 -4.82 -0.21 5.80
C LEU A 28 -4.69 1.14 6.51
N GLU A 29 -5.74 1.54 7.23
CA GLU A 29 -5.79 2.74 8.05
C GLU A 29 -4.72 2.76 9.15
N GLU A 30 -4.35 1.60 9.69
CA GLU A 30 -3.37 1.47 10.77
C GLU A 30 -1.95 1.86 10.34
N LEU A 31 -1.49 1.37 9.18
CA LEU A 31 -0.16 1.72 8.67
C LEU A 31 -0.11 3.23 8.37
N GLU A 32 -1.13 3.76 7.69
CA GLU A 32 -1.24 5.17 7.27
C GLU A 32 -1.17 6.17 8.44
N LYS A 33 -1.58 5.77 9.65
CA LYS A 33 -1.57 6.65 10.83
C LYS A 33 -0.15 6.92 11.30
N VAL A 34 0.75 5.97 11.06
CA VAL A 34 2.19 6.11 11.27
C VAL A 34 2.83 6.91 10.15
N LEU A 35 2.53 6.54 8.90
CA LEU A 35 3.13 7.15 7.71
C LEU A 35 2.77 8.64 7.60
N LYS A 36 1.60 9.05 8.11
CA LYS A 36 1.19 10.47 8.12
C LYS A 36 2.15 11.38 8.90
N THR A 37 2.86 10.82 9.88
CA THR A 37 3.92 11.47 10.66
C THR A 37 5.34 10.94 10.35
N ALA A 38 5.48 10.09 9.32
CA ALA A 38 6.78 9.62 8.82
C ALA A 38 7.40 10.60 7.81
N SER A 39 8.69 10.40 7.49
CA SER A 39 9.47 11.31 6.64
C SER A 39 9.20 11.05 5.15
N PRO A 40 9.19 12.09 4.28
CA PRO A 40 8.73 11.95 2.89
C PRO A 40 9.62 11.03 2.03
N GLU A 41 10.93 11.00 2.28
CA GLU A 41 11.85 10.08 1.58
C GLU A 41 11.51 8.63 1.93
N GLN A 42 11.35 8.35 3.23
CA GLN A 42 10.95 7.04 3.75
C GLN A 42 9.54 6.66 3.32
N TRP A 43 8.68 7.64 3.06
CA TRP A 43 7.35 7.41 2.51
C TRP A 43 7.42 6.77 1.12
N ARG A 44 8.31 7.24 0.25
CA ARG A 44 8.54 6.67 -1.09
C ARG A 44 9.17 5.29 -0.99
N GLN A 45 10.16 5.14 -0.11
CA GLN A 45 10.81 3.86 0.16
C GLN A 45 9.81 2.80 0.67
N ALA A 46 8.92 3.20 1.58
CA ALA A 46 7.92 2.33 2.17
C ALA A 46 6.79 2.02 1.18
N ALA A 47 6.16 3.02 0.56
CA ALA A 47 4.99 2.84 -0.28
C ALA A 47 5.26 1.85 -1.43
N GLU A 48 6.51 1.78 -1.92
CA GLU A 48 6.90 0.78 -2.93
C GLU A 48 6.66 -0.65 -2.44
N LYS A 49 7.13 -1.03 -1.25
CA LYS A 49 6.95 -2.39 -0.71
C LYS A 49 5.52 -2.59 -0.21
N ILE A 50 4.93 -1.57 0.42
CA ILE A 50 3.54 -1.59 0.89
C ILE A 50 2.60 -1.98 -0.26
N PHE A 51 2.74 -1.28 -1.39
CA PHE A 51 1.89 -1.48 -2.55
C PHE A 51 2.23 -2.75 -3.33
N GLU A 52 3.52 -3.12 -3.37
CA GLU A 52 3.96 -4.42 -3.89
C GLU A 52 3.31 -5.57 -3.12
N ALA A 53 3.16 -5.49 -1.79
CA ALA A 53 2.56 -6.56 -1.00
C ALA A 53 1.19 -6.96 -1.54
N PHE A 54 0.32 -5.98 -1.81
CA PHE A 54 -1.04 -6.24 -2.31
C PHE A 54 -1.02 -6.87 -3.71
N ARG A 55 0.02 -6.56 -4.50
CA ARG A 55 0.26 -7.11 -5.84
C ARG A 55 0.77 -8.55 -5.79
N GLU A 56 1.52 -8.90 -4.75
CA GLU A 56 2.00 -10.25 -4.54
C GLU A 56 0.92 -11.15 -3.91
N ALA A 57 0.29 -10.71 -2.82
CA ALA A 57 -0.74 -11.48 -2.13
C ALA A 57 -1.93 -11.80 -3.03
N SER A 58 -2.31 -10.86 -3.88
CA SER A 58 -3.37 -11.10 -4.87
C SER A 58 -2.99 -12.13 -5.94
N ASN A 59 -1.70 -12.30 -6.21
CA ASN A 59 -1.16 -13.37 -7.06
C ASN A 59 -0.96 -14.71 -6.29
N GLY A 60 -1.20 -14.72 -4.97
CA GLY A 60 -1.10 -15.86 -4.06
C GLY A 60 0.13 -15.84 -3.15
N ASN A 61 0.88 -14.73 -3.11
CA ASN A 61 2.14 -14.59 -2.38
C ASN A 61 1.93 -13.95 -1.00
N THR A 62 1.05 -14.50 -0.16
CA THR A 62 0.88 -14.01 1.22
C THR A 62 2.22 -13.98 1.99
N GLU A 63 3.05 -15.02 1.83
CA GLU A 63 4.37 -15.16 2.46
C GLU A 63 5.40 -14.12 2.01
N LYS A 64 5.32 -13.65 0.77
CA LYS A 64 6.16 -12.56 0.24
C LYS A 64 5.56 -11.20 0.58
N ALA A 65 4.28 -11.00 0.32
CA ALA A 65 3.59 -9.75 0.59
C ALA A 65 3.78 -9.29 2.05
N LYS A 66 3.73 -10.25 2.98
CA LYS A 66 3.95 -9.94 4.42
C LYS A 66 5.37 -9.43 4.70
N LYS A 67 6.36 -9.95 3.96
CA LYS A 67 7.78 -9.59 4.08
C LYS A 67 8.05 -8.20 3.50
N LEU A 68 7.46 -7.89 2.34
CA LEU A 68 7.44 -6.53 1.78
C LEU A 68 6.87 -5.52 2.79
N LEU A 69 5.77 -5.87 3.46
CA LEU A 69 5.13 -5.01 4.45
C LEU A 69 6.03 -4.72 5.65
N GLU A 70 6.65 -5.76 6.20
CA GLU A 70 7.62 -5.61 7.29
C GLU A 70 8.81 -4.75 6.85
N GLU A 71 9.29 -4.93 5.61
CA GLU A 71 10.44 -4.18 5.09
C GLU A 71 10.15 -2.68 4.98
N ALA A 72 8.99 -2.33 4.41
CA ALA A 72 8.55 -0.95 4.32
C ALA A 72 8.32 -0.31 5.69
N ALA A 73 7.66 -1.04 6.60
CA ALA A 73 7.39 -0.56 7.94
C ALA A 73 8.69 -0.26 8.70
N ARG A 74 9.67 -1.17 8.67
CA ARG A 74 10.96 -0.98 9.33
C ARG A 74 11.77 0.16 8.70
N THR A 75 11.57 0.39 7.40
CA THR A 75 12.14 1.56 6.69
C THR A 75 11.50 2.88 7.13
N ALA A 76 10.17 2.93 7.25
CA ALA A 76 9.41 4.10 7.73
C ALA A 76 9.42 4.26 9.28
N GLY A 77 10.03 3.33 10.01
CA GLY A 77 10.13 3.33 11.48
C GLY A 77 8.84 2.92 12.22
N ALA A 78 7.96 2.18 11.57
CA ALA A 78 6.63 1.86 12.06
C ALA A 78 6.56 0.69 13.07
N SER A 79 5.43 0.62 13.79
CA SER A 79 5.18 -0.22 14.96
C SER A 79 5.03 -1.72 14.64
N PRO A 80 5.43 -2.62 15.56
CA PRO A 80 5.17 -4.06 15.41
C PRO A 80 3.66 -4.38 15.41
N GLU A 81 2.83 -3.56 16.06
CA GLU A 81 1.37 -3.72 16.02
C GLU A 81 0.78 -3.37 14.65
N ILE A 82 1.20 -2.29 13.98
CA ILE A 82 0.67 -1.95 12.64
C ILE A 82 1.18 -2.92 11.59
N ILE A 83 2.41 -3.43 11.78
CA ILE A 83 3.04 -4.42 10.90
C ILE A 83 2.14 -5.65 10.81
N LYS A 84 1.71 -6.19 11.95
CA LYS A 84 0.82 -7.37 11.97
C LYS A 84 -0.61 -7.04 11.51
N LYS A 85 -1.12 -5.84 11.83
CA LYS A 85 -2.45 -5.36 11.42
C LYS A 85 -2.58 -5.30 9.89
N LEU A 86 -1.65 -4.59 9.25
CA LEU A 86 -1.58 -4.44 7.79
C LEU A 86 -1.25 -5.78 7.13
N ALA A 87 -0.21 -6.49 7.57
CA ALA A 87 0.18 -7.78 6.98
C ALA A 87 -0.94 -8.84 7.07
N SER A 88 -1.81 -8.82 8.08
CA SER A 88 -3.00 -9.68 8.18
C SER A 88 -3.95 -9.47 6.99
N ALA A 89 -4.07 -8.24 6.48
CA ALA A 89 -4.85 -7.94 5.28
C ALA A 89 -4.31 -8.71 4.07
N LEU A 90 -2.99 -8.82 3.95
CA LEU A 90 -2.33 -9.57 2.89
C LEU A 90 -2.58 -11.09 2.99
N GLU A 91 -2.73 -11.60 4.22
CA GLU A 91 -3.04 -13.03 4.42
C GLU A 91 -4.44 -13.39 3.90
N ARG A 92 -5.45 -12.56 4.18
CA ARG A 92 -6.81 -12.72 3.64
C ARG A 92 -6.90 -12.43 2.14
N LEU A 93 -6.09 -11.52 1.60
CA LEU A 93 -6.13 -11.13 0.17
C LEU A 93 -5.80 -12.27 -0.78
N ALA A 94 -4.94 -13.20 -0.35
CA ALA A 94 -4.56 -14.39 -1.12
C ALA A 94 -5.67 -15.45 -1.16
N GLU A 95 -6.30 -15.74 -0.02
CA GLU A 95 -7.39 -16.75 0.05
C GLU A 95 -8.74 -16.23 -0.47
N GLU A 96 -8.97 -14.91 -0.44
CA GLU A 96 -10.20 -14.28 -0.95
C GLU A 96 -10.34 -14.41 -2.49
N GLY A 97 -9.23 -14.42 -3.23
CA GLY A 97 -9.21 -14.61 -4.69
C GLY A 97 -9.00 -13.32 -5.50
N ALA A 98 -8.05 -12.48 -5.09
CA ALA A 98 -7.53 -11.29 -5.79
C ALA A 98 -8.46 -10.06 -5.91
N ALA A 99 -7.91 -8.89 -5.61
CA ALA A 99 -8.51 -7.57 -5.87
C ALA A 99 -8.06 -7.02 -7.24
N LYS A 100 -8.78 -7.39 -8.31
CA LYS A 100 -8.43 -7.05 -9.72
C LYS A 100 -8.35 -5.55 -9.98
N GLU A 101 -9.09 -4.74 -9.22
CA GLU A 101 -9.08 -3.27 -9.26
C GLU A 101 -7.70 -2.68 -8.99
N ALA A 102 -6.87 -3.34 -8.17
CA ALA A 102 -5.52 -2.87 -7.86
C ALA A 102 -4.66 -2.67 -9.11
N ALA A 103 -4.76 -3.59 -10.08
CA ALA A 103 -3.94 -3.60 -11.28
C ALA A 103 -4.27 -2.44 -12.23
N ARG A 104 -5.57 -2.13 -12.40
CA ARG A 104 -6.03 -0.96 -13.18
C ARG A 104 -5.90 0.36 -12.42
N GLN A 105 -6.07 0.37 -11.09
CA GLN A 105 -5.93 1.59 -10.29
C GLN A 105 -4.46 2.05 -10.19
N ALA A 106 -3.51 1.12 -10.27
CA ALA A 106 -2.08 1.43 -10.41
C ALA A 106 -1.76 2.20 -11.70
N GLU A 107 -2.52 2.01 -12.79
CA GLU A 107 -2.24 2.69 -14.07
C GLU A 107 -2.43 4.21 -13.99
N GLU A 108 -3.34 4.68 -13.13
CA GLU A 108 -3.53 6.11 -12.85
C GLU A 108 -2.28 6.77 -12.22
N VAL A 109 -1.49 6.01 -11.45
CA VAL A 109 -0.20 6.45 -10.89
C VAL A 109 0.89 6.40 -11.96
N ARG A 110 0.95 5.32 -12.76
CA ARG A 110 1.92 5.14 -13.86
C ARG A 110 1.85 6.24 -14.94
N LYS A 111 0.67 6.84 -15.14
CA LYS A 111 0.44 7.94 -16.10
C LYS A 111 1.28 9.19 -15.83
N ARG A 112 1.57 9.50 -14.56
CA ARG A 112 2.32 10.67 -14.01
C ARG A 112 1.79 12.05 -14.40
N GLY A 113 1.78 12.39 -15.69
CA GLY A 113 1.29 13.67 -16.23
C GLY A 113 2.15 14.90 -15.91
N SER A 114 3.46 14.72 -15.69
CA SER A 114 4.41 15.79 -15.34
C SER A 114 5.80 15.60 -15.96
N LEU A 115 6.55 16.71 -16.08
CA LEU A 115 7.91 16.78 -16.63
C LEU A 115 9.00 17.21 -15.64
N GLU A 116 8.64 17.92 -14.58
CA GLU A 116 9.60 18.59 -13.71
C GLU A 116 9.15 18.58 -12.23
N HIS A 117 10.11 18.42 -11.32
CA HIS A 117 9.95 18.47 -9.86
C HIS A 117 10.94 19.46 -9.18
N HIS A 118 11.91 20.00 -9.94
CA HIS A 118 12.87 21.03 -9.56
C HIS A 118 12.62 22.32 -10.38
N HIS A 119 13.65 22.98 -10.92
CA HIS A 119 13.52 24.19 -11.76
C HIS A 119 14.19 24.08 -13.15
N HIS A 120 15.33 23.39 -13.27
CA HIS A 120 16.15 23.31 -14.49
C HIS A 120 16.57 21.86 -14.87
N HIS A 121 15.83 20.85 -14.43
CA HIS A 121 16.17 19.43 -14.60
C HIS A 121 15.56 18.83 -15.90
N HIS A 122 16.19 17.76 -16.41
CA HIS A 122 15.71 16.94 -17.52
C HIS A 122 14.67 15.89 -17.08
N GLY A 1 -1.50 11.21 -9.90
CA GLY A 1 -0.12 10.95 -10.35
C GLY A 1 0.72 12.21 -10.27
N GLU A 2 1.41 12.54 -11.37
CA GLU A 2 2.20 13.77 -11.65
C GLU A 2 3.43 14.07 -10.76
N THR A 3 3.37 13.82 -9.45
CA THR A 3 4.42 14.14 -8.46
C THR A 3 4.80 12.91 -7.65
N LYS A 4 6.08 12.74 -7.28
CA LYS A 4 6.60 11.52 -6.63
C LYS A 4 5.98 11.25 -5.25
N ALA A 5 5.78 12.30 -4.47
CA ALA A 5 5.17 12.21 -3.15
C ALA A 5 3.67 11.88 -3.24
N LYS A 6 2.98 12.44 -4.24
CA LYS A 6 1.57 12.12 -4.56
C LYS A 6 1.44 10.67 -5.00
N ALA A 7 2.28 10.20 -5.94
CA ALA A 7 2.31 8.81 -6.39
C ALA A 7 2.50 7.81 -5.23
N ALA A 8 3.39 8.11 -4.28
CA ALA A 8 3.58 7.27 -3.09
C ALA A 8 2.33 7.23 -2.19
N GLN A 9 1.75 8.39 -1.87
CA GLN A 9 0.50 8.46 -1.08
C GLN A 9 -0.68 7.78 -1.78
N GLU A 10 -0.81 7.97 -3.10
CA GLU A 10 -1.83 7.36 -3.95
C GLU A 10 -1.71 5.84 -3.98
N ALA A 11 -0.50 5.28 -3.86
CA ALA A 11 -0.31 3.84 -3.85
C ALA A 11 -1.01 3.19 -2.64
N LEU A 12 -0.79 3.71 -1.43
CA LEU A 12 -1.46 3.23 -0.21
C LEU A 12 -2.94 3.65 -0.18
N ARG A 13 -3.25 4.88 -0.56
CA ARG A 13 -4.63 5.40 -0.58
C ARG A 13 -5.55 4.57 -1.47
N ALA A 14 -5.09 4.24 -2.67
CA ALA A 14 -5.80 3.35 -3.56
C ALA A 14 -5.87 1.92 -2.99
N ALA A 15 -4.83 1.43 -2.32
CA ALA A 15 -4.83 0.11 -1.67
C ALA A 15 -5.93 -0.03 -0.61
N ARG A 16 -6.32 1.06 0.07
CA ARG A 16 -7.47 1.09 0.98
C ARG A 16 -8.79 0.98 0.21
N GLU A 17 -8.93 1.68 -0.92
CA GLU A 17 -10.14 1.70 -1.76
C GLU A 17 -10.37 0.38 -2.52
N GLN A 18 -9.33 -0.20 -3.11
CA GLN A 18 -9.38 -1.45 -3.90
C GLN A 18 -9.55 -2.71 -3.06
N ALA A 19 -9.20 -2.67 -1.76
CA ALA A 19 -9.27 -3.81 -0.86
C ALA A 19 -10.72 -4.30 -0.70
N THR A 20 -10.98 -5.55 -1.10
CA THR A 20 -12.32 -6.12 -1.24
C THR A 20 -12.99 -6.51 0.09
N THR A 21 -12.26 -6.43 1.21
CA THR A 21 -12.73 -6.72 2.57
C THR A 21 -12.63 -5.47 3.47
N PRO A 22 -13.64 -5.23 4.34
CA PRO A 22 -13.65 -4.10 5.28
C PRO A 22 -12.52 -4.20 6.32
N GLU A 23 -12.13 -5.42 6.68
CA GLU A 23 -11.02 -5.68 7.61
C GLU A 23 -9.67 -5.36 6.97
N ALA A 24 -9.53 -5.54 5.64
CA ALA A 24 -8.35 -5.06 4.92
C ALA A 24 -8.32 -3.53 4.83
N GLN A 25 -9.46 -2.87 4.59
CA GLN A 25 -9.50 -1.40 4.50
C GLN A 25 -9.10 -0.70 5.81
N LYS A 26 -9.64 -1.15 6.96
CA LYS A 26 -9.27 -0.60 8.27
C LYS A 26 -7.82 -0.92 8.67
N ALA A 27 -7.32 -2.08 8.25
CA ALA A 27 -5.93 -2.48 8.48
C ALA A 27 -4.92 -1.64 7.67
N LEU A 28 -5.29 -1.26 6.44
CA LEU A 28 -4.54 -0.30 5.60
C LEU A 28 -4.37 1.06 6.29
N GLU A 29 -5.44 1.56 6.88
CA GLU A 29 -5.44 2.83 7.64
C GLU A 29 -4.53 2.78 8.88
N GLU A 30 -4.28 1.60 9.46
CA GLU A 30 -3.37 1.46 10.60
C GLU A 30 -1.94 1.89 10.27
N LEU A 31 -1.42 1.43 9.12
CA LEU A 31 -0.07 1.82 8.67
C LEU A 31 -0.02 3.34 8.41
N GLU A 32 -1.03 3.86 7.70
CA GLU A 32 -1.15 5.27 7.28
C GLU A 32 -1.10 6.26 8.45
N LYS A 33 -1.54 5.86 9.65
CA LYS A 33 -1.54 6.71 10.85
C LYS A 33 -0.13 6.99 11.33
N VAL A 34 0.76 6.02 11.10
CA VAL A 34 2.20 6.13 11.34
C VAL A 34 2.88 6.90 10.23
N LEU A 35 2.60 6.57 8.95
CA LEU A 35 3.20 7.26 7.82
C LEU A 35 2.82 8.75 7.77
N LYS A 36 1.68 9.13 8.35
CA LYS A 36 1.23 10.53 8.47
C LYS A 36 2.22 11.43 9.21
N THR A 37 3.00 10.84 10.13
CA THR A 37 4.09 11.49 10.86
C THR A 37 5.49 10.97 10.44
N ALA A 38 5.59 10.14 9.39
CA ALA A 38 6.86 9.65 8.85
C ALA A 38 7.47 10.63 7.82
N SER A 39 8.77 10.44 7.53
CA SER A 39 9.57 11.34 6.67
C SER A 39 9.29 11.06 5.18
N PRO A 40 9.29 12.07 4.28
CA PRO A 40 8.78 11.94 2.91
C PRO A 40 9.58 11.00 1.99
N GLU A 41 10.90 10.92 2.14
CA GLU A 41 11.73 10.01 1.34
C GLU A 41 11.56 8.55 1.79
N GLN A 42 11.44 8.33 3.11
CA GLN A 42 11.07 7.04 3.70
C GLN A 42 9.64 6.65 3.35
N TRP A 43 8.76 7.63 3.14
CA TRP A 43 7.40 7.42 2.64
C TRP A 43 7.42 6.78 1.25
N ARG A 44 8.28 7.28 0.35
CA ARG A 44 8.47 6.74 -1.01
C ARG A 44 9.04 5.33 -0.96
N GLN A 45 10.06 5.13 -0.12
CA GLN A 45 10.68 3.82 0.12
C GLN A 45 9.67 2.80 0.65
N ALA A 46 8.84 3.20 1.63
CA ALA A 46 7.82 2.35 2.21
C ALA A 46 6.69 2.04 1.22
N ALA A 47 6.10 3.07 0.61
CA ALA A 47 4.92 2.91 -0.24
C ALA A 47 5.16 1.91 -1.38
N GLU A 48 6.40 1.82 -1.88
CA GLU A 48 6.79 0.81 -2.88
C GLU A 48 6.56 -0.62 -2.40
N LYS A 49 7.05 -1.00 -1.21
CA LYS A 49 6.88 -2.36 -0.67
C LYS A 49 5.47 -2.58 -0.14
N ILE A 50 4.88 -1.55 0.47
CA ILE A 50 3.48 -1.57 0.91
C ILE A 50 2.57 -1.97 -0.26
N PHE A 51 2.75 -1.30 -1.41
CA PHE A 51 1.91 -1.50 -2.59
C PHE A 51 2.27 -2.76 -3.38
N GLU A 52 3.55 -3.14 -3.38
CA GLU A 52 3.99 -4.44 -3.91
C GLU A 52 3.31 -5.59 -3.17
N ALA A 53 3.15 -5.53 -1.84
CA ALA A 53 2.54 -6.61 -1.06
C ALA A 53 1.18 -7.03 -1.61
N PHE A 54 0.29 -6.07 -1.87
CA PHE A 54 -1.05 -6.31 -2.39
C PHE A 54 -1.02 -6.93 -3.78
N ARG A 55 0.04 -6.65 -4.57
CA ARG A 55 0.27 -7.22 -5.90
C ARG A 55 0.76 -8.67 -5.81
N GLU A 56 1.53 -9.00 -4.77
CA GLU A 56 2.04 -10.35 -4.54
C GLU A 56 0.97 -11.25 -3.93
N ALA A 57 0.33 -10.81 -2.85
CA ALA A 57 -0.71 -11.59 -2.16
C ALA A 57 -1.87 -11.95 -3.09
N SER A 58 -2.25 -11.02 -3.95
CA SER A 58 -3.30 -11.27 -4.96
C SER A 58 -2.89 -12.29 -6.03
N ASN A 59 -1.59 -12.45 -6.29
CA ASN A 59 -1.03 -13.50 -7.14
C ASN A 59 -0.83 -14.85 -6.37
N GLY A 60 -1.05 -14.86 -5.05
CA GLY A 60 -0.94 -16.01 -4.14
C GLY A 60 0.29 -15.97 -3.22
N ASN A 61 0.99 -14.84 -3.14
CA ASN A 61 2.24 -14.68 -2.40
C ASN A 61 2.01 -14.06 -1.01
N THR A 62 1.11 -14.61 -0.20
CA THR A 62 0.90 -14.13 1.18
C THR A 62 2.22 -14.05 1.97
N GLU A 63 3.09 -15.06 1.83
CA GLU A 63 4.37 -15.16 2.52
C GLU A 63 5.40 -14.10 2.09
N LYS A 64 5.35 -13.66 0.82
CA LYS A 64 6.17 -12.58 0.29
C LYS A 64 5.56 -11.22 0.61
N ALA A 65 4.28 -11.05 0.33
CA ALA A 65 3.57 -9.80 0.57
C ALA A 65 3.70 -9.34 2.03
N LYS A 66 3.65 -10.29 2.98
CA LYS A 66 3.82 -9.96 4.41
C LYS A 66 5.23 -9.44 4.72
N LYS A 67 6.25 -9.93 4.00
CA LYS A 67 7.65 -9.55 4.15
C LYS A 67 7.91 -8.15 3.58
N LEU A 68 7.34 -7.83 2.42
CA LEU A 68 7.34 -6.48 1.84
C LEU A 68 6.73 -5.46 2.81
N LEU A 69 5.60 -5.81 3.44
CA LEU A 69 4.92 -4.99 4.44
C LEU A 69 5.79 -4.67 5.66
N GLU A 70 6.47 -5.69 6.20
CA GLU A 70 7.43 -5.52 7.28
C GLU A 70 8.63 -4.66 6.84
N GLU A 71 9.10 -4.84 5.62
CA GLU A 71 10.28 -4.13 5.09
C GLU A 71 10.01 -2.62 4.96
N ALA A 72 8.85 -2.27 4.40
CA ALA A 72 8.41 -0.89 4.32
C ALA A 72 8.24 -0.26 5.71
N ALA A 73 7.57 -0.98 6.61
CA ALA A 73 7.31 -0.49 7.95
C ALA A 73 8.61 -0.20 8.71
N ARG A 74 9.58 -1.12 8.67
CA ARG A 74 10.88 -0.94 9.35
C ARG A 74 11.69 0.19 8.71
N THR A 75 11.50 0.43 7.41
CA THR A 75 12.09 1.58 6.69
C THR A 75 11.47 2.92 7.13
N ALA A 76 10.14 2.99 7.24
CA ALA A 76 9.41 4.17 7.73
C ALA A 76 9.40 4.32 9.28
N GLY A 77 9.97 3.36 10.00
CA GLY A 77 10.09 3.36 11.48
C GLY A 77 8.82 2.97 12.23
N ALA A 78 7.91 2.22 11.59
CA ALA A 78 6.59 1.88 12.11
C ALA A 78 6.54 0.69 13.08
N SER A 79 5.40 0.57 13.78
CA SER A 79 5.17 -0.32 14.91
C SER A 79 4.99 -1.80 14.55
N PRO A 80 5.38 -2.75 15.42
CA PRO A 80 5.02 -4.16 15.25
C PRO A 80 3.50 -4.37 15.30
N GLU A 81 2.77 -3.52 16.02
CA GLU A 81 1.31 -3.49 16.09
C GLU A 81 0.67 -3.21 14.72
N ILE A 82 1.15 -2.22 13.95
CA ILE A 82 0.59 -1.91 12.64
C ILE A 82 1.06 -2.90 11.57
N ILE A 83 2.29 -3.42 11.73
CA ILE A 83 2.90 -4.39 10.82
C ILE A 83 2.00 -5.62 10.73
N LYS A 84 1.60 -6.17 11.89
CA LYS A 84 0.74 -7.37 11.93
C LYS A 84 -0.69 -7.08 11.46
N LYS A 85 -1.20 -5.87 11.76
CA LYS A 85 -2.54 -5.41 11.36
C LYS A 85 -2.68 -5.39 9.83
N LEU A 86 -1.79 -4.67 9.16
CA LEU A 86 -1.79 -4.56 7.70
C LEU A 86 -1.44 -5.91 7.08
N ALA A 87 -0.34 -6.55 7.52
CA ALA A 87 0.08 -7.84 6.95
C ALA A 87 -1.03 -8.92 7.01
N SER A 88 -1.92 -8.92 8.02
CA SER A 88 -3.08 -9.81 8.13
C SER A 88 -4.09 -9.63 6.97
N ALA A 89 -4.15 -8.43 6.39
CA ALA A 89 -4.92 -8.16 5.18
C ALA A 89 -4.33 -8.87 3.96
N LEU A 90 -3.00 -8.96 3.88
CA LEU A 90 -2.31 -9.69 2.80
C LEU A 90 -2.52 -11.21 2.93
N GLU A 91 -2.57 -11.73 4.15
CA GLU A 91 -2.79 -13.17 4.37
C GLU A 91 -4.16 -13.63 3.87
N ARG A 92 -5.20 -12.81 4.11
CA ARG A 92 -6.55 -13.05 3.56
C ARG A 92 -6.69 -12.71 2.08
N LEU A 93 -5.94 -11.74 1.53
CA LEU A 93 -6.09 -11.29 0.13
C LEU A 93 -5.82 -12.43 -0.89
N ALA A 94 -4.94 -13.36 -0.51
CA ALA A 94 -4.60 -14.54 -1.32
C ALA A 94 -5.75 -15.55 -1.37
N GLU A 95 -6.32 -15.91 -0.22
CA GLU A 95 -7.42 -16.89 -0.14
C GLU A 95 -8.80 -16.33 -0.52
N GLU A 96 -9.02 -15.03 -0.32
CA GLU A 96 -10.26 -14.34 -0.74
C GLU A 96 -10.37 -14.10 -2.26
N GLY A 97 -9.26 -14.22 -3.00
CA GLY A 97 -9.26 -14.23 -4.46
C GLY A 97 -9.02 -12.86 -5.10
N ALA A 98 -8.06 -12.10 -4.57
CA ALA A 98 -7.52 -10.87 -5.17
C ALA A 98 -8.49 -9.66 -5.28
N ALA A 99 -7.96 -8.56 -5.83
CA ALA A 99 -8.69 -7.33 -6.16
C ALA A 99 -8.38 -6.90 -7.62
N LYS A 100 -9.40 -6.83 -8.49
CA LYS A 100 -9.24 -6.51 -9.93
C LYS A 100 -9.09 -5.01 -10.21
N GLU A 101 -9.85 -4.17 -9.49
CA GLU A 101 -9.79 -2.71 -9.59
C GLU A 101 -8.40 -2.17 -9.23
N ALA A 102 -7.65 -2.90 -8.40
CA ALA A 102 -6.27 -2.55 -8.02
C ALA A 102 -5.34 -2.36 -9.23
N ALA A 103 -5.48 -3.21 -10.25
CA ALA A 103 -4.66 -3.15 -11.46
C ALA A 103 -4.92 -1.91 -12.32
N ARG A 104 -6.17 -1.40 -12.28
CA ARG A 104 -6.59 -0.15 -12.94
C ARG A 104 -6.17 1.08 -12.16
N GLN A 105 -6.33 1.03 -10.84
CA GLN A 105 -5.98 2.10 -9.92
C GLN A 105 -4.46 2.32 -9.83
N ALA A 106 -3.67 1.27 -10.05
CA ALA A 106 -2.22 1.36 -10.21
C ALA A 106 -1.80 2.19 -11.45
N GLU A 107 -2.62 2.27 -12.52
CA GLU A 107 -2.23 3.01 -13.73
C GLU A 107 -2.10 4.54 -13.51
N GLU A 108 -2.91 5.12 -12.62
CA GLU A 108 -2.83 6.54 -12.26
C GLU A 108 -1.53 6.88 -11.50
N VAL A 109 -1.00 5.91 -10.75
CA VAL A 109 0.31 5.99 -10.07
C VAL A 109 1.45 5.75 -11.06
N ARG A 110 1.34 4.72 -11.90
CA ARG A 110 2.31 4.31 -12.94
C ARG A 110 2.56 5.39 -13.99
N LYS A 111 1.59 6.28 -14.22
CA LYS A 111 1.72 7.51 -15.04
C LYS A 111 2.90 8.38 -14.58
N ARG A 112 3.20 8.40 -13.28
CA ARG A 112 4.43 9.00 -12.71
C ARG A 112 5.52 7.94 -12.51
N GLY A 113 5.18 6.80 -11.91
CA GLY A 113 6.06 5.75 -11.39
C GLY A 113 7.03 5.11 -12.39
N SER A 114 8.15 5.78 -12.66
CA SER A 114 9.32 5.31 -13.41
C SER A 114 10.62 5.95 -12.88
N LEU A 115 11.76 5.41 -13.30
CA LEU A 115 13.12 5.91 -13.00
C LEU A 115 13.90 6.40 -14.24
N GLU A 116 13.44 6.04 -15.43
CA GLU A 116 14.18 6.20 -16.68
C GLU A 116 13.19 6.42 -17.86
N HIS A 117 13.65 7.06 -18.94
CA HIS A 117 12.87 7.22 -20.18
C HIS A 117 13.60 6.63 -21.40
N HIS A 118 12.84 5.99 -22.30
CA HIS A 118 13.29 5.16 -23.44
C HIS A 118 14.15 3.94 -23.06
N HIS A 119 14.11 2.90 -23.92
CA HIS A 119 14.69 1.56 -23.68
C HIS A 119 14.21 0.97 -22.32
N HIS A 120 12.97 0.48 -22.31
CA HIS A 120 12.20 0.09 -21.12
C HIS A 120 11.87 1.30 -20.19
N HIS A 121 11.10 1.06 -19.13
CA HIS A 121 10.63 2.06 -18.14
C HIS A 121 9.74 3.21 -18.70
N HIS A 122 9.29 3.10 -19.96
CA HIS A 122 8.47 4.07 -20.71
C HIS A 122 9.10 5.49 -20.80
N GLY A 1 8.75 11.68 -13.60
CA GLY A 1 7.39 12.02 -13.14
C GLY A 1 7.42 13.08 -12.04
N GLU A 2 6.80 14.23 -12.28
CA GLU A 2 6.71 15.34 -11.31
C GLU A 2 5.71 15.05 -10.17
N THR A 3 5.88 15.71 -9.02
CA THR A 3 5.06 15.54 -7.79
C THR A 3 5.05 14.07 -7.30
N LYS A 4 6.25 13.55 -7.07
CA LYS A 4 6.54 12.15 -6.68
C LYS A 4 5.80 11.71 -5.40
N ALA A 5 5.57 12.66 -4.49
CA ALA A 5 4.79 12.47 -3.26
C ALA A 5 3.33 12.04 -3.50
N LYS A 6 2.68 12.50 -4.58
CA LYS A 6 1.32 12.07 -4.94
C LYS A 6 1.29 10.59 -5.29
N ALA A 7 2.19 10.13 -6.17
CA ALA A 7 2.28 8.71 -6.53
C ALA A 7 2.53 7.80 -5.31
N ALA A 8 3.31 8.24 -4.33
CA ALA A 8 3.54 7.49 -3.09
C ALA A 8 2.29 7.42 -2.19
N GLN A 9 1.65 8.55 -1.88
CA GLN A 9 0.45 8.57 -1.03
C GLN A 9 -0.73 7.85 -1.70
N GLU A 10 -0.88 8.05 -3.01
CA GLU A 10 -1.94 7.43 -3.81
C GLU A 10 -1.72 5.94 -4.01
N ALA A 11 -0.52 5.39 -3.82
CA ALA A 11 -0.33 3.95 -3.78
C ALA A 11 -1.04 3.31 -2.57
N LEU A 12 -0.85 3.84 -1.36
CA LEU A 12 -1.51 3.35 -0.15
C LEU A 12 -3.00 3.71 -0.14
N ARG A 13 -3.35 4.95 -0.51
CA ARG A 13 -4.75 5.39 -0.60
C ARG A 13 -5.53 4.55 -1.60
N ALA A 14 -4.95 4.22 -2.75
CA ALA A 14 -5.56 3.29 -3.69
C ALA A 14 -5.69 1.89 -3.10
N ALA A 15 -4.71 1.39 -2.35
CA ALA A 15 -4.79 0.08 -1.70
C ALA A 15 -5.97 -0.01 -0.71
N ARG A 16 -6.26 1.07 0.03
CA ARG A 16 -7.44 1.17 0.91
C ARG A 16 -8.76 1.26 0.13
N GLU A 17 -8.75 1.82 -1.07
CA GLU A 17 -9.89 1.88 -2.00
C GLU A 17 -10.16 0.55 -2.74
N GLN A 18 -9.13 -0.17 -3.16
CA GLN A 18 -9.20 -1.43 -3.94
C GLN A 18 -9.32 -2.70 -3.10
N ALA A 19 -8.94 -2.67 -1.82
CA ALA A 19 -9.01 -3.83 -0.93
C ALA A 19 -10.46 -4.37 -0.86
N THR A 20 -10.64 -5.60 -1.33
CA THR A 20 -11.96 -6.23 -1.58
C THR A 20 -12.73 -6.58 -0.30
N THR A 21 -12.04 -6.80 0.83
CA THR A 21 -12.63 -7.07 2.15
C THR A 21 -12.59 -5.83 3.05
N PRO A 22 -13.66 -5.56 3.84
CA PRO A 22 -13.73 -4.45 4.80
C PRO A 22 -12.66 -4.55 5.90
N GLU A 23 -12.29 -5.78 6.28
CA GLU A 23 -11.24 -6.06 7.27
C GLU A 23 -9.85 -5.73 6.74
N ALA A 24 -9.65 -5.76 5.43
CA ALA A 24 -8.44 -5.26 4.78
C ALA A 24 -8.42 -3.72 4.69
N GLN A 25 -9.55 -3.08 4.36
CA GLN A 25 -9.65 -1.61 4.25
C GLN A 25 -9.30 -0.88 5.57
N LYS A 26 -9.80 -1.39 6.70
CA LYS A 26 -9.52 -0.86 8.04
C LYS A 26 -8.09 -1.14 8.50
N ALA A 27 -7.52 -2.28 8.09
CA ALA A 27 -6.16 -2.70 8.41
C ALA A 27 -5.08 -1.85 7.70
N LEU A 28 -5.35 -1.43 6.46
CA LEU A 28 -4.56 -0.46 5.70
C LEU A 28 -4.34 0.86 6.46
N GLU A 29 -5.40 1.36 7.09
CA GLU A 29 -5.44 2.63 7.83
C GLU A 29 -4.44 2.66 9.00
N GLU A 30 -4.16 1.51 9.61
CA GLU A 30 -3.24 1.41 10.75
C GLU A 30 -1.81 1.84 10.38
N LEU A 31 -1.30 1.41 9.22
CA LEU A 31 0.03 1.82 8.74
C LEU A 31 0.08 3.33 8.50
N GLU A 32 -0.96 3.86 7.84
CA GLU A 32 -1.10 5.29 7.47
C GLU A 32 -1.03 6.24 8.67
N LYS A 33 -1.43 5.80 9.88
CA LYS A 33 -1.38 6.63 11.09
C LYS A 33 0.07 6.96 11.47
N VAL A 34 0.95 6.01 11.18
CA VAL A 34 2.39 6.11 11.39
C VAL A 34 3.07 6.87 10.25
N LEU A 35 2.73 6.54 8.99
CA LEU A 35 3.29 7.24 7.83
C LEU A 35 2.91 8.73 7.83
N LYS A 36 1.78 9.11 8.44
CA LYS A 36 1.37 10.51 8.62
C LYS A 36 2.38 11.36 9.38
N THR A 37 3.16 10.72 10.27
CA THR A 37 4.26 11.33 11.02
C THR A 37 5.66 10.82 10.57
N ALA A 38 5.72 10.03 9.49
CA ALA A 38 6.98 9.59 8.88
C ALA A 38 7.52 10.65 7.88
N SER A 39 8.78 10.52 7.47
CA SER A 39 9.48 11.47 6.58
C SER A 39 9.19 11.19 5.10
N PRO A 40 9.20 12.21 4.22
CA PRO A 40 8.71 12.06 2.84
C PRO A 40 9.56 11.12 1.97
N GLU A 41 10.87 11.06 2.18
CA GLU A 41 11.71 10.13 1.41
C GLU A 41 11.43 8.67 1.81
N GLN A 42 11.34 8.41 3.13
CA GLN A 42 10.95 7.10 3.63
C GLN A 42 9.52 6.73 3.23
N TRP A 43 8.67 7.72 2.97
CA TRP A 43 7.35 7.50 2.41
C TRP A 43 7.40 6.87 1.01
N ARG A 44 8.31 7.33 0.13
CA ARG A 44 8.53 6.69 -1.19
C ARG A 44 9.08 5.27 -1.02
N GLN A 45 10.08 5.11 -0.16
CA GLN A 45 10.71 3.83 0.12
C GLN A 45 9.72 2.80 0.69
N ALA A 46 8.84 3.22 1.61
CA ALA A 46 7.82 2.39 2.20
C ALA A 46 6.69 2.09 1.21
N ALA A 47 6.09 3.12 0.60
CA ALA A 47 4.90 2.94 -0.23
C ALA A 47 5.14 1.95 -1.39
N GLU A 48 6.38 1.84 -1.88
CA GLU A 48 6.75 0.83 -2.88
C GLU A 48 6.52 -0.61 -2.39
N LYS A 49 7.04 -0.99 -1.21
CA LYS A 49 6.88 -2.36 -0.68
C LYS A 49 5.47 -2.56 -0.13
N ILE A 50 4.88 -1.53 0.47
CA ILE A 50 3.48 -1.54 0.92
C ILE A 50 2.57 -1.95 -0.24
N PHE A 51 2.72 -1.29 -1.38
CA PHE A 51 1.86 -1.50 -2.54
C PHE A 51 2.19 -2.77 -3.32
N GLU A 52 3.47 -3.15 -3.35
CA GLU A 52 3.91 -4.44 -3.88
C GLU A 52 3.27 -5.61 -3.10
N ALA A 53 3.10 -5.53 -1.78
CA ALA A 53 2.51 -6.61 -1.00
C ALA A 53 1.12 -7.02 -1.53
N PHE A 54 0.25 -6.05 -1.81
CA PHE A 54 -1.10 -6.29 -2.30
C PHE A 54 -1.08 -6.92 -3.70
N ARG A 55 -0.04 -6.63 -4.49
CA ARG A 55 0.19 -7.20 -5.81
C ARG A 55 0.62 -8.67 -5.71
N GLU A 56 1.46 -9.00 -4.71
CA GLU A 56 1.93 -10.35 -4.49
C GLU A 56 0.85 -11.24 -3.87
N ALA A 57 0.23 -10.80 -2.77
CA ALA A 57 -0.82 -11.56 -2.09
C ALA A 57 -2.00 -11.87 -2.99
N SER A 58 -2.35 -10.93 -3.87
CA SER A 58 -3.38 -11.12 -4.91
C SER A 58 -3.01 -12.22 -5.91
N ASN A 59 -1.71 -12.42 -6.17
CA ASN A 59 -1.20 -13.50 -7.00
C ASN A 59 -1.04 -14.83 -6.22
N GLY A 60 -1.26 -14.81 -4.90
CA GLY A 60 -1.18 -15.95 -3.96
C GLY A 60 0.06 -15.93 -3.06
N ASN A 61 0.80 -14.81 -3.02
CA ASN A 61 2.07 -14.68 -2.30
C ASN A 61 1.86 -14.01 -0.94
N THR A 62 1.00 -14.53 -0.07
CA THR A 62 0.85 -14.00 1.29
C THR A 62 2.20 -14.00 2.04
N GLU A 63 3.01 -15.05 1.88
CA GLU A 63 4.33 -15.20 2.51
C GLU A 63 5.35 -14.14 2.07
N LYS A 64 5.27 -13.69 0.81
CA LYS A 64 6.11 -12.61 0.28
C LYS A 64 5.51 -11.25 0.60
N ALA A 65 4.22 -11.06 0.34
CA ALA A 65 3.55 -9.80 0.59
C ALA A 65 3.72 -9.32 2.04
N LYS A 66 3.66 -10.25 2.99
CA LYS A 66 3.85 -9.91 4.41
C LYS A 66 5.28 -9.43 4.72
N LYS A 67 6.28 -9.95 3.98
CA LYS A 67 7.69 -9.56 4.10
C LYS A 67 7.93 -8.16 3.52
N LEU A 68 7.34 -7.86 2.36
CA LEU A 68 7.34 -6.50 1.77
C LEU A 68 6.72 -5.47 2.76
N LEU A 69 5.59 -5.82 3.37
CA LEU A 69 4.89 -4.99 4.35
C LEU A 69 5.77 -4.65 5.56
N GLU A 70 6.44 -5.66 6.12
CA GLU A 70 7.38 -5.49 7.23
C GLU A 70 8.63 -4.69 6.80
N GLU A 71 9.10 -4.85 5.56
CA GLU A 71 10.27 -4.15 5.04
C GLU A 71 10.01 -2.64 4.94
N ALA A 72 8.85 -2.27 4.36
CA ALA A 72 8.42 -0.89 4.30
C ALA A 72 8.25 -0.27 5.69
N ALA A 73 7.60 -1.01 6.60
CA ALA A 73 7.35 -0.54 7.95
C ALA A 73 8.66 -0.20 8.67
N ARG A 74 9.64 -1.11 8.65
CA ARG A 74 10.95 -0.91 9.28
C ARG A 74 11.73 0.24 8.65
N THR A 75 11.54 0.45 7.35
CA THR A 75 12.11 1.62 6.62
C THR A 75 11.47 2.94 7.08
N ALA A 76 10.15 3.00 7.21
CA ALA A 76 9.41 4.16 7.73
C ALA A 76 9.44 4.29 9.27
N GLY A 77 10.05 3.35 9.99
CA GLY A 77 10.21 3.33 11.44
C GLY A 77 8.95 2.90 12.22
N ALA A 78 8.04 2.16 11.59
CA ALA A 78 6.72 1.84 12.11
C ALA A 78 6.64 0.64 13.07
N SER A 79 5.52 0.57 13.81
CA SER A 79 5.27 -0.30 14.95
C SER A 79 5.10 -1.79 14.60
N PRO A 80 5.50 -2.73 15.48
CA PRO A 80 5.16 -4.15 15.32
C PRO A 80 3.64 -4.40 15.35
N GLU A 81 2.88 -3.54 16.05
CA GLU A 81 1.42 -3.57 16.07
C GLU A 81 0.79 -3.27 14.71
N ILE A 82 1.24 -2.23 13.99
CA ILE A 82 0.70 -1.89 12.66
C ILE A 82 1.18 -2.88 11.60
N ILE A 83 2.39 -3.41 11.78
CA ILE A 83 3.00 -4.40 10.88
C ILE A 83 2.09 -5.61 10.80
N LYS A 84 1.67 -6.15 11.96
CA LYS A 84 0.77 -7.32 11.98
C LYS A 84 -0.66 -6.99 11.54
N LYS A 85 -1.15 -5.79 11.87
CA LYS A 85 -2.50 -5.31 11.51
C LYS A 85 -2.68 -5.25 10.00
N LEU A 86 -1.77 -4.59 9.29
CA LEU A 86 -1.77 -4.52 7.83
C LEU A 86 -1.40 -5.89 7.23
N ALA A 87 -0.30 -6.51 7.63
CA ALA A 87 0.13 -7.79 7.05
C ALA A 87 -0.94 -8.90 7.13
N SER A 88 -1.83 -8.87 8.15
CA SER A 88 -3.00 -9.76 8.26
C SER A 88 -3.96 -9.62 7.08
N ALA A 89 -4.12 -8.42 6.53
CA ALA A 89 -4.91 -8.15 5.32
C ALA A 89 -4.35 -8.90 4.11
N LEU A 90 -3.03 -9.00 3.99
CA LEU A 90 -2.37 -9.72 2.91
C LEU A 90 -2.57 -11.24 3.00
N GLU A 91 -2.74 -11.77 4.21
CA GLU A 91 -3.08 -13.18 4.38
C GLU A 91 -4.45 -13.49 3.77
N ARG A 92 -5.47 -12.68 4.11
CA ARG A 92 -6.82 -12.81 3.56
C ARG A 92 -6.96 -12.39 2.09
N LEU A 93 -6.09 -11.53 1.57
CA LEU A 93 -6.12 -11.15 0.13
C LEU A 93 -5.79 -12.35 -0.78
N ALA A 94 -4.94 -13.27 -0.30
CA ALA A 94 -4.65 -14.53 -0.98
C ALA A 94 -5.79 -15.55 -0.82
N GLU A 95 -6.44 -15.61 0.35
CA GLU A 95 -7.58 -16.50 0.57
C GLU A 95 -8.82 -16.07 -0.25
N GLU A 96 -9.02 -14.75 -0.39
CA GLU A 96 -10.15 -14.16 -1.11
C GLU A 96 -10.00 -14.31 -2.63
N GLY A 97 -8.76 -14.25 -3.14
CA GLY A 97 -8.47 -14.43 -4.54
C GLY A 97 -8.52 -13.11 -5.30
N ALA A 98 -7.56 -12.24 -5.01
CA ALA A 98 -7.26 -11.01 -5.74
C ALA A 98 -8.26 -9.85 -5.66
N ALA A 99 -7.78 -8.67 -6.07
CA ALA A 99 -8.56 -7.46 -6.32
C ALA A 99 -8.26 -6.96 -7.74
N LYS A 100 -9.10 -7.32 -8.73
CA LYS A 100 -8.93 -6.92 -10.14
C LYS A 100 -9.00 -5.39 -10.33
N GLU A 101 -9.68 -4.69 -9.43
CA GLU A 101 -9.69 -3.22 -9.33
C GLU A 101 -8.29 -2.61 -9.03
N ALA A 102 -7.38 -3.36 -8.40
CA ALA A 102 -6.02 -2.88 -8.15
C ALA A 102 -5.24 -2.66 -9.46
N ALA A 103 -5.55 -3.40 -10.52
CA ALA A 103 -4.89 -3.28 -11.83
C ALA A 103 -5.16 -1.93 -12.49
N ARG A 104 -6.39 -1.38 -12.40
CA ARG A 104 -6.70 -0.02 -12.87
C ARG A 104 -6.17 1.07 -11.93
N GLN A 105 -6.16 0.82 -10.63
CA GLN A 105 -5.56 1.75 -9.65
C GLN A 105 -4.03 1.87 -9.81
N ALA A 106 -3.35 0.81 -10.26
CA ALA A 106 -1.95 0.84 -10.66
C ALA A 106 -1.69 1.68 -11.93
N GLU A 107 -2.69 1.92 -12.79
CA GLU A 107 -2.60 2.89 -13.88
C GLU A 107 -2.93 4.33 -13.42
N GLU A 108 -3.82 4.50 -12.44
CA GLU A 108 -4.06 5.83 -11.84
C GLU A 108 -2.78 6.39 -11.22
N VAL A 109 -2.04 5.61 -10.42
CA VAL A 109 -0.78 6.06 -9.80
C VAL A 109 0.27 6.43 -10.86
N ARG A 110 0.34 5.68 -11.98
CA ARG A 110 1.33 5.91 -13.07
C ARG A 110 1.00 7.14 -13.95
N LYS A 111 -0.25 7.62 -13.92
CA LYS A 111 -0.73 8.82 -14.64
C LYS A 111 -0.15 10.13 -14.08
N ARG A 112 0.21 10.17 -12.79
CA ARG A 112 0.59 11.41 -12.07
C ARG A 112 1.85 12.06 -12.65
N GLY A 113 1.83 13.38 -12.72
CA GLY A 113 2.85 14.23 -13.35
C GLY A 113 2.41 15.69 -13.44
N SER A 114 3.01 16.46 -14.36
CA SER A 114 2.73 17.89 -14.56
C SER A 114 1.80 18.24 -15.72
N LEU A 115 0.98 17.27 -16.13
CA LEU A 115 -0.09 17.44 -17.11
C LEU A 115 -1.27 18.29 -16.64
N GLU A 116 -1.56 18.27 -15.34
CA GLU A 116 -2.78 18.85 -14.76
C GLU A 116 -2.51 19.40 -13.34
N HIS A 117 -3.19 20.49 -12.95
CA HIS A 117 -3.21 20.99 -11.58
C HIS A 117 -4.56 21.64 -11.22
N HIS A 118 -4.83 21.84 -9.94
CA HIS A 118 -5.96 22.62 -9.43
C HIS A 118 -5.44 23.78 -8.55
N HIS A 119 -4.56 24.62 -9.12
CA HIS A 119 -3.93 25.79 -8.48
C HIS A 119 -3.22 25.46 -7.15
N HIS A 120 -2.33 24.47 -7.18
CA HIS A 120 -1.54 23.97 -6.04
C HIS A 120 -0.38 24.89 -5.62
N HIS A 121 -0.63 26.20 -5.57
CA HIS A 121 0.37 27.26 -5.37
C HIS A 121 0.79 27.49 -3.91
N HIS A 122 0.12 26.83 -2.95
CA HIS A 122 0.35 26.92 -1.50
C HIS A 122 0.30 25.53 -0.84
N GLY A 1 8.84 19.72 -7.20
CA GLY A 1 8.73 18.34 -7.71
C GLY A 1 7.46 17.67 -7.18
N GLU A 2 7.59 16.90 -6.10
CA GLU A 2 6.50 16.26 -5.32
C GLU A 2 5.61 15.23 -6.05
N THR A 3 5.73 15.06 -7.37
CA THR A 3 4.94 14.09 -8.17
C THR A 3 5.16 12.64 -7.75
N LYS A 4 6.40 12.28 -7.37
CA LYS A 4 6.75 10.96 -6.84
C LYS A 4 6.19 10.71 -5.44
N ALA A 5 6.13 11.74 -4.58
CA ALA A 5 5.49 11.68 -3.27
C ALA A 5 3.96 11.58 -3.38
N LYS A 6 3.35 12.25 -4.37
CA LYS A 6 1.93 12.11 -4.72
C LYS A 6 1.62 10.69 -5.18
N ALA A 7 2.39 10.13 -6.12
CA ALA A 7 2.25 8.74 -6.57
C ALA A 7 2.45 7.72 -5.44
N ALA A 8 3.41 7.95 -4.53
CA ALA A 8 3.62 7.11 -3.35
C ALA A 8 2.42 7.14 -2.38
N GLN A 9 1.91 8.32 -2.02
CA GLN A 9 0.70 8.42 -1.19
C GLN A 9 -0.52 7.81 -1.88
N GLU A 10 -0.70 8.03 -3.18
CA GLU A 10 -1.81 7.46 -3.95
C GLU A 10 -1.72 5.93 -3.99
N ALA A 11 -0.52 5.33 -3.97
CA ALA A 11 -0.36 3.88 -3.95
C ALA A 11 -1.04 3.24 -2.72
N LEU A 12 -0.72 3.75 -1.53
CA LEU A 12 -1.23 3.25 -0.25
C LEU A 12 -2.68 3.72 0.02
N ARG A 13 -3.01 4.95 -0.38
CA ARG A 13 -4.39 5.49 -0.31
C ARG A 13 -5.36 4.65 -1.15
N ALA A 14 -4.99 4.34 -2.38
CA ALA A 14 -5.78 3.50 -3.28
C ALA A 14 -5.78 2.02 -2.86
N ALA A 15 -4.76 1.55 -2.15
CA ALA A 15 -4.76 0.23 -1.50
C ALA A 15 -5.85 0.11 -0.41
N ARG A 16 -6.22 1.22 0.26
CA ARG A 16 -7.39 1.29 1.16
C ARG A 16 -8.72 1.40 0.42
N GLU A 17 -8.76 2.03 -0.75
CA GLU A 17 -9.98 2.25 -1.54
C GLU A 17 -10.40 1.02 -2.37
N GLN A 18 -9.44 0.24 -2.90
CA GLN A 18 -9.70 -0.94 -3.74
C GLN A 18 -10.21 -2.17 -2.97
N ALA A 19 -9.92 -2.21 -1.67
CA ALA A 19 -9.98 -3.43 -0.86
C ALA A 19 -11.41 -3.93 -0.61
N THR A 20 -11.73 -5.10 -1.16
CA THR A 20 -13.10 -5.65 -1.21
C THR A 20 -13.61 -6.15 0.15
N THR A 21 -12.71 -6.55 1.05
CA THR A 21 -13.03 -6.96 2.44
C THR A 21 -12.89 -5.77 3.41
N PRO A 22 -13.82 -5.62 4.37
CA PRO A 22 -13.77 -4.58 5.40
C PRO A 22 -12.57 -4.73 6.34
N GLU A 23 -12.13 -5.97 6.58
CA GLU A 23 -10.96 -6.28 7.41
C GLU A 23 -9.65 -5.82 6.77
N ALA A 24 -9.59 -5.78 5.43
CA ALA A 24 -8.48 -5.20 4.71
C ALA A 24 -8.51 -3.66 4.75
N GLN A 25 -9.70 -3.03 4.61
CA GLN A 25 -9.84 -1.57 4.64
C GLN A 25 -9.37 -0.94 5.97
N LYS A 26 -9.80 -1.53 7.09
CA LYS A 26 -9.43 -1.09 8.45
C LYS A 26 -7.96 -1.37 8.81
N ALA A 27 -7.42 -2.47 8.29
CA ALA A 27 -6.01 -2.81 8.43
C ALA A 27 -5.10 -1.78 7.72
N LEU A 28 -5.44 -1.41 6.49
CA LEU A 28 -4.80 -0.36 5.68
C LEU A 28 -4.72 0.99 6.39
N GLU A 29 -5.79 1.38 7.07
CA GLU A 29 -5.82 2.59 7.92
C GLU A 29 -4.76 2.56 9.03
N GLU A 30 -4.40 1.39 9.57
CA GLU A 30 -3.45 1.29 10.68
C GLU A 30 -2.03 1.72 10.29
N LEU A 31 -1.53 1.26 9.13
CA LEU A 31 -0.21 1.64 8.63
C LEU A 31 -0.17 3.16 8.36
N GLU A 32 -1.18 3.68 7.65
CA GLU A 32 -1.27 5.09 7.21
C GLU A 32 -1.23 6.09 8.37
N LYS A 33 -1.65 5.71 9.59
CA LYS A 33 -1.67 6.59 10.76
C LYS A 33 -0.25 6.92 11.21
N VAL A 34 0.66 5.97 10.98
CA VAL A 34 2.10 6.13 11.16
C VAL A 34 2.73 6.89 10.00
N LEU A 35 2.43 6.49 8.76
CA LEU A 35 3.02 7.10 7.57
C LEU A 35 2.67 8.60 7.47
N LYS A 36 1.48 9.02 7.91
CA LYS A 36 1.07 10.44 7.86
C LYS A 36 1.97 11.37 8.67
N THR A 37 2.65 10.82 9.68
CA THR A 37 3.66 11.51 10.51
C THR A 37 5.10 10.99 10.27
N ALA A 38 5.30 10.15 9.24
CA ALA A 38 6.62 9.68 8.80
C ALA A 38 7.29 10.66 7.81
N SER A 39 8.58 10.43 7.54
CA SER A 39 9.41 11.32 6.70
C SER A 39 9.16 11.08 5.20
N PRO A 40 9.16 12.12 4.33
CA PRO A 40 8.71 11.99 2.94
C PRO A 40 9.61 11.09 2.07
N GLU A 41 10.92 11.07 2.32
CA GLU A 41 11.84 10.18 1.61
C GLU A 41 11.54 8.71 1.95
N GLN A 42 11.39 8.41 3.24
CA GLN A 42 11.00 7.10 3.75
C GLN A 42 9.61 6.71 3.31
N TRP A 43 8.73 7.67 3.05
CA TRP A 43 7.40 7.44 2.50
C TRP A 43 7.47 6.79 1.12
N ARG A 44 8.34 7.30 0.23
CA ARG A 44 8.57 6.73 -1.11
C ARG A 44 9.22 5.36 -1.02
N GLN A 45 10.20 5.21 -0.13
CA GLN A 45 10.86 3.93 0.13
C GLN A 45 9.86 2.87 0.64
N ALA A 46 8.94 3.26 1.53
CA ALA A 46 7.94 2.38 2.10
C ALA A 46 6.82 2.04 1.11
N ALA A 47 6.19 3.02 0.47
CA ALA A 47 5.05 2.81 -0.40
C ALA A 47 5.38 1.81 -1.53
N GLU A 48 6.64 1.76 -1.98
CA GLU A 48 7.11 0.80 -2.97
C GLU A 48 6.89 -0.66 -2.51
N LYS A 49 7.29 -1.04 -1.29
CA LYS A 49 7.09 -2.41 -0.77
C LYS A 49 5.67 -2.62 -0.25
N ILE A 50 5.08 -1.59 0.39
CA ILE A 50 3.70 -1.64 0.85
C ILE A 50 2.76 -2.02 -0.30
N PHE A 51 2.90 -1.34 -1.44
CA PHE A 51 2.04 -1.56 -2.60
C PHE A 51 2.40 -2.84 -3.36
N GLU A 52 3.68 -3.23 -3.34
CA GLU A 52 4.11 -4.53 -3.85
C GLU A 52 3.44 -5.68 -3.09
N ALA A 53 3.26 -5.57 -1.77
CA ALA A 53 2.64 -6.64 -0.98
C ALA A 53 1.27 -7.03 -1.55
N PHE A 54 0.41 -6.05 -1.84
CA PHE A 54 -0.92 -6.29 -2.37
C PHE A 54 -0.88 -6.92 -3.76
N ARG A 55 0.19 -6.65 -4.54
CA ARG A 55 0.44 -7.23 -5.86
C ARG A 55 0.91 -8.68 -5.78
N GLU A 56 1.64 -9.03 -4.72
CA GLU A 56 2.09 -10.39 -4.47
C GLU A 56 0.99 -11.25 -3.86
N ALA A 57 0.35 -10.79 -2.78
CA ALA A 57 -0.70 -11.53 -2.09
C ALA A 57 -1.88 -11.85 -3.00
N SER A 58 -2.22 -10.92 -3.88
CA SER A 58 -3.27 -11.13 -4.90
C SER A 58 -2.91 -12.21 -5.92
N ASN A 59 -1.61 -12.42 -6.17
CA ASN A 59 -1.09 -13.52 -6.99
C ASN A 59 -0.93 -14.85 -6.18
N GLY A 60 -1.16 -14.83 -4.87
CA GLY A 60 -1.09 -15.95 -3.93
C GLY A 60 0.14 -15.94 -3.02
N ASN A 61 0.90 -14.84 -2.98
CA ASN A 61 2.16 -14.70 -2.26
C ASN A 61 1.95 -14.04 -0.88
N THR A 62 1.07 -14.56 -0.04
CA THR A 62 0.89 -14.02 1.32
C THR A 62 2.21 -13.98 2.11
N GLU A 63 3.04 -15.02 1.99
CA GLU A 63 4.33 -15.14 2.66
C GLU A 63 5.38 -14.12 2.18
N LYS A 64 5.32 -13.71 0.92
CA LYS A 64 6.17 -12.65 0.36
C LYS A 64 5.59 -11.28 0.65
N ALA A 65 4.30 -11.08 0.38
CA ALA A 65 3.64 -9.82 0.63
C ALA A 65 3.81 -9.33 2.08
N LYS A 66 3.75 -10.25 3.03
CA LYS A 66 3.98 -9.92 4.45
C LYS A 66 5.41 -9.44 4.72
N LYS A 67 6.39 -9.98 3.98
CA LYS A 67 7.82 -9.64 4.10
C LYS A 67 8.11 -8.24 3.52
N LEU A 68 7.52 -7.92 2.37
CA LEU A 68 7.53 -6.56 1.78
C LEU A 68 6.97 -5.53 2.78
N LEU A 69 5.88 -5.87 3.46
CA LEU A 69 5.26 -5.02 4.48
C LEU A 69 6.17 -4.76 5.68
N GLU A 70 6.79 -5.82 6.22
CA GLU A 70 7.77 -5.73 7.30
C GLU A 70 9.00 -4.91 6.90
N GLU A 71 9.39 -4.97 5.61
CA GLU A 71 10.53 -4.22 5.09
C GLU A 71 10.23 -2.72 5.00
N ALA A 72 9.09 -2.37 4.42
CA ALA A 72 8.69 -0.97 4.28
C ALA A 72 8.39 -0.32 5.62
N ALA A 73 7.71 -1.05 6.51
CA ALA A 73 7.39 -0.55 7.84
C ALA A 73 8.65 -0.20 8.63
N ARG A 74 9.65 -1.09 8.64
CA ARG A 74 10.93 -0.84 9.34
C ARG A 74 11.72 0.30 8.70
N THR A 75 11.57 0.49 7.39
CA THR A 75 12.13 1.65 6.67
C THR A 75 11.45 2.96 7.10
N ALA A 76 10.11 2.99 7.19
CA ALA A 76 9.34 4.14 7.67
C ALA A 76 9.33 4.30 9.21
N GLY A 77 9.94 3.36 9.95
CA GLY A 77 10.03 3.35 11.42
C GLY A 77 8.75 2.92 12.15
N ALA A 78 7.85 2.21 11.48
CA ALA A 78 6.53 1.85 11.98
C ALA A 78 6.49 0.65 12.96
N SER A 79 5.41 0.58 13.72
CA SER A 79 5.20 -0.31 14.88
C SER A 79 5.00 -1.79 14.53
N PRO A 80 5.38 -2.73 15.40
CA PRO A 80 5.02 -4.15 15.25
C PRO A 80 3.50 -4.35 15.28
N GLU A 81 2.77 -3.49 16.01
CA GLU A 81 1.31 -3.48 16.08
C GLU A 81 0.65 -3.14 14.73
N ILE A 82 1.16 -2.17 13.97
CA ILE A 82 0.63 -1.86 12.62
C ILE A 82 1.11 -2.87 11.58
N ILE A 83 2.32 -3.40 11.75
CA ILE A 83 2.91 -4.40 10.84
C ILE A 83 2.00 -5.62 10.78
N LYS A 84 1.60 -6.14 11.94
CA LYS A 84 0.72 -7.33 12.00
C LYS A 84 -0.71 -7.02 11.52
N LYS A 85 -1.22 -5.83 11.82
CA LYS A 85 -2.54 -5.33 11.36
C LYS A 85 -2.63 -5.26 9.84
N LEU A 86 -1.66 -4.61 9.20
CA LEU A 86 -1.58 -4.47 7.74
C LEU A 86 -1.29 -5.82 7.08
N ALA A 87 -0.26 -6.55 7.54
CA ALA A 87 0.12 -7.85 6.98
C ALA A 87 -1.04 -8.88 7.03
N SER A 88 -1.91 -8.82 8.05
CA SER A 88 -3.13 -9.65 8.18
C SER A 88 -4.07 -9.47 6.97
N ALA A 89 -4.12 -8.26 6.39
CA ALA A 89 -4.88 -8.00 5.17
C ALA A 89 -4.30 -8.77 3.98
N LEU A 90 -2.98 -8.87 3.89
CA LEU A 90 -2.30 -9.63 2.84
C LEU A 90 -2.54 -11.15 2.99
N GLU A 91 -2.68 -11.64 4.22
CA GLU A 91 -2.96 -13.07 4.44
C GLU A 91 -4.35 -13.47 3.94
N ARG A 92 -5.37 -12.60 4.12
CA ARG A 92 -6.70 -12.80 3.53
C ARG A 92 -6.76 -12.52 2.03
N LEU A 93 -5.96 -11.59 1.49
CA LEU A 93 -6.04 -11.18 0.08
C LEU A 93 -5.77 -12.33 -0.91
N ALA A 94 -4.93 -13.30 -0.50
CA ALA A 94 -4.63 -14.51 -1.26
C ALA A 94 -5.83 -15.47 -1.32
N GLU A 95 -6.45 -15.78 -0.19
CA GLU A 95 -7.60 -16.70 -0.13
C GLU A 95 -8.93 -16.05 -0.58
N GLU A 96 -9.07 -14.73 -0.46
CA GLU A 96 -10.20 -13.96 -0.99
C GLU A 96 -10.20 -13.87 -2.53
N GLY A 97 -9.06 -14.14 -3.19
CA GLY A 97 -8.97 -14.24 -4.65
C GLY A 97 -8.79 -12.88 -5.33
N ALA A 98 -7.98 -12.00 -4.75
CA ALA A 98 -7.59 -10.68 -5.24
C ALA A 98 -8.70 -9.61 -5.35
N ALA A 99 -8.33 -8.36 -5.04
CA ALA A 99 -9.16 -7.18 -5.28
C ALA A 99 -9.09 -6.76 -6.77
N LYS A 100 -10.24 -6.72 -7.46
CA LYS A 100 -10.32 -6.42 -8.90
C LYS A 100 -10.13 -4.93 -9.21
N GLU A 101 -10.58 -4.08 -8.29
CA GLU A 101 -10.43 -2.62 -8.31
C GLU A 101 -8.97 -2.16 -8.35
N ALA A 102 -8.08 -2.95 -7.77
CA ALA A 102 -6.64 -2.68 -7.74
C ALA A 102 -6.02 -2.61 -9.15
N ALA A 103 -6.58 -3.33 -10.13
CA ALA A 103 -6.14 -3.30 -11.52
C ALA A 103 -6.42 -1.95 -12.20
N ARG A 104 -7.55 -1.28 -11.86
CA ARG A 104 -7.83 0.09 -12.32
C ARG A 104 -7.03 1.13 -11.53
N GLN A 105 -6.80 0.91 -10.23
CA GLN A 105 -5.95 1.80 -9.43
C GLN A 105 -4.47 1.76 -9.86
N ALA A 106 -3.99 0.64 -10.39
CA ALA A 106 -2.67 0.55 -11.03
C ALA A 106 -2.56 1.46 -12.28
N GLU A 107 -3.67 1.70 -13.00
CA GLU A 107 -3.71 2.72 -14.05
C GLU A 107 -3.82 4.13 -13.48
N GLU A 108 -4.63 4.34 -12.43
CA GLU A 108 -4.91 5.68 -11.89
C GLU A 108 -3.65 6.40 -11.37
N VAL A 109 -2.71 5.67 -10.74
CA VAL A 109 -1.40 6.23 -10.31
C VAL A 109 -0.46 6.50 -11.49
N ARG A 110 -0.62 5.80 -12.64
CA ARG A 110 0.15 6.02 -13.87
C ARG A 110 -0.40 7.17 -14.73
N LYS A 111 -1.73 7.32 -14.79
CA LYS A 111 -2.48 8.41 -15.45
C LYS A 111 -2.35 9.72 -14.66
N ARG A 112 -2.47 9.64 -13.33
CA ARG A 112 -2.20 10.68 -12.32
C ARG A 112 -2.81 12.05 -12.63
N GLY A 113 -2.00 13.05 -12.98
CA GLY A 113 -2.42 14.44 -13.18
C GLY A 113 -2.64 15.23 -11.88
N SER A 114 -3.09 16.47 -12.03
CA SER A 114 -3.18 17.49 -10.97
C SER A 114 -4.61 17.94 -10.66
N LEU A 115 -5.57 17.01 -10.75
CA LEU A 115 -6.98 17.20 -10.44
C LEU A 115 -7.26 17.70 -9.01
N GLU A 116 -6.44 17.27 -8.05
CA GLU A 116 -6.66 17.50 -6.63
C GLU A 116 -5.33 17.66 -5.87
N HIS A 117 -5.38 18.33 -4.71
CA HIS A 117 -4.27 18.62 -3.79
C HIS A 117 -3.09 19.41 -4.38
N HIS A 118 -3.22 19.95 -5.61
CA HIS A 118 -2.19 20.75 -6.26
C HIS A 118 -2.08 22.15 -5.63
N HIS A 119 -0.96 22.44 -4.98
CA HIS A 119 -0.68 23.69 -4.26
C HIS A 119 0.83 23.98 -4.15
N HIS A 120 1.19 25.17 -3.65
CA HIS A 120 2.59 25.58 -3.40
C HIS A 120 2.78 26.28 -2.04
N HIS A 121 1.88 27.21 -1.69
CA HIS A 121 1.97 28.04 -0.48
C HIS A 121 1.28 27.40 0.74
N HIS A 122 1.56 27.93 1.94
CA HIS A 122 1.00 27.51 3.23
C HIS A 122 0.46 28.71 4.03
N GLY A 1 10.37 18.60 -5.22
CA GLY A 1 8.91 18.43 -5.33
C GLY A 1 8.55 17.26 -6.23
N GLU A 2 7.87 17.56 -7.35
CA GLU A 2 7.28 16.59 -8.30
C GLU A 2 6.17 15.69 -7.72
N THR A 3 5.33 15.11 -8.59
CA THR A 3 4.14 14.33 -8.20
C THR A 3 4.45 12.99 -7.52
N LYS A 4 5.73 12.58 -7.42
CA LYS A 4 6.14 11.28 -6.84
C LYS A 4 5.79 11.15 -5.35
N ALA A 5 5.78 12.25 -4.59
CA ALA A 5 5.29 12.27 -3.21
C ALA A 5 3.77 12.00 -3.12
N LYS A 6 2.99 12.48 -4.09
CA LYS A 6 1.56 12.20 -4.21
C LYS A 6 1.31 10.78 -4.69
N ALA A 7 2.06 10.29 -5.68
CA ALA A 7 2.02 8.91 -6.17
C ALA A 7 2.26 7.89 -5.04
N ALA A 8 3.21 8.17 -4.14
CA ALA A 8 3.47 7.31 -2.99
C ALA A 8 2.27 7.23 -2.03
N GLN A 9 1.68 8.37 -1.64
CA GLN A 9 0.46 8.38 -0.82
C GLN A 9 -0.74 7.73 -1.52
N GLU A 10 -0.90 7.96 -2.83
CA GLU A 10 -1.96 7.36 -3.63
C GLU A 10 -1.80 5.85 -3.75
N ALA A 11 -0.58 5.31 -3.71
CA ALA A 11 -0.38 3.86 -3.74
C ALA A 11 -1.06 3.18 -2.53
N LEU A 12 -0.84 3.67 -1.30
CA LEU A 12 -1.49 3.14 -0.10
C LEU A 12 -2.98 3.53 -0.05
N ARG A 13 -3.31 4.79 -0.36
CA ARG A 13 -4.68 5.31 -0.31
C ARG A 13 -5.61 4.59 -1.30
N ALA A 14 -5.13 4.33 -2.52
CA ALA A 14 -5.86 3.51 -3.48
C ALA A 14 -5.89 2.03 -3.07
N ALA A 15 -4.87 1.52 -2.38
CA ALA A 15 -4.94 0.19 -1.78
C ALA A 15 -6.07 0.06 -0.74
N ARG A 16 -6.32 1.10 0.05
CA ARG A 16 -7.46 1.14 0.99
C ARG A 16 -8.81 1.19 0.26
N GLU A 17 -8.87 1.91 -0.85
CA GLU A 17 -10.09 2.09 -1.65
C GLU A 17 -10.45 0.84 -2.47
N GLN A 18 -9.45 0.17 -3.03
CA GLN A 18 -9.60 -0.98 -3.93
C GLN A 18 -9.78 -2.32 -3.19
N ALA A 19 -9.39 -2.41 -1.92
CA ALA A 19 -9.40 -3.65 -1.17
C ALA A 19 -10.83 -4.19 -1.02
N THR A 20 -11.07 -5.40 -1.55
CA THR A 20 -12.42 -5.96 -1.73
C THR A 20 -13.12 -6.34 -0.42
N THR A 21 -12.35 -6.60 0.63
CA THR A 21 -12.85 -6.83 2.01
C THR A 21 -12.84 -5.53 2.82
N PRO A 22 -13.88 -5.27 3.63
CA PRO A 22 -13.96 -4.11 4.54
C PRO A 22 -12.93 -4.19 5.68
N GLU A 23 -12.58 -5.41 6.10
CA GLU A 23 -11.61 -5.66 7.17
C GLU A 23 -10.18 -5.34 6.75
N ALA A 24 -9.86 -5.51 5.45
CA ALA A 24 -8.59 -5.06 4.90
C ALA A 24 -8.51 -3.52 4.88
N GLN A 25 -9.58 -2.83 4.48
CA GLN A 25 -9.57 -1.37 4.34
C GLN A 25 -9.22 -0.65 5.65
N LYS A 26 -9.81 -1.08 6.77
CA LYS A 26 -9.50 -0.53 8.11
C LYS A 26 -8.11 -0.94 8.61
N ALA A 27 -7.65 -2.14 8.27
CA ALA A 27 -6.31 -2.62 8.61
C ALA A 27 -5.20 -1.86 7.87
N LEU A 28 -5.45 -1.45 6.63
CA LEU A 28 -4.55 -0.59 5.83
C LEU A 28 -4.42 0.82 6.43
N GLU A 29 -5.51 1.35 6.99
CA GLU A 29 -5.54 2.63 7.68
C GLU A 29 -4.53 2.73 8.83
N GLU A 30 -4.22 1.61 9.50
CA GLU A 30 -3.29 1.59 10.63
C GLU A 30 -1.87 2.01 10.24
N LEU A 31 -1.37 1.48 9.11
CA LEU A 31 -0.05 1.88 8.61
C LEU A 31 -0.01 3.39 8.33
N GLU A 32 -1.06 3.91 7.71
CA GLU A 32 -1.15 5.32 7.27
C GLU A 32 -1.06 6.30 8.45
N LYS A 33 -1.45 5.91 9.66
CA LYS A 33 -1.39 6.75 10.85
C LYS A 33 0.07 7.02 11.24
N VAL A 34 0.91 6.01 11.03
CA VAL A 34 2.37 6.09 11.26
C VAL A 34 3.07 6.82 10.13
N LEU A 35 2.78 6.46 8.87
CA LEU A 35 3.39 7.11 7.72
C LEU A 35 3.04 8.61 7.65
N LYS A 36 1.89 9.02 8.20
CA LYS A 36 1.50 10.44 8.29
C LYS A 36 2.50 11.30 9.09
N THR A 37 3.23 10.66 10.03
CA THR A 37 4.31 11.26 10.81
C THR A 37 5.71 10.72 10.43
N ALA A 38 5.80 9.92 9.35
CA ALA A 38 7.08 9.50 8.75
C ALA A 38 7.61 10.58 7.77
N SER A 39 8.86 10.42 7.31
CA SER A 39 9.50 11.39 6.40
C SER A 39 9.02 11.18 4.94
N PRO A 40 9.06 12.21 4.08
CA PRO A 40 8.63 12.06 2.69
C PRO A 40 9.53 11.11 1.89
N GLU A 41 10.83 11.03 2.23
CA GLU A 41 11.77 10.12 1.57
C GLU A 41 11.44 8.66 1.93
N GLN A 42 11.24 8.39 3.22
CA GLN A 42 10.83 7.07 3.70
C GLN A 42 9.45 6.68 3.22
N TRP A 43 8.58 7.66 2.95
CA TRP A 43 7.28 7.41 2.34
C TRP A 43 7.40 6.77 0.96
N ARG A 44 8.33 7.25 0.11
CA ARG A 44 8.58 6.66 -1.21
C ARG A 44 9.19 5.26 -1.08
N GLN A 45 10.13 5.11 -0.16
CA GLN A 45 10.78 3.82 0.13
C GLN A 45 9.78 2.77 0.64
N ALA A 46 8.89 3.16 1.55
CA ALA A 46 7.88 2.30 2.15
C ALA A 46 6.75 1.99 1.18
N ALA A 47 6.12 3.00 0.57
CA ALA A 47 4.94 2.82 -0.27
C ALA A 47 5.19 1.85 -1.43
N GLU A 48 6.44 1.77 -1.92
CA GLU A 48 6.85 0.80 -2.94
C GLU A 48 6.62 -0.65 -2.46
N LYS A 49 7.07 -1.02 -1.26
CA LYS A 49 6.87 -2.39 -0.71
C LYS A 49 5.44 -2.59 -0.24
N ILE A 50 4.85 -1.57 0.40
CA ILE A 50 3.47 -1.62 0.89
C ILE A 50 2.54 -2.00 -0.27
N PHE A 51 2.69 -1.32 -1.41
CA PHE A 51 1.85 -1.54 -2.58
C PHE A 51 2.22 -2.81 -3.36
N GLU A 52 3.51 -3.18 -3.36
CA GLU A 52 3.96 -4.48 -3.87
C GLU A 52 3.29 -5.63 -3.09
N ALA A 53 3.12 -5.54 -1.77
CA ALA A 53 2.52 -6.63 -1.01
C ALA A 53 1.14 -7.03 -1.54
N PHE A 54 0.28 -6.05 -1.81
CA PHE A 54 -1.08 -6.29 -2.33
C PHE A 54 -1.03 -6.90 -3.74
N ARG A 55 0.02 -6.63 -4.51
CA ARG A 55 0.28 -7.20 -5.83
C ARG A 55 0.72 -8.66 -5.73
N GLU A 56 1.55 -8.97 -4.73
CA GLU A 56 2.04 -10.31 -4.51
C GLU A 56 0.97 -11.22 -3.91
N ALA A 57 0.34 -10.79 -2.81
CA ALA A 57 -0.69 -11.57 -2.13
C ALA A 57 -1.86 -11.92 -3.04
N SER A 58 -2.26 -10.99 -3.90
CA SER A 58 -3.32 -11.24 -4.89
C SER A 58 -2.93 -12.25 -5.97
N ASN A 59 -1.63 -12.39 -6.24
CA ASN A 59 -1.07 -13.44 -7.10
C ASN A 59 -0.86 -14.79 -6.34
N GLY A 60 -1.06 -14.80 -5.02
CA GLY A 60 -0.95 -15.97 -4.13
C GLY A 60 0.29 -15.95 -3.22
N ASN A 61 1.01 -14.82 -3.13
CA ASN A 61 2.26 -14.67 -2.41
C ASN A 61 2.06 -14.06 -1.01
N THR A 62 1.18 -14.63 -0.19
CA THR A 62 1.01 -14.15 1.20
C THR A 62 2.35 -14.11 1.97
N GLU A 63 3.19 -15.13 1.79
CA GLU A 63 4.51 -15.24 2.44
C GLU A 63 5.51 -14.17 2.02
N LYS A 64 5.42 -13.67 0.78
CA LYS A 64 6.22 -12.55 0.27
C LYS A 64 5.59 -11.21 0.62
N ALA A 65 4.30 -11.05 0.34
CA ALA A 65 3.58 -9.82 0.61
C ALA A 65 3.70 -9.38 2.08
N LYS A 66 3.65 -10.35 3.00
CA LYS A 66 3.83 -10.04 4.44
C LYS A 66 5.24 -9.50 4.75
N LYS A 67 6.26 -9.98 4.02
CA LYS A 67 7.65 -9.55 4.18
C LYS A 67 7.88 -8.14 3.61
N LEU A 68 7.29 -7.83 2.45
CA LEU A 68 7.28 -6.47 1.88
C LEU A 68 6.69 -5.46 2.88
N LEU A 69 5.58 -5.81 3.54
CA LEU A 69 4.95 -5.00 4.59
C LEU A 69 5.90 -4.72 5.78
N GLU A 70 6.55 -5.76 6.28
CA GLU A 70 7.57 -5.64 7.34
C GLU A 70 8.73 -4.74 6.88
N GLU A 71 9.19 -4.90 5.64
CA GLU A 71 10.36 -4.20 5.11
C GLU A 71 10.10 -2.69 4.99
N ALA A 72 8.93 -2.34 4.45
CA ALA A 72 8.50 -0.95 4.34
C ALA A 72 8.30 -0.31 5.71
N ALA A 73 7.65 -1.04 6.63
CA ALA A 73 7.39 -0.54 7.98
C ALA A 73 8.70 -0.25 8.72
N ARG A 74 9.67 -1.16 8.66
CA ARG A 74 10.98 -0.98 9.32
C ARG A 74 11.76 0.18 8.69
N THR A 75 11.59 0.40 7.38
CA THR A 75 12.16 1.56 6.67
C THR A 75 11.53 2.88 7.11
N ALA A 76 10.20 2.95 7.21
CA ALA A 76 9.47 4.13 7.70
C ALA A 76 9.43 4.27 9.25
N GLY A 77 10.04 3.35 9.98
CA GLY A 77 10.17 3.36 11.45
C GLY A 77 8.90 2.97 12.22
N ALA A 78 8.01 2.18 11.60
CA ALA A 78 6.69 1.85 12.10
C ALA A 78 6.63 0.71 13.13
N SER A 79 5.48 0.63 13.81
CA SER A 79 5.22 -0.18 15.00
C SER A 79 5.00 -1.68 14.73
N PRO A 80 5.41 -2.59 15.62
CA PRO A 80 5.04 -4.00 15.54
C PRO A 80 3.50 -4.18 15.64
N GLU A 81 2.81 -3.26 16.30
CA GLU A 81 1.34 -3.18 16.33
C GLU A 81 0.72 -3.02 14.93
N ILE A 82 1.24 -2.12 14.07
CA ILE A 82 0.68 -1.88 12.72
C ILE A 82 1.17 -2.90 11.71
N ILE A 83 2.40 -3.40 11.90
CA ILE A 83 3.09 -4.35 11.01
C ILE A 83 2.23 -5.60 10.87
N LYS A 84 1.82 -6.18 12.01
CA LYS A 84 0.97 -7.38 12.02
C LYS A 84 -0.43 -7.08 11.48
N LYS A 85 -0.93 -5.86 11.73
CA LYS A 85 -2.28 -5.41 11.41
C LYS A 85 -2.51 -5.29 9.91
N LEU A 86 -1.63 -4.56 9.22
CA LEU A 86 -1.68 -4.47 7.76
C LEU A 86 -1.34 -5.83 7.16
N ALA A 87 -0.25 -6.47 7.60
CA ALA A 87 0.20 -7.75 7.03
C ALA A 87 -0.89 -8.86 7.11
N SER A 88 -1.76 -8.85 8.13
CA SER A 88 -2.89 -9.80 8.26
C SER A 88 -3.90 -9.68 7.11
N ALA A 89 -4.05 -8.49 6.52
CA ALA A 89 -4.88 -8.29 5.33
C ALA A 89 -4.31 -9.03 4.11
N LEU A 90 -2.98 -9.06 3.97
CA LEU A 90 -2.30 -9.78 2.89
C LEU A 90 -2.47 -11.30 3.02
N GLU A 91 -2.55 -11.83 4.25
CA GLU A 91 -2.73 -13.27 4.47
C GLU A 91 -4.10 -13.75 3.99
N ARG A 92 -5.16 -12.96 4.19
CA ARG A 92 -6.48 -13.25 3.61
C ARG A 92 -6.56 -12.93 2.12
N LEU A 93 -5.84 -11.92 1.60
CA LEU A 93 -5.99 -11.45 0.21
C LEU A 93 -5.71 -12.54 -0.83
N ALA A 94 -4.82 -13.48 -0.49
CA ALA A 94 -4.53 -14.66 -1.32
C ALA A 94 -5.74 -15.63 -1.43
N GLU A 95 -6.35 -16.00 -0.29
CA GLU A 95 -7.50 -16.91 -0.26
C GLU A 95 -8.84 -16.22 -0.61
N GLU A 96 -8.93 -14.90 -0.45
CA GLU A 96 -10.07 -14.05 -0.85
C GLU A 96 -10.31 -14.06 -2.37
N GLY A 97 -9.27 -14.34 -3.17
CA GLY A 97 -9.35 -14.45 -4.62
C GLY A 97 -9.03 -13.15 -5.36
N ALA A 98 -8.10 -12.36 -4.81
CA ALA A 98 -7.66 -11.05 -5.29
C ALA A 98 -8.73 -9.92 -5.26
N ALA A 99 -8.25 -8.68 -5.28
CA ALA A 99 -9.06 -7.47 -5.42
C ALA A 99 -9.05 -7.00 -6.89
N LYS A 100 -10.13 -7.23 -7.64
CA LYS A 100 -10.23 -6.89 -9.08
C LYS A 100 -10.10 -5.40 -9.36
N GLU A 101 -10.57 -4.57 -8.41
CA GLU A 101 -10.43 -3.11 -8.44
C GLU A 101 -8.98 -2.64 -8.44
N ALA A 102 -8.05 -3.40 -7.83
CA ALA A 102 -6.64 -3.01 -7.79
C ALA A 102 -6.03 -2.86 -9.19
N ALA A 103 -6.51 -3.63 -10.15
CA ALA A 103 -6.08 -3.54 -11.55
C ALA A 103 -6.53 -2.26 -12.26
N ARG A 104 -7.69 -1.68 -11.87
CA ARG A 104 -8.13 -0.36 -12.36
C ARG A 104 -7.53 0.80 -11.56
N GLN A 105 -7.36 0.63 -10.24
CA GLN A 105 -6.87 1.68 -9.35
C GLN A 105 -5.38 2.01 -9.52
N ALA A 106 -4.53 1.00 -9.78
CA ALA A 106 -3.09 1.21 -9.98
C ALA A 106 -2.77 2.12 -11.19
N GLU A 107 -3.61 2.08 -12.23
CA GLU A 107 -3.42 2.85 -13.47
C GLU A 107 -3.41 4.37 -13.25
N GLU A 108 -4.15 4.87 -12.24
CA GLU A 108 -4.19 6.29 -11.90
C GLU A 108 -2.86 6.78 -11.26
N VAL A 109 -2.17 5.89 -10.53
CA VAL A 109 -0.83 6.16 -9.98
C VAL A 109 0.23 6.01 -11.08
N ARG A 110 0.11 4.97 -11.92
CA ARG A 110 1.00 4.70 -13.08
C ARG A 110 1.03 5.86 -14.09
N LYS A 111 -0.09 6.57 -14.27
CA LYS A 111 -0.22 7.74 -15.16
C LYS A 111 0.77 8.86 -14.81
N ARG A 112 0.85 9.21 -13.51
CA ARG A 112 1.78 10.21 -12.93
C ARG A 112 1.79 10.20 -11.40
N GLY A 113 0.63 9.94 -10.79
CA GLY A 113 0.35 10.17 -9.38
C GLY A 113 -0.76 11.22 -9.16
N SER A 114 -1.45 11.59 -10.24
CA SER A 114 -2.64 12.44 -10.31
C SER A 114 -3.43 12.10 -11.58
N LEU A 115 -4.76 12.25 -11.54
CA LEU A 115 -5.64 11.95 -12.68
C LEU A 115 -5.74 13.07 -13.71
N GLU A 116 -5.73 14.33 -13.28
CA GLU A 116 -6.03 15.49 -14.12
C GLU A 116 -5.30 16.76 -13.64
N HIS A 117 -5.32 17.01 -12.33
CA HIS A 117 -4.70 18.16 -11.66
C HIS A 117 -4.11 17.74 -10.29
N HIS A 118 -3.14 18.51 -9.77
CA HIS A 118 -2.33 18.14 -8.59
C HIS A 118 -2.25 19.17 -7.45
N HIS A 119 -2.73 20.41 -7.64
CA HIS A 119 -2.54 21.52 -6.70
C HIS A 119 -3.82 21.96 -5.95
N HIS A 120 -4.97 21.31 -6.22
CA HIS A 120 -6.26 21.59 -5.59
C HIS A 120 -7.07 20.30 -5.36
N HIS A 121 -7.99 20.32 -4.39
CA HIS A 121 -8.80 19.17 -3.95
C HIS A 121 -9.85 18.72 -4.98
N HIS A 122 -10.29 19.62 -5.87
CA HIS A 122 -11.26 19.37 -6.96
C HIS A 122 -10.74 19.89 -8.30
N GLY A 1 -1.36 13.19 -8.41
CA GLY A 1 -0.32 14.19 -8.07
C GLY A 1 0.78 14.22 -9.11
N GLU A 2 1.75 15.14 -8.95
CA GLU A 2 2.75 15.49 -9.97
C GLU A 2 4.17 14.94 -9.70
N THR A 3 4.40 14.23 -8.58
CA THR A 3 5.72 13.73 -8.15
C THR A 3 5.66 12.27 -7.70
N LYS A 4 6.83 11.63 -7.54
CA LYS A 4 6.93 10.29 -6.90
C LYS A 4 6.52 10.30 -5.43
N ALA A 5 6.68 11.42 -4.71
CA ALA A 5 6.18 11.57 -3.34
C ALA A 5 4.65 11.56 -3.28
N LYS A 6 3.97 12.15 -4.28
CA LYS A 6 2.51 12.05 -4.42
C LYS A 6 2.07 10.66 -4.89
N ALA A 7 2.70 10.09 -5.92
CA ALA A 7 2.40 8.73 -6.39
C ALA A 7 2.58 7.68 -5.28
N ALA A 8 3.58 7.82 -4.42
CA ALA A 8 3.76 6.98 -3.23
C ALA A 8 2.57 7.09 -2.25
N GLN A 9 2.15 8.30 -1.91
CA GLN A 9 0.97 8.53 -1.06
C GLN A 9 -0.31 7.99 -1.71
N GLU A 10 -0.47 8.16 -3.02
CA GLU A 10 -1.60 7.67 -3.79
C GLU A 10 -1.62 6.13 -3.86
N ALA A 11 -0.47 5.46 -3.85
CA ALA A 11 -0.39 4.00 -3.85
C ALA A 11 -1.08 3.39 -2.62
N LEU A 12 -0.71 3.84 -1.42
CA LEU A 12 -1.25 3.36 -0.16
C LEU A 12 -2.65 3.92 0.14
N ARG A 13 -2.91 5.19 -0.21
CA ARG A 13 -4.25 5.80 -0.11
C ARG A 13 -5.28 5.03 -0.93
N ALA A 14 -4.94 4.71 -2.19
CA ALA A 14 -5.79 3.89 -3.04
C ALA A 14 -5.81 2.41 -2.62
N ALA A 15 -4.76 1.90 -1.98
CA ALA A 15 -4.75 0.53 -1.45
C ALA A 15 -5.89 0.29 -0.45
N ARG A 16 -6.23 1.30 0.37
CA ARG A 16 -7.35 1.25 1.33
C ARG A 16 -8.71 1.28 0.64
N GLU A 17 -8.81 1.95 -0.51
CA GLU A 17 -10.05 2.13 -1.28
C GLU A 17 -10.34 0.96 -2.27
N GLN A 18 -9.31 0.37 -2.88
CA GLN A 18 -9.42 -0.75 -3.82
C GLN A 18 -9.66 -2.12 -3.13
N ALA A 19 -9.34 -2.22 -1.83
CA ALA A 19 -9.35 -3.49 -1.09
C ALA A 19 -10.78 -4.05 -0.99
N THR A 20 -10.99 -5.26 -1.53
CA THR A 20 -12.32 -5.86 -1.74
C THR A 20 -13.03 -6.30 -0.45
N THR A 21 -12.28 -6.66 0.59
CA THR A 21 -12.80 -6.94 1.94
C THR A 21 -12.78 -5.67 2.81
N PRO A 22 -13.82 -5.41 3.62
CA PRO A 22 -13.90 -4.28 4.54
C PRO A 22 -12.85 -4.36 5.66
N GLU A 23 -12.48 -5.56 6.09
CA GLU A 23 -11.49 -5.77 7.16
C GLU A 23 -10.06 -5.44 6.72
N ALA A 24 -9.77 -5.59 5.43
CA ALA A 24 -8.50 -5.13 4.87
C ALA A 24 -8.42 -3.59 4.88
N GLN A 25 -9.51 -2.90 4.57
CA GLN A 25 -9.54 -1.42 4.49
C GLN A 25 -9.12 -0.79 5.83
N LYS A 26 -9.71 -1.23 6.95
CA LYS A 26 -9.34 -0.75 8.30
C LYS A 26 -7.92 -1.15 8.72
N ALA A 27 -7.46 -2.32 8.29
CA ALA A 27 -6.11 -2.83 8.57
C ALA A 27 -5.02 -2.04 7.83
N LEU A 28 -5.29 -1.61 6.60
CA LEU A 28 -4.41 -0.73 5.81
C LEU A 28 -4.33 0.68 6.40
N GLU A 29 -5.45 1.17 6.93
CA GLU A 29 -5.54 2.44 7.63
C GLU A 29 -4.59 2.51 8.85
N GLU A 30 -4.27 1.38 9.48
CA GLU A 30 -3.35 1.32 10.63
C GLU A 30 -1.93 1.79 10.27
N LEU A 31 -1.39 1.35 9.14
CA LEU A 31 -0.06 1.76 8.66
C LEU A 31 -0.06 3.28 8.37
N GLU A 32 -1.08 3.75 7.67
CA GLU A 32 -1.27 5.15 7.24
C GLU A 32 -1.23 6.15 8.40
N LYS A 33 -1.65 5.76 9.60
CA LYS A 33 -1.67 6.63 10.78
C LYS A 33 -0.23 6.96 11.22
N VAL A 34 0.68 6.02 10.99
CA VAL A 34 2.12 6.17 11.18
C VAL A 34 2.75 6.93 10.03
N LEU A 35 2.46 6.54 8.78
CA LEU A 35 3.07 7.16 7.60
C LEU A 35 2.74 8.65 7.50
N LYS A 36 1.54 9.08 7.92
CA LYS A 36 1.16 10.50 7.86
C LYS A 36 2.01 11.42 8.74
N THR A 37 2.67 10.86 9.76
CA THR A 37 3.68 11.52 10.61
C THR A 37 5.12 11.00 10.38
N ALA A 38 5.33 10.16 9.36
CA ALA A 38 6.65 9.73 8.89
C ALA A 38 7.26 10.73 7.87
N SER A 39 8.52 10.55 7.49
CA SER A 39 9.26 11.49 6.63
C SER A 39 9.03 11.20 5.12
N PRO A 40 9.04 12.22 4.24
CA PRO A 40 8.61 12.08 2.84
C PRO A 40 9.53 11.17 2.00
N GLU A 41 10.84 11.16 2.29
CA GLU A 41 11.79 10.30 1.56
C GLU A 41 11.55 8.82 1.89
N GLN A 42 11.34 8.50 3.17
CA GLN A 42 10.99 7.17 3.63
C GLN A 42 9.58 6.76 3.18
N TRP A 43 8.68 7.72 2.99
CA TRP A 43 7.36 7.48 2.44
C TRP A 43 7.44 6.82 1.04
N ARG A 44 8.35 7.30 0.18
CA ARG A 44 8.58 6.74 -1.16
C ARG A 44 9.15 5.33 -1.08
N GLN A 45 10.12 5.14 -0.18
CA GLN A 45 10.73 3.84 0.07
C GLN A 45 9.72 2.82 0.60
N ALA A 46 8.86 3.24 1.53
CA ALA A 46 7.84 2.38 2.12
C ALA A 46 6.73 2.04 1.14
N ALA A 47 6.09 3.04 0.52
CA ALA A 47 4.92 2.84 -0.33
C ALA A 47 5.19 1.85 -1.46
N GLU A 48 6.43 1.79 -1.97
CA GLU A 48 6.80 0.80 -2.98
C GLU A 48 6.57 -0.64 -2.48
N LYS A 49 7.06 -1.00 -1.28
CA LYS A 49 6.89 -2.36 -0.73
C LYS A 49 5.50 -2.58 -0.14
N ILE A 50 4.91 -1.56 0.47
CA ILE A 50 3.52 -1.61 0.94
C ILE A 50 2.60 -2.02 -0.20
N PHE A 51 2.74 -1.35 -1.36
CA PHE A 51 1.88 -1.59 -2.51
C PHE A 51 2.25 -2.86 -3.28
N GLU A 52 3.53 -3.25 -3.27
CA GLU A 52 3.97 -4.54 -3.81
C GLU A 52 3.28 -5.69 -3.08
N ALA A 53 3.10 -5.63 -1.75
CA ALA A 53 2.49 -6.70 -0.99
C ALA A 53 1.11 -7.09 -1.53
N PHE A 54 0.27 -6.11 -1.83
CA PHE A 54 -1.08 -6.34 -2.37
C PHE A 54 -1.04 -6.96 -3.76
N ARG A 55 0.03 -6.69 -4.53
CA ARG A 55 0.28 -7.25 -5.85
C ARG A 55 0.77 -8.71 -5.78
N GLU A 56 1.51 -9.06 -4.73
CA GLU A 56 2.00 -10.42 -4.50
C GLU A 56 0.92 -11.31 -3.88
N ALA A 57 0.28 -10.86 -2.79
CA ALA A 57 -0.74 -11.62 -2.09
C ALA A 57 -1.94 -11.97 -2.98
N SER A 58 -2.31 -11.03 -3.85
CA SER A 58 -3.37 -11.27 -4.86
C SER A 58 -2.99 -12.33 -5.90
N ASN A 59 -1.69 -12.51 -6.16
CA ASN A 59 -1.15 -13.59 -6.99
C ASN A 59 -0.96 -14.92 -6.20
N GLY A 60 -1.17 -14.90 -4.88
CA GLY A 60 -1.07 -16.05 -3.96
C GLY A 60 0.17 -16.03 -3.06
N ASN A 61 0.90 -14.91 -3.02
CA ASN A 61 2.18 -14.76 -2.31
C ASN A 61 2.00 -14.12 -0.93
N THR A 62 1.13 -14.65 -0.08
CA THR A 62 0.99 -14.16 1.32
C THR A 62 2.35 -14.14 2.05
N GLU A 63 3.17 -15.16 1.85
CA GLU A 63 4.50 -15.31 2.46
C GLU A 63 5.50 -14.22 2.04
N LYS A 64 5.39 -13.72 0.80
CA LYS A 64 6.20 -12.62 0.27
C LYS A 64 5.59 -11.28 0.59
N ALA A 65 4.29 -11.10 0.33
CA ALA A 65 3.60 -9.86 0.59
C ALA A 65 3.77 -9.40 2.04
N LYS A 66 3.76 -10.35 2.99
CA LYS A 66 3.96 -10.01 4.41
C LYS A 66 5.37 -9.47 4.70
N LYS A 67 6.39 -9.95 3.97
CA LYS A 67 7.79 -9.51 4.09
C LYS A 67 7.98 -8.12 3.48
N LEU A 68 7.40 -7.84 2.32
CA LEU A 68 7.33 -6.50 1.72
C LEU A 68 6.72 -5.48 2.69
N LEU A 69 5.62 -5.85 3.35
CA LEU A 69 4.94 -5.04 4.36
C LEU A 69 5.82 -4.71 5.56
N GLU A 70 6.51 -5.73 6.09
CA GLU A 70 7.48 -5.56 7.17
C GLU A 70 8.65 -4.67 6.73
N GLU A 71 9.13 -4.83 5.49
CA GLU A 71 10.29 -4.12 4.95
C GLU A 71 10.01 -2.61 4.83
N ALA A 72 8.83 -2.26 4.32
CA ALA A 72 8.37 -0.88 4.24
C ALA A 72 8.23 -0.25 5.62
N ALA A 73 7.57 -0.97 6.53
CA ALA A 73 7.31 -0.49 7.88
C ALA A 73 8.61 -0.19 8.62
N ARG A 74 9.58 -1.10 8.59
CA ARG A 74 10.89 -0.89 9.24
C ARG A 74 11.65 0.28 8.63
N THR A 75 11.49 0.49 7.32
CA THR A 75 12.06 1.66 6.60
C THR A 75 11.42 2.98 7.05
N ALA A 76 10.09 3.04 7.17
CA ALA A 76 9.34 4.20 7.66
C ALA A 76 9.36 4.36 9.20
N GLY A 77 9.97 3.42 9.93
CA GLY A 77 10.08 3.41 11.39
C GLY A 77 8.80 3.00 12.13
N ALA A 78 7.91 2.26 11.47
CA ALA A 78 6.59 1.92 11.98
C ALA A 78 6.54 0.74 12.96
N SER A 79 5.44 0.67 13.72
CA SER A 79 5.22 -0.19 14.88
C SER A 79 5.05 -1.68 14.55
N PRO A 80 5.45 -2.60 15.45
CA PRO A 80 5.11 -4.03 15.31
C PRO A 80 3.60 -4.26 15.35
N GLU A 81 2.85 -3.42 16.06
CA GLU A 81 1.38 -3.45 16.12
C GLU A 81 0.72 -3.12 14.77
N ILE A 82 1.22 -2.14 14.00
CA ILE A 82 0.68 -1.85 12.67
C ILE A 82 1.16 -2.86 11.62
N ILE A 83 2.39 -3.39 11.80
CA ILE A 83 2.98 -4.39 10.90
C ILE A 83 2.08 -5.62 10.87
N LYS A 84 1.69 -6.14 12.06
CA LYS A 84 0.82 -7.33 12.14
C LYS A 84 -0.60 -7.04 11.66
N LYS A 85 -1.14 -5.84 11.94
CA LYS A 85 -2.47 -5.40 11.51
C LYS A 85 -2.60 -5.40 10.00
N LEU A 86 -1.71 -4.72 9.30
CA LEU A 86 -1.69 -4.66 7.83
C LEU A 86 -1.33 -6.03 7.24
N ALA A 87 -0.22 -6.64 7.65
CA ALA A 87 0.24 -7.92 7.10
C ALA A 87 -0.83 -9.03 7.19
N SER A 88 -1.72 -9.00 8.20
CA SER A 88 -2.86 -9.94 8.33
C SER A 88 -3.89 -9.82 7.19
N ALA A 89 -4.05 -8.63 6.60
CA ALA A 89 -4.88 -8.41 5.42
C ALA A 89 -4.31 -9.15 4.19
N LEU A 90 -2.99 -9.18 4.05
CA LEU A 90 -2.32 -9.89 2.96
C LEU A 90 -2.51 -11.41 3.05
N GLU A 91 -2.63 -11.95 4.26
CA GLU A 91 -2.86 -13.38 4.46
C GLU A 91 -4.21 -13.82 3.89
N ARG A 92 -5.27 -13.03 4.16
CA ARG A 92 -6.61 -13.27 3.60
C ARG A 92 -6.74 -12.89 2.12
N LEU A 93 -5.95 -11.94 1.60
CA LEU A 93 -6.05 -11.48 0.21
C LEU A 93 -5.76 -12.59 -0.82
N ALA A 94 -4.91 -13.55 -0.44
CA ALA A 94 -4.63 -14.77 -1.19
C ALA A 94 -5.82 -15.75 -1.17
N GLU A 95 -6.52 -15.84 -0.02
CA GLU A 95 -7.69 -16.72 0.13
C GLU A 95 -8.95 -16.14 -0.56
N GLU A 96 -9.05 -14.81 -0.60
CA GLU A 96 -10.21 -14.06 -1.12
C GLU A 96 -10.33 -14.12 -2.65
N GLY A 97 -9.22 -14.37 -3.36
CA GLY A 97 -9.20 -14.44 -4.82
C GLY A 97 -8.99 -13.07 -5.48
N ALA A 98 -8.09 -12.26 -4.89
CA ALA A 98 -7.64 -10.95 -5.34
C ALA A 98 -8.68 -9.80 -5.33
N ALA A 99 -8.20 -8.61 -4.96
CA ALA A 99 -8.92 -7.34 -5.12
C ALA A 99 -8.67 -6.85 -6.56
N LYS A 100 -9.54 -7.23 -7.50
CA LYS A 100 -9.33 -7.07 -8.96
C LYS A 100 -9.23 -5.61 -9.41
N GLU A 101 -9.81 -4.69 -8.65
CA GLU A 101 -9.69 -3.24 -8.84
C GLU A 101 -8.26 -2.73 -8.62
N ALA A 102 -7.49 -3.37 -7.75
CA ALA A 102 -6.11 -2.98 -7.46
C ALA A 102 -5.23 -2.94 -8.74
N ALA A 103 -5.48 -3.85 -9.69
CA ALA A 103 -4.74 -3.94 -10.95
C ALA A 103 -4.94 -2.71 -11.85
N ARG A 104 -6.19 -2.25 -12.02
CA ARG A 104 -6.50 -1.00 -12.76
C ARG A 104 -6.21 0.26 -11.95
N GLN A 105 -6.36 0.20 -10.63
CA GLN A 105 -6.07 1.32 -9.73
C GLN A 105 -4.56 1.64 -9.67
N ALA A 106 -3.70 0.64 -9.84
CA ALA A 106 -2.27 0.81 -10.04
C ALA A 106 -1.94 1.59 -11.33
N GLU A 107 -2.72 1.41 -12.41
CA GLU A 107 -2.47 2.14 -13.67
C GLU A 107 -2.76 3.64 -13.54
N GLU A 108 -3.77 4.02 -12.74
CA GLU A 108 -4.09 5.43 -12.47
C GLU A 108 -2.95 6.15 -11.71
N VAL A 109 -2.25 5.47 -10.81
CA VAL A 109 -1.04 6.01 -10.16
C VAL A 109 0.17 5.98 -11.11
N ARG A 110 0.35 4.90 -11.90
CA ARG A 110 1.46 4.75 -12.87
C ARG A 110 1.49 5.84 -13.95
N LYS A 111 0.31 6.35 -14.35
CA LYS A 111 0.16 7.49 -15.28
C LYS A 111 0.60 8.84 -14.69
N ARG A 112 0.76 8.95 -13.37
CA ARG A 112 1.12 10.17 -12.62
C ARG A 112 2.55 10.09 -12.02
N GLY A 113 3.11 11.24 -11.68
CA GLY A 113 4.38 11.36 -10.94
C GLY A 113 5.65 10.84 -11.66
N SER A 114 5.60 10.63 -12.97
CA SER A 114 6.71 10.07 -13.77
C SER A 114 7.85 11.08 -14.03
N LEU A 115 9.06 10.56 -14.28
CA LEU A 115 10.27 11.34 -14.58
C LEU A 115 11.32 10.65 -15.46
N GLU A 116 11.41 9.33 -15.42
CA GLU A 116 12.50 8.57 -16.04
C GLU A 116 12.02 7.25 -16.68
N HIS A 117 12.58 6.87 -17.82
CA HIS A 117 12.25 5.67 -18.58
C HIS A 117 13.40 5.21 -19.49
N HIS A 118 13.56 3.89 -19.69
CA HIS A 118 14.53 3.29 -20.60
C HIS A 118 14.02 1.98 -21.23
N HIS A 119 14.63 1.58 -22.35
CA HIS A 119 14.42 0.27 -22.99
C HIS A 119 15.12 -0.87 -22.22
N HIS A 120 14.62 -2.10 -22.38
CA HIS A 120 15.24 -3.33 -21.86
C HIS A 120 14.91 -4.54 -22.75
N HIS A 121 15.70 -5.61 -22.65
CA HIS A 121 15.59 -6.82 -23.48
C HIS A 121 15.20 -8.07 -22.67
N HIS A 122 14.45 -8.97 -23.30
CA HIS A 122 13.86 -10.19 -22.68
C HIS A 122 14.02 -11.42 -23.59
N GLY A 1 8.19 20.13 -6.99
CA GLY A 1 7.63 18.95 -7.68
C GLY A 1 7.19 17.90 -6.68
N GLU A 2 5.86 17.75 -6.48
CA GLU A 2 5.27 16.93 -5.40
C GLU A 2 4.77 15.55 -5.88
N THR A 3 4.90 15.25 -7.18
CA THR A 3 4.36 14.03 -7.83
C THR A 3 4.87 12.73 -7.22
N LYS A 4 6.11 12.69 -6.72
CA LYS A 4 6.70 11.52 -6.03
C LYS A 4 5.98 11.22 -4.71
N ALA A 5 5.81 12.24 -3.86
CA ALA A 5 5.12 12.13 -2.57
C ALA A 5 3.61 11.90 -2.73
N LYS A 6 3.01 12.42 -3.81
CA LYS A 6 1.60 12.19 -4.17
C LYS A 6 1.37 10.77 -4.66
N ALA A 7 2.16 10.27 -5.61
CA ALA A 7 2.08 8.90 -6.10
C ALA A 7 2.36 7.86 -5.01
N ALA A 8 3.29 8.13 -4.10
CA ALA A 8 3.56 7.26 -2.95
C ALA A 8 2.34 7.15 -2.01
N GLN A 9 1.76 8.28 -1.61
CA GLN A 9 0.54 8.28 -0.78
C GLN A 9 -0.66 7.66 -1.49
N GLU A 10 -0.81 7.92 -2.79
CA GLU A 10 -1.87 7.36 -3.63
C GLU A 10 -1.72 5.85 -3.78
N ALA A 11 -0.50 5.29 -3.72
CA ALA A 11 -0.31 3.84 -3.79
C ALA A 11 -0.98 3.12 -2.61
N LEU A 12 -0.72 3.56 -1.37
CA LEU A 12 -1.33 2.99 -0.17
C LEU A 12 -2.82 3.37 -0.08
N ARG A 13 -3.15 4.64 -0.35
CA ARG A 13 -4.52 5.13 -0.29
C ARG A 13 -5.45 4.41 -1.28
N ALA A 14 -4.99 4.15 -2.50
CA ALA A 14 -5.73 3.34 -3.46
C ALA A 14 -5.83 1.88 -2.98
N ALA A 15 -4.79 1.32 -2.37
CA ALA A 15 -4.87 -0.03 -1.80
C ALA A 15 -6.00 -0.13 -0.74
N ARG A 16 -6.21 0.93 0.04
CA ARG A 16 -7.29 1.04 1.05
C ARG A 16 -8.68 1.19 0.43
N GLU A 17 -8.78 1.76 -0.77
CA GLU A 17 -10.02 1.85 -1.57
C GLU A 17 -10.36 0.52 -2.28
N GLN A 18 -9.39 -0.08 -2.98
CA GLN A 18 -9.55 -1.30 -3.80
C GLN A 18 -9.66 -2.60 -3.01
N ALA A 19 -9.20 -2.64 -1.76
CA ALA A 19 -9.25 -3.82 -0.90
C ALA A 19 -10.70 -4.37 -0.80
N THR A 20 -10.92 -5.58 -1.31
CA THR A 20 -12.26 -6.15 -1.51
C THR A 20 -12.97 -6.54 -0.20
N THR A 21 -12.22 -6.73 0.88
CA THR A 21 -12.72 -7.06 2.23
C THR A 21 -12.74 -5.82 3.15
N PRO A 22 -13.79 -5.65 3.97
CA PRO A 22 -13.91 -4.55 4.94
C PRO A 22 -12.84 -4.62 6.04
N GLU A 23 -12.40 -5.82 6.41
CA GLU A 23 -11.34 -6.06 7.40
C GLU A 23 -9.99 -5.59 6.89
N ALA A 24 -9.75 -5.71 5.58
CA ALA A 24 -8.56 -5.17 4.95
C ALA A 24 -8.60 -3.63 4.91
N GLN A 25 -9.75 -3.04 4.55
CA GLN A 25 -9.87 -1.57 4.42
C GLN A 25 -9.51 -0.84 5.73
N LYS A 26 -10.03 -1.31 6.86
CA LYS A 26 -9.72 -0.76 8.20
C LYS A 26 -8.30 -1.05 8.67
N ALA A 27 -7.73 -2.19 8.27
CA ALA A 27 -6.37 -2.60 8.61
C ALA A 27 -5.29 -1.83 7.85
N LEU A 28 -5.53 -1.46 6.59
CA LEU A 28 -4.63 -0.64 5.79
C LEU A 28 -4.45 0.78 6.33
N GLU A 29 -5.50 1.31 6.97
CA GLU A 29 -5.46 2.60 7.65
C GLU A 29 -4.49 2.60 8.85
N GLU A 30 -4.06 1.45 9.38
CA GLU A 30 -3.15 1.40 10.53
C GLU A 30 -1.73 1.86 10.18
N LEU A 31 -1.21 1.42 9.02
CA LEU A 31 0.11 1.85 8.55
C LEU A 31 0.07 3.34 8.16
N GLU A 32 -1.01 3.80 7.51
CA GLU A 32 -1.15 5.21 7.08
C GLU A 32 -1.04 6.20 8.26
N LYS A 33 -1.56 5.84 9.45
CA LYS A 33 -1.39 6.65 10.68
C LYS A 33 0.08 6.87 11.04
N VAL A 34 0.95 5.87 10.82
CA VAL A 34 2.39 5.97 11.11
C VAL A 34 3.09 6.79 10.03
N LEU A 35 2.79 6.51 8.76
CA LEU A 35 3.45 7.18 7.64
C LEU A 35 3.06 8.66 7.58
N LYS A 36 1.85 9.04 8.04
CA LYS A 36 1.42 10.45 8.08
C LYS A 36 2.32 11.34 8.95
N THR A 37 2.99 10.74 9.93
CA THR A 37 4.00 11.37 10.80
C THR A 37 5.43 10.87 10.53
N ALA A 38 5.64 10.08 9.47
CA ALA A 38 6.95 9.67 8.96
C ALA A 38 7.47 10.67 7.89
N SER A 39 8.72 10.52 7.45
CA SER A 39 9.41 11.46 6.55
C SER A 39 9.15 11.14 5.06
N PRO A 40 9.14 12.13 4.15
CA PRO A 40 8.69 11.94 2.77
C PRO A 40 9.58 10.99 1.96
N GLU A 41 10.90 10.98 2.21
CA GLU A 41 11.83 10.07 1.53
C GLU A 41 11.52 8.61 1.92
N GLN A 42 11.33 8.36 3.21
CA GLN A 42 10.94 7.05 3.74
C GLN A 42 9.53 6.67 3.31
N TRP A 43 8.65 7.64 3.08
CA TRP A 43 7.33 7.40 2.52
C TRP A 43 7.42 6.77 1.13
N ARG A 44 8.29 7.27 0.25
CA ARG A 44 8.52 6.69 -1.09
C ARG A 44 9.12 5.30 -0.96
N GLN A 45 10.15 5.18 -0.10
CA GLN A 45 10.82 3.90 0.15
C GLN A 45 9.84 2.83 0.66
N ALA A 46 8.95 3.21 1.57
CA ALA A 46 7.95 2.33 2.17
C ALA A 46 6.82 2.01 1.18
N ALA A 47 6.19 3.02 0.58
CA ALA A 47 5.01 2.82 -0.27
C ALA A 47 5.31 1.86 -1.44
N GLU A 48 6.55 1.81 -1.91
CA GLU A 48 7.00 0.87 -2.94
C GLU A 48 6.79 -0.60 -2.51
N LYS A 49 7.22 -1.01 -1.31
CA LYS A 49 7.04 -2.38 -0.80
C LYS A 49 5.63 -2.61 -0.26
N ILE A 50 5.05 -1.59 0.38
CA ILE A 50 3.65 -1.62 0.87
C ILE A 50 2.71 -1.99 -0.29
N PHE A 51 2.86 -1.30 -1.42
CA PHE A 51 1.98 -1.50 -2.57
C PHE A 51 2.32 -2.76 -3.37
N GLU A 52 3.59 -3.13 -3.40
CA GLU A 52 4.01 -4.43 -3.94
C GLU A 52 3.35 -5.58 -3.17
N ALA A 53 3.20 -5.52 -1.84
CA ALA A 53 2.58 -6.58 -1.06
C ALA A 53 1.20 -6.97 -1.60
N PHE A 54 0.33 -6.00 -1.87
CA PHE A 54 -1.01 -6.23 -2.37
C PHE A 54 -1.00 -6.85 -3.77
N ARG A 55 0.05 -6.57 -4.56
CA ARG A 55 0.27 -7.15 -5.89
C ARG A 55 0.75 -8.60 -5.82
N GLU A 56 1.51 -8.95 -4.78
CA GLU A 56 1.98 -10.31 -4.56
C GLU A 56 0.90 -11.19 -3.92
N ALA A 57 0.27 -10.75 -2.84
CA ALA A 57 -0.76 -11.50 -2.13
C ALA A 57 -1.95 -11.83 -3.03
N SER A 58 -2.34 -10.90 -3.89
CA SER A 58 -3.40 -11.12 -4.88
C SER A 58 -3.03 -12.16 -5.95
N ASN A 59 -1.74 -12.34 -6.22
CA ASN A 59 -1.20 -13.41 -7.07
C ASN A 59 -1.01 -14.74 -6.31
N GLY A 60 -1.22 -14.75 -4.98
CA GLY A 60 -1.11 -15.92 -4.09
C GLY A 60 0.13 -15.90 -3.19
N ASN A 61 0.86 -14.78 -3.11
CA ASN A 61 2.12 -14.64 -2.38
C ASN A 61 1.90 -13.98 -1.00
N THR A 62 1.04 -14.54 -0.17
CA THR A 62 0.86 -14.06 1.21
C THR A 62 2.21 -13.98 1.97
N GLU A 63 3.05 -15.01 1.85
CA GLU A 63 4.35 -15.11 2.51
C GLU A 63 5.38 -14.08 2.05
N LYS A 64 5.30 -13.65 0.79
CA LYS A 64 6.13 -12.57 0.23
C LYS A 64 5.54 -11.21 0.54
N ALA A 65 4.25 -11.02 0.29
CA ALA A 65 3.58 -9.75 0.55
C ALA A 65 3.76 -9.29 2.00
N LYS A 66 3.68 -10.23 2.94
CA LYS A 66 3.88 -9.91 4.37
C LYS A 66 5.30 -9.42 4.65
N LYS A 67 6.29 -9.95 3.92
CA LYS A 67 7.72 -9.62 4.04
C LYS A 67 8.02 -8.23 3.46
N LEU A 68 7.46 -7.92 2.29
CA LEU A 68 7.53 -6.57 1.69
C LEU A 68 6.98 -5.51 2.65
N LEU A 69 5.82 -5.76 3.26
CA LEU A 69 5.21 -4.79 4.16
C LEU A 69 6.05 -4.54 5.42
N GLU A 70 6.57 -5.61 6.02
CA GLU A 70 7.47 -5.52 7.18
C GLU A 70 8.77 -4.77 6.82
N GLU A 71 9.28 -4.95 5.61
CA GLU A 71 10.47 -4.26 5.11
C GLU A 71 10.24 -2.75 4.99
N ALA A 72 9.11 -2.35 4.40
CA ALA A 72 8.72 -0.96 4.28
C ALA A 72 8.45 -0.31 5.64
N ALA A 73 7.75 -1.03 6.53
CA ALA A 73 7.41 -0.56 7.86
C ALA A 73 8.66 -0.25 8.69
N ARG A 74 9.67 -1.13 8.63
CA ARG A 74 10.96 -0.91 9.32
C ARG A 74 11.74 0.26 8.71
N THR A 75 11.62 0.45 7.40
CA THR A 75 12.21 1.60 6.69
C THR A 75 11.57 2.93 7.13
N ALA A 76 10.24 3.00 7.22
CA ALA A 76 9.50 4.19 7.68
C ALA A 76 9.34 4.30 9.22
N GLY A 77 9.99 3.42 10.00
CA GLY A 77 10.03 3.50 11.46
C GLY A 77 8.71 3.18 12.18
N ALA A 78 7.90 2.27 11.62
CA ALA A 78 6.61 1.88 12.15
C ALA A 78 6.65 1.09 13.48
N SER A 79 5.46 0.94 14.07
CA SER A 79 5.13 0.07 15.20
C SER A 79 5.06 -1.41 14.80
N PRO A 80 5.21 -2.37 15.72
CA PRO A 80 4.92 -3.78 15.45
C PRO A 80 3.40 -4.05 15.37
N GLU A 81 2.59 -3.25 16.07
CA GLU A 81 1.13 -3.38 16.13
C GLU A 81 0.45 -3.08 14.78
N ILE A 82 0.99 -2.14 14.00
CA ILE A 82 0.51 -1.83 12.64
C ILE A 82 0.98 -2.86 11.61
N ILE A 83 2.20 -3.38 11.78
CA ILE A 83 2.82 -4.37 10.88
C ILE A 83 1.93 -5.61 10.85
N LYS A 84 1.55 -6.12 12.03
CA LYS A 84 0.68 -7.30 12.12
C LYS A 84 -0.73 -7.04 11.61
N LYS A 85 -1.28 -5.84 11.89
CA LYS A 85 -2.61 -5.39 11.45
C LYS A 85 -2.73 -5.39 9.93
N LEU A 86 -1.83 -4.67 9.25
CA LEU A 86 -1.82 -4.56 7.79
C LEU A 86 -1.43 -5.90 7.15
N ALA A 87 -0.32 -6.51 7.58
CA ALA A 87 0.15 -7.77 6.98
C ALA A 87 -0.91 -8.90 7.07
N SER A 88 -1.77 -8.93 8.09
CA SER A 88 -2.90 -9.87 8.19
C SER A 88 -3.93 -9.70 7.07
N ALA A 89 -4.09 -8.48 6.54
CA ALA A 89 -4.93 -8.22 5.37
C ALA A 89 -4.35 -8.88 4.11
N LEU A 90 -3.02 -8.92 3.98
CA LEU A 90 -2.34 -9.60 2.88
C LEU A 90 -2.52 -11.12 2.98
N GLU A 91 -2.53 -11.68 4.19
CA GLU A 91 -2.73 -13.11 4.36
C GLU A 91 -4.10 -13.57 3.85
N ARG A 92 -5.16 -12.78 4.11
CA ARG A 92 -6.48 -13.03 3.53
C ARG A 92 -6.63 -12.62 2.07
N LEU A 93 -5.88 -11.63 1.54
CA LEU A 93 -6.03 -11.18 0.13
C LEU A 93 -5.77 -12.31 -0.89
N ALA A 94 -4.91 -13.26 -0.52
CA ALA A 94 -4.66 -14.51 -1.25
C ALA A 94 -5.85 -15.49 -1.20
N GLU A 95 -6.51 -15.59 -0.04
CA GLU A 95 -7.67 -16.48 0.17
C GLU A 95 -8.97 -15.90 -0.43
N GLU A 96 -9.10 -14.58 -0.41
CA GLU A 96 -10.31 -13.85 -0.82
C GLU A 96 -10.53 -13.84 -2.35
N GLY A 97 -9.46 -14.11 -3.12
CA GLY A 97 -9.52 -14.22 -4.59
C GLY A 97 -9.19 -12.91 -5.31
N ALA A 98 -8.13 -12.22 -4.86
CA ALA A 98 -7.60 -10.97 -5.42
C ALA A 98 -8.56 -9.76 -5.36
N ALA A 99 -8.10 -8.62 -5.88
CA ALA A 99 -8.83 -7.35 -5.93
C ALA A 99 -8.68 -6.70 -7.32
N LYS A 100 -9.66 -6.90 -8.21
CA LYS A 100 -9.58 -6.53 -9.63
C LYS A 100 -9.55 -5.02 -9.89
N GLU A 101 -10.08 -4.20 -8.98
CA GLU A 101 -9.94 -2.74 -9.07
C GLU A 101 -8.51 -2.26 -8.93
N ALA A 102 -7.62 -3.01 -8.26
CA ALA A 102 -6.22 -2.63 -8.14
C ALA A 102 -5.56 -2.39 -9.50
N ALA A 103 -6.01 -3.10 -10.55
CA ALA A 103 -5.47 -2.97 -11.90
C ALA A 103 -5.85 -1.65 -12.58
N ARG A 104 -7.12 -1.20 -12.47
CA ARG A 104 -7.50 0.14 -12.96
C ARG A 104 -7.08 1.27 -12.03
N GLN A 105 -7.06 1.05 -10.71
CA GLN A 105 -6.58 2.07 -9.76
C GLN A 105 -5.06 2.30 -9.82
N ALA A 106 -4.26 1.29 -10.16
CA ALA A 106 -2.81 1.45 -10.37
C ALA A 106 -2.50 2.38 -11.56
N GLU A 107 -3.35 2.45 -12.60
CA GLU A 107 -3.14 3.35 -13.73
C GLU A 107 -3.16 4.84 -13.34
N GLU A 108 -4.01 5.22 -12.38
CA GLU A 108 -4.07 6.61 -11.87
C GLU A 108 -2.73 7.02 -11.23
N VAL A 109 -2.07 6.09 -10.53
CA VAL A 109 -0.74 6.30 -9.93
C VAL A 109 0.35 6.22 -11.00
N ARG A 110 0.25 5.29 -11.96
CA ARG A 110 1.19 5.09 -13.08
C ARG A 110 1.30 6.33 -13.98
N LYS A 111 0.20 7.09 -14.14
CA LYS A 111 0.16 8.35 -14.90
C LYS A 111 0.87 9.52 -14.21
N ARG A 112 1.07 9.48 -12.88
CA ARG A 112 1.75 10.52 -12.07
C ARG A 112 3.21 10.14 -11.73
N GLY A 113 3.44 8.89 -11.34
CA GLY A 113 4.77 8.31 -11.10
C GLY A 113 5.39 7.66 -12.34
N SER A 114 6.29 6.68 -12.12
CA SER A 114 6.84 5.78 -13.15
C SER A 114 7.49 6.43 -14.38
N LEU A 115 8.04 7.64 -14.20
CA LEU A 115 8.77 8.38 -15.22
C LEU A 115 10.15 7.81 -15.59
N GLU A 116 10.79 7.11 -14.65
CA GLU A 116 12.19 6.69 -14.76
C GLU A 116 12.39 5.31 -14.10
N HIS A 117 13.24 4.46 -14.69
CA HIS A 117 13.55 3.10 -14.20
C HIS A 117 14.97 2.65 -14.59
N HIS A 118 15.48 1.62 -13.92
CA HIS A 118 16.72 0.90 -14.27
C HIS A 118 16.39 -0.60 -14.35
N HIS A 119 16.59 -1.21 -15.52
CA HIS A 119 16.13 -2.57 -15.87
C HIS A 119 14.61 -2.74 -15.62
N HIS A 120 14.08 -3.97 -15.58
CA HIS A 120 12.69 -4.24 -15.18
C HIS A 120 12.52 -5.62 -14.50
N HIS A 121 11.37 -5.80 -13.84
CA HIS A 121 10.87 -7.07 -13.31
C HIS A 121 9.44 -7.33 -13.86
N HIS A 122 8.68 -8.24 -13.24
CA HIS A 122 7.28 -8.58 -13.56
C HIS A 122 6.36 -8.49 -12.33
#